data_2TCL
# 
_entry.id   2TCL 
# 
_audit_conform.dict_name       mmcif_pdbx.dic 
_audit_conform.dict_version    5.387 
_audit_conform.dict_location   http://mmcif.pdb.org/dictionaries/ascii/mmcif_pdbx.dic 
# 
loop_
_database_2.database_id 
_database_2.database_code 
_database_2.pdbx_database_accession 
_database_2.pdbx_DOI 
PDB   2TCL         pdb_00002tcl 10.2210/pdb2tcl/pdb 
WWPDB D_1000178664 ?            ?                   
# 
loop_
_pdbx_audit_revision_history.ordinal 
_pdbx_audit_revision_history.data_content_type 
_pdbx_audit_revision_history.major_revision 
_pdbx_audit_revision_history.minor_revision 
_pdbx_audit_revision_history.revision_date 
1 'Structure model' 1 0 1996-03-08 
2 'Structure model' 1 1 2008-03-25 
3 'Structure model' 1 2 2011-07-13 
4 'Structure model' 1 3 2024-02-21 
# 
_pdbx_audit_revision_details.ordinal             1 
_pdbx_audit_revision_details.revision_ordinal    1 
_pdbx_audit_revision_details.data_content_type   'Structure model' 
_pdbx_audit_revision_details.provider            repository 
_pdbx_audit_revision_details.type                'Initial release' 
_pdbx_audit_revision_details.description         ? 
_pdbx_audit_revision_details.details             ? 
# 
loop_
_pdbx_audit_revision_group.ordinal 
_pdbx_audit_revision_group.revision_ordinal 
_pdbx_audit_revision_group.data_content_type 
_pdbx_audit_revision_group.group 
1 2 'Structure model' 'Version format compliance' 
2 3 'Structure model' 'Version format compliance' 
3 4 'Structure model' 'Data collection'           
4 4 'Structure model' 'Database references'       
5 4 'Structure model' 'Derived calculations'      
6 4 'Structure model' Other                       
# 
loop_
_pdbx_audit_revision_category.ordinal 
_pdbx_audit_revision_category.revision_ordinal 
_pdbx_audit_revision_category.data_content_type 
_pdbx_audit_revision_category.category 
1 4 'Structure model' chem_comp_atom         
2 4 'Structure model' chem_comp_bond         
3 4 'Structure model' database_2             
4 4 'Structure model' pdbx_database_status   
5 4 'Structure model' pdbx_struct_conn_angle 
6 4 'Structure model' struct_conn            
7 4 'Structure model' struct_site            
# 
loop_
_pdbx_audit_revision_item.ordinal 
_pdbx_audit_revision_item.revision_ordinal 
_pdbx_audit_revision_item.data_content_type 
_pdbx_audit_revision_item.item 
1  4 'Structure model' '_database_2.pdbx_DOI'                        
2  4 'Structure model' '_database_2.pdbx_database_accession'         
3  4 'Structure model' '_pdbx_database_status.process_site'          
4  4 'Structure model' '_pdbx_struct_conn_angle.ptnr1_auth_comp_id'  
5  4 'Structure model' '_pdbx_struct_conn_angle.ptnr1_auth_seq_id'   
6  4 'Structure model' '_pdbx_struct_conn_angle.ptnr1_label_asym_id' 
7  4 'Structure model' '_pdbx_struct_conn_angle.ptnr1_label_atom_id' 
8  4 'Structure model' '_pdbx_struct_conn_angle.ptnr1_label_comp_id' 
9  4 'Structure model' '_pdbx_struct_conn_angle.ptnr1_label_seq_id'  
10 4 'Structure model' '_pdbx_struct_conn_angle.ptnr2_auth_comp_id'  
11 4 'Structure model' '_pdbx_struct_conn_angle.ptnr2_auth_seq_id'   
12 4 'Structure model' '_pdbx_struct_conn_angle.ptnr2_label_asym_id' 
13 4 'Structure model' '_pdbx_struct_conn_angle.ptnr2_label_atom_id' 
14 4 'Structure model' '_pdbx_struct_conn_angle.ptnr2_label_comp_id' 
15 4 'Structure model' '_pdbx_struct_conn_angle.ptnr3_auth_comp_id'  
16 4 'Structure model' '_pdbx_struct_conn_angle.ptnr3_auth_seq_id'   
17 4 'Structure model' '_pdbx_struct_conn_angle.ptnr3_label_asym_id' 
18 4 'Structure model' '_pdbx_struct_conn_angle.ptnr3_label_atom_id' 
19 4 'Structure model' '_pdbx_struct_conn_angle.ptnr3_label_comp_id' 
20 4 'Structure model' '_pdbx_struct_conn_angle.ptnr3_label_seq_id'  
21 4 'Structure model' '_pdbx_struct_conn_angle.value'               
22 4 'Structure model' '_struct_conn.pdbx_dist_value'                
23 4 'Structure model' '_struct_conn.ptnr1_auth_comp_id'             
24 4 'Structure model' '_struct_conn.ptnr1_auth_seq_id'              
25 4 'Structure model' '_struct_conn.ptnr1_label_asym_id'            
26 4 'Structure model' '_struct_conn.ptnr1_label_atom_id'            
27 4 'Structure model' '_struct_conn.ptnr1_label_comp_id'            
28 4 'Structure model' '_struct_conn.ptnr1_label_seq_id'             
29 4 'Structure model' '_struct_conn.ptnr2_auth_comp_id'             
30 4 'Structure model' '_struct_conn.ptnr2_auth_seq_id'              
31 4 'Structure model' '_struct_conn.ptnr2_label_asym_id'            
32 4 'Structure model' '_struct_conn.ptnr2_label_atom_id'            
33 4 'Structure model' '_struct_conn.ptnr2_label_comp_id'            
34 4 'Structure model' '_struct_conn.ptnr2_label_seq_id'             
35 4 'Structure model' '_struct_site.pdbx_auth_asym_id'              
36 4 'Structure model' '_struct_site.pdbx_auth_comp_id'              
37 4 'Structure model' '_struct_site.pdbx_auth_seq_id'               
# 
_pdbx_database_status.status_code                     REL 
_pdbx_database_status.entry_id                        2TCL 
_pdbx_database_status.recvd_initial_deposition_date   1994-09-07 
_pdbx_database_status.deposit_site                    ? 
_pdbx_database_status.process_site                    BNL 
_pdbx_database_status.SG_entry                        . 
_pdbx_database_status.pdb_format_compatible           Y 
_pdbx_database_status.status_code_mr                  ? 
_pdbx_database_status.status_code_sf                  ? 
_pdbx_database_status.status_code_cs                  ? 
_pdbx_database_status.status_code_nmr_data            ? 
_pdbx_database_status.methods_development_category    ? 
# 
loop_
_audit_author.name 
_audit_author.pdbx_ordinal 
'Winkler, F.K.' 1 
'Borkakoti, N.' 2 
;D'Arcy, A.
;
3 
# 
_citation.id                        primary 
_citation.title                     
'Structure of the catalytic domain of human fibroblast collagenase complexed with an inhibitor.' 
_citation.journal_abbrev            Nat.Struct.Biol. 
_citation.journal_volume            1 
_citation.page_first                106 
_citation.page_last                 110 
_citation.year                      1994 
_citation.journal_id_ASTM           NSBIEW 
_citation.country                   US 
_citation.journal_id_ISSN           1072-8368 
_citation.journal_id_CSD            2024 
_citation.book_publisher            ? 
_citation.pdbx_database_id_PubMed   7656013 
_citation.pdbx_database_id_DOI      10.1038/nsb0294-106 
# 
loop_
_citation_author.citation_id 
_citation_author.name 
_citation_author.ordinal 
_citation_author.identifier_ORCID 
primary 'Borkakoti, N.'    1 ? 
primary 'Winkler, F.K.'    2 ? 
primary 'Williams, D.H.'   3 ? 
primary 
;D'Arcy, A.
;
4 ? 
primary 'Broadhurst, M.J.' 5 ? 
primary 'Brown, P.A.'      6 ? 
primary 'Johnson, W.H.'    7 ? 
primary 'Murray, E.J.'     8 ? 
# 
loop_
_entity.id 
_entity.type 
_entity.src_method 
_entity.pdbx_description 
_entity.formula_weight 
_entity.pdbx_number_of_molecules 
_entity.pdbx_ec 
_entity.pdbx_mutation 
_entity.pdbx_fragment 
_entity.details 
1 polymer     nat 'FIBROBLAST COLLAGENASE'                                                            18865.541 1  ? ? 
'CATALYTIC DOMAIN' ? 
2 non-polymer syn 'ZINC ION'                                                                          65.409    2  ? ? ? ? 
3 non-polymer syn 'SAMARIUM (III) ION'                                                                150.360   1  ? ? ? ? 
4 non-polymer syn 'CALCIUM ION'                                                                       40.078    2  ? ? ? ? 
5 non-polymer syn '[[1-[N-HYDROXY-ACETAMIDYL]-3-METHYL-BUTYL]-CARBONYL-LEUCINYL]-ALANINE ETHYL ESTER' 401.498   1  ? ? ? ? 
6 water       nat water                                                                               18.015    65 ? ? ? ? 
# 
_entity_poly.entity_id                      1 
_entity_poly.type                           'polypeptide(L)' 
_entity_poly.nstd_linkage                   no 
_entity_poly.nstd_monomer                   no 
_entity_poly.pdbx_seq_one_letter_code       
;VLTEGNPRWEQTHLTYRIENYTPDLPRADVDHAIEKAFQLWSNVTPLTFTKVSEGQADIMISFVRGDHRDNSPFDGPGGN
LAHAFQPGPGIGGDAHFDEDERWTNNFREYNLHRVAAHELGHSLGLSHSTDIGALMYPSYTFSGDVQLAQDDIDGIQAIY
GRSQNPVQP
;
_entity_poly.pdbx_seq_one_letter_code_can   
;VLTEGNPRWEQTHLTYRIENYTPDLPRADVDHAIEKAFQLWSNVTPLTFTKVSEGQADIMISFVRGDHRDNSPFDGPGGN
LAHAFQPGPGIGGDAHFDEDERWTNNFREYNLHRVAAHELGHSLGLSHSTDIGALMYPSYTFSGDVQLAQDDIDGIQAIY
GRSQNPVQP
;
_entity_poly.pdbx_strand_id                 A 
_entity_poly.pdbx_target_identifier         ? 
# 
loop_
_pdbx_entity_nonpoly.entity_id 
_pdbx_entity_nonpoly.name 
_pdbx_entity_nonpoly.comp_id 
2 'ZINC ION'                                                                          ZN  
3 'SAMARIUM (III) ION'                                                                SM  
4 'CALCIUM ION'                                                                       CA  
5 '[[1-[N-HYDROXY-ACETAMIDYL]-3-METHYL-BUTYL]-CARBONYL-LEUCINYL]-ALANINE ETHYL ESTER' RO4 
6 water                                                                               HOH 
# 
loop_
_entity_poly_seq.entity_id 
_entity_poly_seq.num 
_entity_poly_seq.mon_id 
_entity_poly_seq.hetero 
1 1   VAL n 
1 2   LEU n 
1 3   THR n 
1 4   GLU n 
1 5   GLY n 
1 6   ASN n 
1 7   PRO n 
1 8   ARG n 
1 9   TRP n 
1 10  GLU n 
1 11  GLN n 
1 12  THR n 
1 13  HIS n 
1 14  LEU n 
1 15  THR n 
1 16  TYR n 
1 17  ARG n 
1 18  ILE n 
1 19  GLU n 
1 20  ASN n 
1 21  TYR n 
1 22  THR n 
1 23  PRO n 
1 24  ASP n 
1 25  LEU n 
1 26  PRO n 
1 27  ARG n 
1 28  ALA n 
1 29  ASP n 
1 30  VAL n 
1 31  ASP n 
1 32  HIS n 
1 33  ALA n 
1 34  ILE n 
1 35  GLU n 
1 36  LYS n 
1 37  ALA n 
1 38  PHE n 
1 39  GLN n 
1 40  LEU n 
1 41  TRP n 
1 42  SER n 
1 43  ASN n 
1 44  VAL n 
1 45  THR n 
1 46  PRO n 
1 47  LEU n 
1 48  THR n 
1 49  PHE n 
1 50  THR n 
1 51  LYS n 
1 52  VAL n 
1 53  SER n 
1 54  GLU n 
1 55  GLY n 
1 56  GLN n 
1 57  ALA n 
1 58  ASP n 
1 59  ILE n 
1 60  MET n 
1 61  ILE n 
1 62  SER n 
1 63  PHE n 
1 64  VAL n 
1 65  ARG n 
1 66  GLY n 
1 67  ASP n 
1 68  HIS n 
1 69  ARG n 
1 70  ASP n 
1 71  ASN n 
1 72  SER n 
1 73  PRO n 
1 74  PHE n 
1 75  ASP n 
1 76  GLY n 
1 77  PRO n 
1 78  GLY n 
1 79  GLY n 
1 80  ASN n 
1 81  LEU n 
1 82  ALA n 
1 83  HIS n 
1 84  ALA n 
1 85  PHE n 
1 86  GLN n 
1 87  PRO n 
1 88  GLY n 
1 89  PRO n 
1 90  GLY n 
1 91  ILE n 
1 92  GLY n 
1 93  GLY n 
1 94  ASP n 
1 95  ALA n 
1 96  HIS n 
1 97  PHE n 
1 98  ASP n 
1 99  GLU n 
1 100 ASP n 
1 101 GLU n 
1 102 ARG n 
1 103 TRP n 
1 104 THR n 
1 105 ASN n 
1 106 ASN n 
1 107 PHE n 
1 108 ARG n 
1 109 GLU n 
1 110 TYR n 
1 111 ASN n 
1 112 LEU n 
1 113 HIS n 
1 114 ARG n 
1 115 VAL n 
1 116 ALA n 
1 117 ALA n 
1 118 HIS n 
1 119 GLU n 
1 120 LEU n 
1 121 GLY n 
1 122 HIS n 
1 123 SER n 
1 124 LEU n 
1 125 GLY n 
1 126 LEU n 
1 127 SER n 
1 128 HIS n 
1 129 SER n 
1 130 THR n 
1 131 ASP n 
1 132 ILE n 
1 133 GLY n 
1 134 ALA n 
1 135 LEU n 
1 136 MET n 
1 137 TYR n 
1 138 PRO n 
1 139 SER n 
1 140 TYR n 
1 141 THR n 
1 142 PHE n 
1 143 SER n 
1 144 GLY n 
1 145 ASP n 
1 146 VAL n 
1 147 GLN n 
1 148 LEU n 
1 149 ALA n 
1 150 GLN n 
1 151 ASP n 
1 152 ASP n 
1 153 ILE n 
1 154 ASP n 
1 155 GLY n 
1 156 ILE n 
1 157 GLN n 
1 158 ALA n 
1 159 ILE n 
1 160 TYR n 
1 161 GLY n 
1 162 ARG n 
1 163 SER n 
1 164 GLN n 
1 165 ASN n 
1 166 PRO n 
1 167 VAL n 
1 168 GLN n 
1 169 PRO n 
# 
_entity_src_nat.entity_id                  1 
_entity_src_nat.pdbx_src_id                1 
_entity_src_nat.pdbx_alt_source_flag       sample 
_entity_src_nat.pdbx_beg_seq_num           ? 
_entity_src_nat.pdbx_end_seq_num           ? 
_entity_src_nat.common_name                human 
_entity_src_nat.pdbx_organism_scientific   'Homo sapiens' 
_entity_src_nat.pdbx_ncbi_taxonomy_id      9606 
_entity_src_nat.genus                      Homo 
_entity_src_nat.species                    ? 
_entity_src_nat.strain                     ? 
_entity_src_nat.tissue                     ? 
_entity_src_nat.tissue_fraction            ? 
_entity_src_nat.pdbx_secretion             ? 
_entity_src_nat.pdbx_fragment              ? 
_entity_src_nat.pdbx_variant               ? 
_entity_src_nat.pdbx_cell_line             ? 
_entity_src_nat.pdbx_atcc                  ? 
_entity_src_nat.pdbx_cellular_location     ? 
_entity_src_nat.pdbx_organ                 ? 
_entity_src_nat.pdbx_organelle             ? 
_entity_src_nat.pdbx_cell                  ? 
_entity_src_nat.pdbx_plasmid_name          ? 
_entity_src_nat.pdbx_plasmid_details       ? 
_entity_src_nat.details                    ? 
# 
loop_
_chem_comp.id 
_chem_comp.type 
_chem_comp.mon_nstd_flag 
_chem_comp.name 
_chem_comp.pdbx_synonyms 
_chem_comp.formula 
_chem_comp.formula_weight 
ALA 'L-peptide linking' y ALANINE                                                                             ? 'C3 H7 N O2'     
89.093  
ARG 'L-peptide linking' y ARGININE                                                                            ? 'C6 H15 N4 O2 1' 
175.209 
ASN 'L-peptide linking' y ASPARAGINE                                                                          ? 'C4 H8 N2 O3'    
132.118 
ASP 'L-peptide linking' y 'ASPARTIC ACID'                                                                     ? 'C4 H7 N O4'     
133.103 
CA  non-polymer         . 'CALCIUM ION'                                                                       ? 'Ca 2'           
40.078  
GLN 'L-peptide linking' y GLUTAMINE                                                                           ? 'C5 H10 N2 O3'   
146.144 
GLU 'L-peptide linking' y 'GLUTAMIC ACID'                                                                     ? 'C5 H9 N O4'     
147.129 
GLY 'peptide linking'   y GLYCINE                                                                             ? 'C2 H5 N O2'     
75.067  
HIS 'L-peptide linking' y HISTIDINE                                                                           ? 'C6 H10 N3 O2 1' 
156.162 
HOH non-polymer         . WATER                                                                               ? 'H2 O'           
18.015  
ILE 'L-peptide linking' y ISOLEUCINE                                                                          ? 'C6 H13 N O2'    
131.173 
LEU 'L-peptide linking' y LEUCINE                                                                             ? 'C6 H13 N O2'    
131.173 
LYS 'L-peptide linking' y LYSINE                                                                              ? 'C6 H15 N2 O2 1' 
147.195 
MET 'L-peptide linking' y METHIONINE                                                                          ? 'C5 H11 N O2 S'  
149.211 
PHE 'L-peptide linking' y PHENYLALANINE                                                                       ? 'C9 H11 N O2'    
165.189 
PRO 'L-peptide linking' y PROLINE                                                                             ? 'C5 H9 N O2'     
115.130 
RO4 non-polymer         . '[[1-[N-HYDROXY-ACETAMIDYL]-3-METHYL-BUTYL]-CARBONYL-LEUCINYL]-ALANINE ETHYL ESTER' ? 'C19 H35 N3 O6'  
401.498 
SER 'L-peptide linking' y SERINE                                                                              ? 'C3 H7 N O3'     
105.093 
SM  non-polymer         . 'SAMARIUM (III) ION'                                                                ? 'Sm 3'           
150.360 
THR 'L-peptide linking' y THREONINE                                                                           ? 'C4 H9 N O3'     
119.119 
TRP 'L-peptide linking' y TRYPTOPHAN                                                                          ? 'C11 H12 N2 O2'  
204.225 
TYR 'L-peptide linking' y TYROSINE                                                                            ? 'C9 H11 N O3'    
181.189 
VAL 'L-peptide linking' y VALINE                                                                              ? 'C5 H11 N O2'    
117.146 
ZN  non-polymer         . 'ZINC ION'                                                                          ? 'Zn 2'           
65.409  
# 
loop_
_pdbx_poly_seq_scheme.asym_id 
_pdbx_poly_seq_scheme.entity_id 
_pdbx_poly_seq_scheme.seq_id 
_pdbx_poly_seq_scheme.mon_id 
_pdbx_poly_seq_scheme.ndb_seq_num 
_pdbx_poly_seq_scheme.pdb_seq_num 
_pdbx_poly_seq_scheme.auth_seq_num 
_pdbx_poly_seq_scheme.pdb_mon_id 
_pdbx_poly_seq_scheme.auth_mon_id 
_pdbx_poly_seq_scheme.pdb_strand_id 
_pdbx_poly_seq_scheme.pdb_ins_code 
_pdbx_poly_seq_scheme.hetero 
A 1 1   VAL 1   1   ?   ?   ?   A . n 
A 1 2   LEU 2   2   2   LEU LEU A . n 
A 1 3   THR 3   3   3   THR THR A . n 
A 1 4   GLU 4   4   4   GLU GLU A . n 
A 1 5   GLY 5   5   5   GLY GLY A . n 
A 1 6   ASN 6   6   6   ASN ASN A . n 
A 1 7   PRO 7   7   7   PRO PRO A . n 
A 1 8   ARG 8   8   8   ARG ARG A . n 
A 1 9   TRP 9   9   9   TRP TRP A . n 
A 1 10  GLU 10  10  10  GLU GLU A . n 
A 1 11  GLN 11  11  11  GLN GLN A . n 
A 1 12  THR 12  12  12  THR THR A . n 
A 1 13  HIS 13  13  13  HIS HIS A . n 
A 1 14  LEU 14  14  14  LEU LEU A . n 
A 1 15  THR 15  15  15  THR THR A . n 
A 1 16  TYR 16  16  16  TYR TYR A . n 
A 1 17  ARG 17  17  17  ARG ARG A . n 
A 1 18  ILE 18  18  18  ILE ILE A . n 
A 1 19  GLU 19  19  19  GLU GLU A . n 
A 1 20  ASN 20  20  20  ASN ASN A . n 
A 1 21  TYR 21  21  21  TYR TYR A . n 
A 1 22  THR 22  22  22  THR THR A . n 
A 1 23  PRO 23  23  23  PRO PRO A . n 
A 1 24  ASP 24  24  24  ASP ASP A . n 
A 1 25  LEU 25  25  25  LEU LEU A . n 
A 1 26  PRO 26  26  26  PRO PRO A . n 
A 1 27  ARG 27  27  27  ARG ARG A . n 
A 1 28  ALA 28  28  28  ALA ALA A . n 
A 1 29  ASP 29  29  29  ASP ASP A . n 
A 1 30  VAL 30  30  30  VAL VAL A . n 
A 1 31  ASP 31  31  31  ASP ASP A . n 
A 1 32  HIS 32  32  32  HIS HIS A . n 
A 1 33  ALA 33  33  33  ALA ALA A . n 
A 1 34  ILE 34  34  34  ILE ILE A . n 
A 1 35  GLU 35  35  35  GLU GLU A . n 
A 1 36  LYS 36  36  36  LYS LYS A . n 
A 1 37  ALA 37  37  37  ALA ALA A . n 
A 1 38  PHE 38  38  38  PHE PHE A . n 
A 1 39  GLN 39  39  39  GLN GLN A . n 
A 1 40  LEU 40  40  40  LEU LEU A . n 
A 1 41  TRP 41  41  41  TRP TRP A . n 
A 1 42  SER 42  42  42  SER SER A . n 
A 1 43  ASN 43  43  43  ASN ASN A . n 
A 1 44  VAL 44  44  44  VAL VAL A . n 
A 1 45  THR 45  45  45  THR THR A . n 
A 1 46  PRO 46  46  46  PRO PRO A . n 
A 1 47  LEU 47  47  47  LEU LEU A . n 
A 1 48  THR 48  48  48  THR THR A . n 
A 1 49  PHE 49  49  49  PHE PHE A . n 
A 1 50  THR 50  50  50  THR THR A . n 
A 1 51  LYS 51  51  51  LYS LYS A . n 
A 1 52  VAL 52  52  52  VAL VAL A . n 
A 1 53  SER 53  53  53  SER SER A . n 
A 1 54  GLU 54  54  54  GLU GLU A . n 
A 1 55  GLY 55  55  55  GLY GLY A . n 
A 1 56  GLN 56  56  56  GLN GLN A . n 
A 1 57  ALA 57  57  57  ALA ALA A . n 
A 1 58  ASP 58  58  58  ASP ASP A . n 
A 1 59  ILE 59  59  59  ILE ILE A . n 
A 1 60  MET 60  60  60  MET MET A . n 
A 1 61  ILE 61  61  61  ILE ILE A . n 
A 1 62  SER 62  62  62  SER SER A . n 
A 1 63  PHE 63  63  63  PHE PHE A . n 
A 1 64  VAL 64  64  64  VAL VAL A . n 
A 1 65  ARG 65  65  65  ARG ARG A . n 
A 1 66  GLY 66  66  66  GLY GLY A . n 
A 1 67  ASP 67  67  67  ASP ASP A . n 
A 1 68  HIS 68  68  68  HIS HIS A . n 
A 1 69  ARG 69  69  69  ARG ARG A . n 
A 1 70  ASP 70  70  70  ASP ASP A . n 
A 1 71  ASN 71  71  71  ASN ASN A . n 
A 1 72  SER 72  72  72  SER SER A . n 
A 1 73  PRO 73  73  73  PRO PRO A . n 
A 1 74  PHE 74  74  74  PHE PHE A . n 
A 1 75  ASP 75  75  75  ASP ASP A . n 
A 1 76  GLY 76  76  76  GLY GLY A . n 
A 1 77  PRO 77  77  77  PRO PRO A . n 
A 1 78  GLY 78  78  78  GLY GLY A . n 
A 1 79  GLY 79  79  79  GLY GLY A . n 
A 1 80  ASN 80  80  80  ASN ASN A . n 
A 1 81  LEU 81  81  81  LEU LEU A . n 
A 1 82  ALA 82  82  82  ALA ALA A . n 
A 1 83  HIS 83  83  83  HIS HIS A . n 
A 1 84  ALA 84  84  84  ALA ALA A . n 
A 1 85  PHE 85  85  85  PHE PHE A . n 
A 1 86  GLN 86  86  86  GLN GLN A . n 
A 1 87  PRO 87  87  87  PRO PRO A . n 
A 1 88  GLY 88  88  88  GLY GLY A . n 
A 1 89  PRO 89  89  89  PRO PRO A . n 
A 1 90  GLY 90  90  90  GLY GLY A . n 
A 1 91  ILE 91  91  91  ILE ILE A . n 
A 1 92  GLY 92  92  92  GLY GLY A . n 
A 1 93  GLY 93  93  93  GLY GLY A . n 
A 1 94  ASP 94  94  94  ASP ASP A . n 
A 1 95  ALA 95  95  95  ALA ALA A . n 
A 1 96  HIS 96  96  96  HIS HIS A . n 
A 1 97  PHE 97  97  97  PHE PHE A . n 
A 1 98  ASP 98  98  98  ASP ASP A . n 
A 1 99  GLU 99  99  99  GLU GLU A . n 
A 1 100 ASP 100 100 100 ASP ASP A . n 
A 1 101 GLU 101 101 101 GLU GLU A . n 
A 1 102 ARG 102 102 102 ARG ARG A . n 
A 1 103 TRP 103 103 103 TRP TRP A . n 
A 1 104 THR 104 104 104 THR THR A . n 
A 1 105 ASN 105 105 105 ASN ASN A . n 
A 1 106 ASN 106 106 106 ASN ASN A . n 
A 1 107 PHE 107 107 107 PHE PHE A . n 
A 1 108 ARG 108 108 108 ARG ARG A . n 
A 1 109 GLU 109 109 109 GLU GLU A . n 
A 1 110 TYR 110 110 110 TYR TYR A . n 
A 1 111 ASN 111 111 111 ASN ASN A . n 
A 1 112 LEU 112 112 112 LEU LEU A . n 
A 1 113 HIS 113 113 113 HIS HIS A . n 
A 1 114 ARG 114 114 114 ARG ARG A . n 
A 1 115 VAL 115 115 115 VAL VAL A . n 
A 1 116 ALA 116 116 116 ALA ALA A . n 
A 1 117 ALA 117 117 117 ALA ALA A . n 
A 1 118 HIS 118 118 118 HIS HIS A . n 
A 1 119 GLU 119 119 119 GLU GLU A . n 
A 1 120 LEU 120 120 120 LEU LEU A . n 
A 1 121 GLY 121 121 121 GLY GLY A . n 
A 1 122 HIS 122 122 122 HIS HIS A . n 
A 1 123 SER 123 123 123 SER SER A . n 
A 1 124 LEU 124 124 124 LEU LEU A . n 
A 1 125 GLY 125 125 125 GLY GLY A . n 
A 1 126 LEU 126 126 126 LEU LEU A . n 
A 1 127 SER 127 127 127 SER SER A . n 
A 1 128 HIS 128 128 128 HIS HIS A . n 
A 1 129 SER 129 129 129 SER SER A . n 
A 1 130 THR 130 130 130 THR THR A . n 
A 1 131 ASP 131 131 131 ASP ASP A . n 
A 1 132 ILE 132 132 132 ILE ILE A . n 
A 1 133 GLY 133 133 133 GLY GLY A . n 
A 1 134 ALA 134 134 134 ALA ALA A . n 
A 1 135 LEU 135 135 135 LEU LEU A . n 
A 1 136 MET 136 136 136 MET MET A . n 
A 1 137 TYR 137 137 137 TYR TYR A . n 
A 1 138 PRO 138 138 138 PRO PRO A . n 
A 1 139 SER 139 139 139 SER SER A . n 
A 1 140 TYR 140 140 140 TYR TYR A . n 
A 1 141 THR 141 141 141 THR THR A . n 
A 1 142 PHE 142 142 142 PHE PHE A . n 
A 1 143 SER 143 143 143 SER SER A . n 
A 1 144 GLY 144 144 144 GLY GLY A . n 
A 1 145 ASP 145 145 145 ASP ASP A . n 
A 1 146 VAL 146 146 146 VAL VAL A . n 
A 1 147 GLN 147 147 147 GLN GLN A . n 
A 1 148 LEU 148 148 148 LEU LEU A . n 
A 1 149 ALA 149 149 149 ALA ALA A . n 
A 1 150 GLN 150 150 150 GLN GLN A . n 
A 1 151 ASP 151 151 151 ASP ASP A . n 
A 1 152 ASP 152 152 152 ASP ASP A . n 
A 1 153 ILE 153 153 153 ILE ILE A . n 
A 1 154 ASP 154 154 154 ASP ASP A . n 
A 1 155 GLY 155 155 155 GLY GLY A . n 
A 1 156 ILE 156 156 156 ILE ILE A . n 
A 1 157 GLN 157 157 157 GLN GLN A . n 
A 1 158 ALA 158 158 158 ALA ALA A . n 
A 1 159 ILE 159 159 159 ILE ILE A . n 
A 1 160 TYR 160 160 160 TYR TYR A . n 
A 1 161 GLY 161 161 161 GLY GLY A . n 
A 1 162 ARG 162 162 162 ARG ARG A . n 
A 1 163 SER 163 163 163 SER SER A . n 
A 1 164 GLN 164 164 164 GLN GLN A . n 
A 1 165 ASN 165 165 ?   ?   ?   A . n 
A 1 166 PRO 166 166 ?   ?   ?   A . n 
A 1 167 VAL 167 167 ?   ?   ?   A . n 
A 1 168 GLN 168 168 ?   ?   ?   A . n 
A 1 169 PRO 169 169 ?   ?   ?   A . n 
# 
loop_
_pdbx_nonpoly_scheme.asym_id 
_pdbx_nonpoly_scheme.entity_id 
_pdbx_nonpoly_scheme.mon_id 
_pdbx_nonpoly_scheme.ndb_seq_num 
_pdbx_nonpoly_scheme.pdb_seq_num 
_pdbx_nonpoly_scheme.auth_seq_num 
_pdbx_nonpoly_scheme.pdb_mon_id 
_pdbx_nonpoly_scheme.auth_mon_id 
_pdbx_nonpoly_scheme.pdb_strand_id 
_pdbx_nonpoly_scheme.pdb_ins_code 
B 2 ZN  1  170 170 ZN  ZN  A . 
C 3 SM  1  171 171 SM  SM  A . 
D 2 ZN  1  172 172 ZN  ZN  A . 
E 4 CA  1  173 173 CA  CA  A . 
F 4 CA  1  174 174 CA  CA  A . 
G 5 RO4 1  175 175 RO4 RO4 A . 
H 6 HOH 1  176 1   HOH HOH A . 
H 6 HOH 2  177 2   HOH HOH A . 
H 6 HOH 3  178 3   HOH HOH A . 
H 6 HOH 4  179 4   HOH HOH A . 
H 6 HOH 5  180 5   HOH HOH A . 
H 6 HOH 6  181 6   HOH HOH A . 
H 6 HOH 7  182 7   HOH HOH A . 
H 6 HOH 8  183 8   HOH HOH A . 
H 6 HOH 9  184 9   HOH HOH A . 
H 6 HOH 10 185 10  HOH HOH A . 
H 6 HOH 11 186 11  HOH HOH A . 
H 6 HOH 12 187 12  HOH HOH A . 
H 6 HOH 13 188 13  HOH HOH A . 
H 6 HOH 14 189 14  HOH HOH A . 
H 6 HOH 15 190 15  HOH HOH A . 
H 6 HOH 16 191 16  HOH HOH A . 
H 6 HOH 17 192 17  HOH HOH A . 
H 6 HOH 18 193 18  HOH HOH A . 
H 6 HOH 19 194 19  HOH HOH A . 
H 6 HOH 20 195 20  HOH HOH A . 
H 6 HOH 21 196 21  HOH HOH A . 
H 6 HOH 22 197 22  HOH HOH A . 
H 6 HOH 23 198 23  HOH HOH A . 
H 6 HOH 24 199 24  HOH HOH A . 
H 6 HOH 25 200 25  HOH HOH A . 
H 6 HOH 26 201 26  HOH HOH A . 
H 6 HOH 27 202 27  HOH HOH A . 
H 6 HOH 28 203 28  HOH HOH A . 
H 6 HOH 29 204 29  HOH HOH A . 
H 6 HOH 30 205 30  HOH HOH A . 
H 6 HOH 31 206 31  HOH HOH A . 
H 6 HOH 32 207 32  HOH HOH A . 
H 6 HOH 33 208 33  HOH HOH A . 
H 6 HOH 34 209 34  HOH HOH A . 
H 6 HOH 35 210 35  HOH HOH A . 
H 6 HOH 36 211 36  HOH HOH A . 
H 6 HOH 37 212 37  HOH HOH A . 
H 6 HOH 38 213 38  HOH HOH A . 
H 6 HOH 39 214 39  HOH HOH A . 
H 6 HOH 40 215 40  HOH HOH A . 
H 6 HOH 41 216 41  HOH HOH A . 
H 6 HOH 42 217 42  HOH HOH A . 
H 6 HOH 43 218 43  HOH HOH A . 
H 6 HOH 44 219 44  HOH HOH A . 
H 6 HOH 45 220 45  HOH HOH A . 
H 6 HOH 46 221 46  HOH HOH A . 
H 6 HOH 47 222 47  HOH HOH A . 
H 6 HOH 48 223 48  HOH HOH A . 
H 6 HOH 49 224 49  HOH HOH A . 
H 6 HOH 50 225 50  HOH HOH A . 
H 6 HOH 51 226 51  HOH HOH A . 
H 6 HOH 52 227 52  HOH HOH A . 
H 6 HOH 53 228 53  HOH HOH A . 
H 6 HOH 54 229 54  HOH HOH A . 
H 6 HOH 55 230 55  HOH HOH A . 
H 6 HOH 56 231 56  HOH HOH A . 
H 6 HOH 57 232 57  HOH HOH A . 
H 6 HOH 58 233 58  HOH HOH A . 
H 6 HOH 59 234 59  HOH HOH A . 
H 6 HOH 60 235 60  HOH HOH A . 
H 6 HOH 61 236 61  HOH HOH A . 
H 6 HOH 62 237 62  HOH HOH A . 
H 6 HOH 63 238 63  HOH HOH A . 
H 6 HOH 64 239 64  HOH HOH A . 
H 6 HOH 65 240 65  HOH HOH A . 
# 
loop_
_software.name 
_software.classification 
_software.version 
_software.citation_id 
_software.pdbx_ordinal 
X-PLOR 'model building' . ? 1 
X-PLOR refinement       . ? 2 
X-PLOR phasing          . ? 3 
# 
_cell.entry_id           2TCL 
_cell.length_a           86.960 
_cell.length_b           86.960 
_cell.length_c           40.960 
_cell.angle_alpha        90.00 
_cell.angle_beta         90.00 
_cell.angle_gamma        90.00 
_cell.Z_PDB              8 
_cell.pdbx_unique_axis   ? 
# 
_symmetry.entry_id                         2TCL 
_symmetry.space_group_name_H-M             'I 4' 
_symmetry.pdbx_full_space_group_name_H-M   ? 
_symmetry.cell_setting                     ? 
_symmetry.Int_Tables_number                79 
# 
_exptl.entry_id          2TCL 
_exptl.method            'X-RAY DIFFRACTION' 
_exptl.crystals_number   ? 
# 
_exptl_crystal.id                    1 
_exptl_crystal.density_meas          ? 
_exptl_crystal.density_Matthews      2.05 
_exptl_crystal.density_percent_sol   40.03 
_exptl_crystal.description           ? 
# 
_refine.entry_id                                 2TCL 
_refine.ls_number_reflns_obs                     7352 
_refine.ls_number_reflns_all                     ? 
_refine.pdbx_ls_sigma_I                          ? 
_refine.pdbx_ls_sigma_F                          0.0 
_refine.pdbx_data_cutoff_high_absF               ? 
_refine.pdbx_data_cutoff_low_absF                ? 
_refine.pdbx_data_cutoff_high_rms_absF           ? 
_refine.ls_d_res_low                             20.0 
_refine.ls_d_res_high                            2.20 
_refine.ls_percent_reflns_obs                    92.8 
_refine.ls_R_factor_obs                          0.1620000 
_refine.ls_R_factor_all                          ? 
_refine.ls_R_factor_R_work                       0.1620000 
_refine.ls_R_factor_R_free                       ? 
_refine.ls_R_factor_R_free_error                 ? 
_refine.ls_R_factor_R_free_error_details         ? 
_refine.ls_percent_reflns_R_free                 ? 
_refine.ls_number_reflns_R_free                  ? 
_refine.ls_number_parameters                     ? 
_refine.ls_number_restraints                     ? 
_refine.occupancy_min                            ? 
_refine.occupancy_max                            ? 
_refine.B_iso_mean                               ? 
_refine.aniso_B[1][1]                            ? 
_refine.aniso_B[2][2]                            ? 
_refine.aniso_B[3][3]                            ? 
_refine.aniso_B[1][2]                            ? 
_refine.aniso_B[1][3]                            ? 
_refine.aniso_B[2][3]                            ? 
_refine.solvent_model_details                    ? 
_refine.solvent_model_param_ksol                 ? 
_refine.solvent_model_param_bsol                 ? 
_refine.pdbx_ls_cross_valid_method               ? 
_refine.details                                  ? 
_refine.pdbx_starting_model                      ? 
_refine.pdbx_method_to_determine_struct          ? 
_refine.pdbx_isotropic_thermal_model             ? 
_refine.pdbx_stereochemistry_target_values       ? 
_refine.pdbx_stereochem_target_val_spec_case     ? 
_refine.pdbx_R_Free_selection_details            ? 
_refine.pdbx_overall_ESU_R                       ? 
_refine.pdbx_overall_ESU_R_Free                  ? 
_refine.overall_SU_ML                            ? 
_refine.overall_SU_B                             ? 
_refine.pdbx_refine_id                           'X-RAY DIFFRACTION' 
_refine.pdbx_diffrn_id                           1 
_refine.pdbx_TLS_residual_ADP_flag               ? 
_refine.correlation_coeff_Fo_to_Fc               ? 
_refine.correlation_coeff_Fo_to_Fc_free          ? 
_refine.pdbx_solvent_vdw_probe_radii             ? 
_refine.pdbx_solvent_ion_probe_radii             ? 
_refine.pdbx_solvent_shrinkage_radii             ? 
_refine.pdbx_overall_phase_error                 ? 
_refine.overall_SU_R_Cruickshank_DPI             ? 
_refine.pdbx_overall_SU_R_free_Cruickshank_DPI   ? 
_refine.pdbx_overall_SU_R_Blow_DPI               ? 
_refine.pdbx_overall_SU_R_free_Blow_DPI          ? 
# 
_refine_hist.pdbx_refine_id                   'X-RAY DIFFRACTION' 
_refine_hist.cycle_id                         LAST 
_refine_hist.pdbx_number_atoms_protein        1290 
_refine_hist.pdbx_number_atoms_nucleic_acid   0 
_refine_hist.pdbx_number_atoms_ligand         33 
_refine_hist.number_atoms_solvent             65 
_refine_hist.number_atoms_total               1388 
_refine_hist.d_res_high                       2.20 
_refine_hist.d_res_low                        20.0 
# 
loop_
_refine_ls_restr.type 
_refine_ls_restr.dev_ideal 
_refine_ls_restr.dev_ideal_target 
_refine_ls_restr.weight 
_refine_ls_restr.number 
_refine_ls_restr.pdbx_refine_id 
_refine_ls_restr.pdbx_restraint_function 
x_bond_d                0.010 ? ? ? 'X-RAY DIFFRACTION' ? 
x_bond_d_na             ?     ? ? ? 'X-RAY DIFFRACTION' ? 
x_bond_d_prot           ?     ? ? ? 'X-RAY DIFFRACTION' ? 
x_angle_d               ?     ? ? ? 'X-RAY DIFFRACTION' ? 
x_angle_d_na            ?     ? ? ? 'X-RAY DIFFRACTION' ? 
x_angle_d_prot          ?     ? ? ? 'X-RAY DIFFRACTION' ? 
x_angle_deg             1.58  ? ? ? 'X-RAY DIFFRACTION' ? 
x_angle_deg_na          ?     ? ? ? 'X-RAY DIFFRACTION' ? 
x_angle_deg_prot        ?     ? ? ? 'X-RAY DIFFRACTION' ? 
x_dihedral_angle_d      ?     ? ? ? 'X-RAY DIFFRACTION' ? 
x_dihedral_angle_d_na   ?     ? ? ? 'X-RAY DIFFRACTION' ? 
x_dihedral_angle_d_prot ?     ? ? ? 'X-RAY DIFFRACTION' ? 
x_improper_angle_d      ?     ? ? ? 'X-RAY DIFFRACTION' ? 
x_improper_angle_d_na   ?     ? ? ? 'X-RAY DIFFRACTION' ? 
x_improper_angle_d_prot ?     ? ? ? 'X-RAY DIFFRACTION' ? 
x_mcbond_it             ?     ? ? ? 'X-RAY DIFFRACTION' ? 
x_mcangle_it            ?     ? ? ? 'X-RAY DIFFRACTION' ? 
x_scbond_it             ?     ? ? ? 'X-RAY DIFFRACTION' ? 
x_scangle_it            ?     ? ? ? 'X-RAY DIFFRACTION' ? 
# 
_struct.entry_id                  2TCL 
_struct.title                     'STRUCTURE OF THE CATALYTIC DOMAIN OF HUMAN FIBROBLAST COLLAGENASE COMPLEXED WITH AN INHIBITOR' 
_struct.pdbx_model_details        ? 
_struct.pdbx_CASP_flag            ? 
_struct.pdbx_model_type_details   ? 
# 
_struct_keywords.entry_id        2TCL 
_struct_keywords.pdbx_keywords   'HYDROLASE (METALLOPROTEASE)' 
_struct_keywords.text            'HYDROLASE (METALLOPROTEASE)' 
# 
loop_
_struct_asym.id 
_struct_asym.pdbx_blank_PDB_chainid_flag 
_struct_asym.pdbx_modified 
_struct_asym.entity_id 
_struct_asym.details 
A N N 1 ? 
B N N 2 ? 
C N N 3 ? 
D N N 2 ? 
E N N 4 ? 
F N N 4 ? 
G N N 5 ? 
H N N 6 ? 
# 
_struct_ref.id                         1 
_struct_ref.db_name                    UNP 
_struct_ref.db_code                    MMP1_HUMAN 
_struct_ref.entity_id                  1 
_struct_ref.pdbx_db_accession          P03956 
_struct_ref.pdbx_align_begin           1 
_struct_ref.pdbx_seq_one_letter_code   
;MHSFPPLLLLLFWGVVSHSFPATLETQEQDVDLVQKYLEKYYNLKNDGRQVEKRRNSGPVVEKLKQMQEFFGLKVTGKPD
AETLKVMKQPRCGVPDVAQFVLTEGNPRWEQTHLTYRIENYTPDLPRADVDHAIEKAFQLWSNVTPLTFTKVSEGQADIM
ISFVRGDHRDNSPFDGPGGNLAHAFQPGPGIGGDAHFDEDERWTNNFREYNLHRVAAHELGHSLGLSHSTDIGALMYPSY
TFSGDVQLAQDDIDGIQAIYGRSQNPVQPIGPQTPKACDSKLTFDAITTIRGEVMFFKDRFYMRTNPFYPEVELNFISVF
WPQLPNGLEAAYEFADRDEVRFFKGNKYWAVQGQNVLHGYPKDIYSSFGFPRTVKHIDAALSEENTGKTYFFVANKYWRY
DEYKRSMDPGYPKMIAHDFPGIGHKVDAVFMKDGFFYFFHGTRQYKFDPKTKRILTLQKANSWFNCRKN
;
_struct_ref.pdbx_db_isoform            ? 
# 
_struct_ref_seq.align_id                      1 
_struct_ref_seq.ref_id                        1 
_struct_ref_seq.pdbx_PDB_id_code              2TCL 
_struct_ref_seq.pdbx_strand_id                A 
_struct_ref_seq.seq_align_beg                 1 
_struct_ref_seq.pdbx_seq_align_beg_ins_code   ? 
_struct_ref_seq.seq_align_end                 169 
_struct_ref_seq.pdbx_seq_align_end_ins_code   ? 
_struct_ref_seq.pdbx_db_accession             P03956 
_struct_ref_seq.db_align_beg                  101 
_struct_ref_seq.pdbx_db_align_beg_ins_code    ? 
_struct_ref_seq.db_align_end                  269 
_struct_ref_seq.pdbx_db_align_end_ins_code    ? 
_struct_ref_seq.pdbx_auth_seq_align_beg       1 
_struct_ref_seq.pdbx_auth_seq_align_end       169 
# 
_pdbx_struct_assembly.id                   1 
_pdbx_struct_assembly.details              author_defined_assembly 
_pdbx_struct_assembly.method_details       ? 
_pdbx_struct_assembly.oligomeric_details   monomeric 
_pdbx_struct_assembly.oligomeric_count     1 
# 
_pdbx_struct_assembly_gen.assembly_id       1 
_pdbx_struct_assembly_gen.oper_expression   1 
_pdbx_struct_assembly_gen.asym_id_list      A,B,C,D,E,F,G,H 
# 
_pdbx_struct_oper_list.id                   1 
_pdbx_struct_oper_list.type                 'identity operation' 
_pdbx_struct_oper_list.name                 1_555 
_pdbx_struct_oper_list.symmetry_operation   x,y,z 
_pdbx_struct_oper_list.matrix[1][1]         1.0000000000 
_pdbx_struct_oper_list.matrix[1][2]         0.0000000000 
_pdbx_struct_oper_list.matrix[1][3]         0.0000000000 
_pdbx_struct_oper_list.vector[1]            0.0000000000 
_pdbx_struct_oper_list.matrix[2][1]         0.0000000000 
_pdbx_struct_oper_list.matrix[2][2]         1.0000000000 
_pdbx_struct_oper_list.matrix[2][3]         0.0000000000 
_pdbx_struct_oper_list.vector[2]            0.0000000000 
_pdbx_struct_oper_list.matrix[3][1]         0.0000000000 
_pdbx_struct_oper_list.matrix[3][2]         0.0000000000 
_pdbx_struct_oper_list.matrix[3][3]         1.0000000000 
_pdbx_struct_oper_list.vector[3]            0.0000000000 
# 
_struct_biol.id   1 
# 
loop_
_struct_conf.conf_type_id 
_struct_conf.id 
_struct_conf.pdbx_PDB_helix_id 
_struct_conf.beg_label_comp_id 
_struct_conf.beg_label_asym_id 
_struct_conf.beg_label_seq_id 
_struct_conf.pdbx_beg_PDB_ins_code 
_struct_conf.end_label_comp_id 
_struct_conf.end_label_asym_id 
_struct_conf.end_label_seq_id 
_struct_conf.pdbx_end_PDB_ins_code 
_struct_conf.beg_auth_comp_id 
_struct_conf.beg_auth_asym_id 
_struct_conf.beg_auth_seq_id 
_struct_conf.end_auth_comp_id 
_struct_conf.end_auth_asym_id 
_struct_conf.end_auth_seq_id 
_struct_conf.pdbx_PDB_helix_class 
_struct_conf.details 
_struct_conf.pdbx_PDB_helix_length 
HELX_P HELX_P1 HA ARG A 27  ? THR A 45  ? ARG A 27  THR A 45  1 ? 19 
HELX_P HELX_P2 HB LEU A 112 ? SER A 123 ? LEU A 112 SER A 123 1 ? 12 
HELX_P HELX_P3 HC GLN A 150 ? TYR A 160 ? GLN A 150 TYR A 160 1 ? 11 
# 
_struct_conf_type.id          HELX_P 
_struct_conf_type.criteria    ? 
_struct_conf_type.reference   ? 
# 
loop_
_struct_conn.id 
_struct_conn.conn_type_id 
_struct_conn.pdbx_leaving_atom_flag 
_struct_conn.pdbx_PDB_id 
_struct_conn.ptnr1_label_asym_id 
_struct_conn.ptnr1_label_comp_id 
_struct_conn.ptnr1_label_seq_id 
_struct_conn.ptnr1_label_atom_id 
_struct_conn.pdbx_ptnr1_label_alt_id 
_struct_conn.pdbx_ptnr1_PDB_ins_code 
_struct_conn.pdbx_ptnr1_standard_comp_id 
_struct_conn.ptnr1_symmetry 
_struct_conn.ptnr2_label_asym_id 
_struct_conn.ptnr2_label_comp_id 
_struct_conn.ptnr2_label_seq_id 
_struct_conn.ptnr2_label_atom_id 
_struct_conn.pdbx_ptnr2_label_alt_id 
_struct_conn.pdbx_ptnr2_PDB_ins_code 
_struct_conn.ptnr1_auth_asym_id 
_struct_conn.ptnr1_auth_comp_id 
_struct_conn.ptnr1_auth_seq_id 
_struct_conn.ptnr2_auth_asym_id 
_struct_conn.ptnr2_auth_comp_id 
_struct_conn.ptnr2_auth_seq_id 
_struct_conn.ptnr2_symmetry 
_struct_conn.pdbx_ptnr3_label_atom_id 
_struct_conn.pdbx_ptnr3_label_seq_id 
_struct_conn.pdbx_ptnr3_label_comp_id 
_struct_conn.pdbx_ptnr3_label_asym_id 
_struct_conn.pdbx_ptnr3_label_alt_id 
_struct_conn.pdbx_ptnr3_PDB_ins_code 
_struct_conn.details 
_struct_conn.pdbx_dist_value 
_struct_conn.pdbx_value_order 
_struct_conn.pdbx_role 
metalc1  metalc ? ? A ASP 24  OD1 ? ? ? 1_555 C SM  . SM ? ? A ASP 24  A SM  171 1_555 ? ? ? ? ? ? ? 2.596 ? ? 
metalc2  metalc ? ? A ASP 24  OD2 ? ? ? 1_555 C SM  . SM ? ? A ASP 24  A SM  171 1_555 ? ? ? ? ? ? ? 2.345 ? ? 
metalc3  metalc ? ? A ASP 58  O   ? ? ? 1_555 F CA  . CA ? ? A ASP 58  A CA  174 1_555 ? ? ? ? ? ? ? 2.401 ? ? 
metalc4  metalc ? ? A HIS 68  NE2 ? ? ? 1_555 D ZN  . ZN ? ? A HIS 68  A ZN  172 1_555 ? ? ? ? ? ? ? 1.855 ? ? 
metalc5  metalc ? ? A ASP 70  OD2 ? ? ? 1_555 D ZN  . ZN ? ? A ASP 70  A ZN  172 1_555 ? ? ? ? ? ? ? 2.015 ? ? 
metalc6  metalc ? ? A ASP 75  OD1 ? ? ? 1_555 E CA  . CA ? ? A ASP 75  A CA  173 1_555 ? ? ? ? ? ? ? 2.277 ? ? 
metalc7  metalc ? ? A GLY 76  O   ? ? ? 1_555 E CA  . CA ? ? A GLY 76  A CA  173 1_555 ? ? ? ? ? ? ? 2.431 ? ? 
metalc8  metalc ? ? A GLY 78  O   ? ? ? 1_555 E CA  . CA ? ? A GLY 78  A CA  173 1_555 ? ? ? ? ? ? ? 2.320 ? ? 
metalc9  metalc ? ? A ASN 80  O   ? ? ? 1_555 E CA  . CA ? ? A ASN 80  A CA  173 1_555 ? ? ? ? ? ? ? 2.206 ? ? 
metalc10 metalc ? ? A HIS 83  NE2 ? ? ? 1_555 D ZN  . ZN ? ? A HIS 83  A ZN  172 1_555 ? ? ? ? ? ? ? 1.971 ? ? 
metalc11 metalc ? ? A GLY 90  O   ? ? ? 1_555 F CA  . CA ? ? A GLY 90  A CA  174 1_555 ? ? ? ? ? ? ? 2.578 ? ? 
metalc12 metalc ? ? A GLY 92  O   ? ? ? 1_555 F CA  . CA ? ? A GLY 92  A CA  174 1_555 ? ? ? ? ? ? ? 2.251 ? ? 
metalc13 metalc ? ? A ASP 94  OD1 ? ? ? 1_555 F CA  . CA ? ? A ASP 94  A CA  174 1_555 ? ? ? ? ? ? ? 3.017 ? ? 
metalc14 metalc ? ? A HIS 96  ND1 ? ? ? 1_555 D ZN  . ZN ? ? A HIS 96  A ZN  172 1_555 ? ? ? ? ? ? ? 2.004 ? ? 
metalc15 metalc ? ? A ASP 98  OD2 ? ? ? 1_555 E CA  . CA ? ? A ASP 98  A CA  173 1_555 ? ? ? ? ? ? ? 2.251 ? ? 
metalc16 metalc ? ? A GLU 99  O   ? ? ? 1_555 C SM  . SM ? ? A GLU 99  A SM  171 1_555 ? ? ? ? ? ? ? 2.309 ? ? 
metalc17 metalc ? ? A GLU 99  OE2 ? ? ? 1_555 C SM  . SM ? ? A GLU 99  A SM  171 1_555 ? ? ? ? ? ? ? 2.213 ? ? 
metalc18 metalc ? ? A GLU 101 O   ? ? ? 1_555 C SM  . SM ? ? A GLU 101 A SM  171 1_555 ? ? ? ? ? ? ? 2.375 ? ? 
metalc19 metalc ? ? A GLU 101 OE2 ? ? ? 1_555 E CA  . CA ? ? A GLU 101 A CA  173 1_555 ? ? ? ? ? ? ? 2.155 ? ? 
metalc20 metalc ? ? A HIS 118 NE2 ? ? ? 1_555 B ZN  . ZN ? ? A HIS 118 A ZN  170 1_555 ? ? ? ? ? ? ? 2.005 ? ? 
metalc21 metalc ? ? A HIS 122 NE2 ? ? ? 1_555 B ZN  . ZN ? ? A HIS 122 A ZN  170 1_555 ? ? ? ? ? ? ? 2.027 ? ? 
metalc22 metalc ? ? A HIS 128 NE2 ? ? ? 1_555 B ZN  . ZN ? ? A HIS 128 A ZN  170 1_555 ? ? ? ? ? ? ? 2.102 ? ? 
metalc23 metalc ? ? B ZN  .   ZN  ? ? ? 1_555 G RO4 . O2 ? ? A ZN  170 A RO4 175 1_555 ? ? ? ? ? ? ? 2.382 ? ? 
metalc24 metalc ? ? B ZN  .   ZN  ? ? ? 1_555 G RO4 . O1 ? ? A ZN  170 A RO4 175 1_555 ? ? ? ? ? ? ? 2.055 ? ? 
metalc25 metalc ? ? C SM  .   SM  ? ? ? 1_555 H HOH . O  ? ? A SM  171 A HOH 195 1_555 ? ? ? ? ? ? ? 2.653 ? ? 
metalc26 metalc ? ? C SM  .   SM  ? ? ? 1_555 H HOH . O  ? ? A SM  171 A HOH 217 1_555 ? ? ? ? ? ? ? 3.080 ? ? 
metalc27 metalc ? ? C SM  .   SM  ? ? ? 1_555 H HOH . O  ? ? A SM  171 A HOH 218 1_555 ? ? ? ? ? ? ? 2.675 ? ? 
metalc28 metalc ? ? F CA  .   CA  ? ? ? 1_555 H HOH . O  ? ? A CA  174 A HOH 201 1_555 ? ? ? ? ? ? ? 2.174 ? ? 
metalc29 metalc ? ? F CA  .   CA  ? ? ? 1_555 H HOH . O  ? ? A CA  174 A HOH 240 1_555 ? ? ? ? ? ? ? 2.206 ? ? 
# 
_struct_conn_type.id          metalc 
_struct_conn_type.criteria    ? 
_struct_conn_type.reference   ? 
# 
loop_
_pdbx_struct_conn_angle.id 
_pdbx_struct_conn_angle.ptnr1_label_atom_id 
_pdbx_struct_conn_angle.ptnr1_label_alt_id 
_pdbx_struct_conn_angle.ptnr1_label_asym_id 
_pdbx_struct_conn_angle.ptnr1_label_comp_id 
_pdbx_struct_conn_angle.ptnr1_label_seq_id 
_pdbx_struct_conn_angle.ptnr1_auth_atom_id 
_pdbx_struct_conn_angle.ptnr1_auth_asym_id 
_pdbx_struct_conn_angle.ptnr1_auth_comp_id 
_pdbx_struct_conn_angle.ptnr1_auth_seq_id 
_pdbx_struct_conn_angle.ptnr1_PDB_ins_code 
_pdbx_struct_conn_angle.ptnr1_symmetry 
_pdbx_struct_conn_angle.ptnr2_label_atom_id 
_pdbx_struct_conn_angle.ptnr2_label_alt_id 
_pdbx_struct_conn_angle.ptnr2_label_asym_id 
_pdbx_struct_conn_angle.ptnr2_label_comp_id 
_pdbx_struct_conn_angle.ptnr2_label_seq_id 
_pdbx_struct_conn_angle.ptnr2_auth_atom_id 
_pdbx_struct_conn_angle.ptnr2_auth_asym_id 
_pdbx_struct_conn_angle.ptnr2_auth_comp_id 
_pdbx_struct_conn_angle.ptnr2_auth_seq_id 
_pdbx_struct_conn_angle.ptnr2_PDB_ins_code 
_pdbx_struct_conn_angle.ptnr2_symmetry 
_pdbx_struct_conn_angle.ptnr3_label_atom_id 
_pdbx_struct_conn_angle.ptnr3_label_alt_id 
_pdbx_struct_conn_angle.ptnr3_label_asym_id 
_pdbx_struct_conn_angle.ptnr3_label_comp_id 
_pdbx_struct_conn_angle.ptnr3_label_seq_id 
_pdbx_struct_conn_angle.ptnr3_auth_atom_id 
_pdbx_struct_conn_angle.ptnr3_auth_asym_id 
_pdbx_struct_conn_angle.ptnr3_auth_comp_id 
_pdbx_struct_conn_angle.ptnr3_auth_seq_id 
_pdbx_struct_conn_angle.ptnr3_PDB_ins_code 
_pdbx_struct_conn_angle.ptnr3_symmetry 
_pdbx_struct_conn_angle.value 
_pdbx_struct_conn_angle.value_esd 
1  OD1 ? A ASP 24  ? A ASP 24  ? 1_555 SM ? C SM . ? A SM 171 ? 1_555 OD2 ? A ASP 24  ? A ASP 24  ? 1_555 52.2  ? 
2  OD1 ? A ASP 24  ? A ASP 24  ? 1_555 SM ? C SM . ? A SM 171 ? 1_555 O   ? A GLU 99  ? A GLU 99  ? 1_555 152.1 ? 
3  OD2 ? A ASP 24  ? A ASP 24  ? 1_555 SM ? C SM . ? A SM 171 ? 1_555 O   ? A GLU 99  ? A GLU 99  ? 1_555 132.7 ? 
4  OD1 ? A ASP 24  ? A ASP 24  ? 1_555 SM ? C SM . ? A SM 171 ? 1_555 OE2 ? A GLU 99  ? A GLU 99  ? 1_555 81.0  ? 
5  OD2 ? A ASP 24  ? A ASP 24  ? 1_555 SM ? C SM . ? A SM 171 ? 1_555 OE2 ? A GLU 99  ? A GLU 99  ? 1_555 88.6  ? 
6  O   ? A GLU 99  ? A GLU 99  ? 1_555 SM ? C SM . ? A SM 171 ? 1_555 OE2 ? A GLU 99  ? A GLU 99  ? 1_555 72.2  ? 
7  OD1 ? A ASP 24  ? A ASP 24  ? 1_555 SM ? C SM . ? A SM 171 ? 1_555 O   ? A GLU 101 ? A GLU 101 ? 1_555 124.6 ? 
8  OD2 ? A ASP 24  ? A ASP 24  ? 1_555 SM ? C SM . ? A SM 171 ? 1_555 O   ? A GLU 101 ? A GLU 101 ? 1_555 75.9  ? 
9  O   ? A GLU 99  ? A GLU 99  ? 1_555 SM ? C SM . ? A SM 171 ? 1_555 O   ? A GLU 101 ? A GLU 101 ? 1_555 77.0  ? 
10 OE2 ? A GLU 99  ? A GLU 99  ? 1_555 SM ? C SM . ? A SM 171 ? 1_555 O   ? A GLU 101 ? A GLU 101 ? 1_555 119.5 ? 
11 OD1 ? A ASP 24  ? A ASP 24  ? 1_555 SM ? C SM . ? A SM 171 ? 1_555 O   ? H HOH .   ? A HOH 195 ? 1_555 125.1 ? 
12 OD2 ? A ASP 24  ? A ASP 24  ? 1_555 SM ? C SM . ? A SM 171 ? 1_555 O   ? H HOH .   ? A HOH 195 ? 1_555 134.1 ? 
13 O   ? A GLU 99  ? A GLU 99  ? 1_555 SM ? C SM . ? A SM 171 ? 1_555 O   ? H HOH .   ? A HOH 195 ? 1_555 73.7  ? 
14 OE2 ? A GLU 99  ? A GLU 99  ? 1_555 SM ? C SM . ? A SM 171 ? 1_555 O   ? H HOH .   ? A HOH 195 ? 1_555 137.1 ? 
15 O   ? A GLU 101 ? A GLU 101 ? 1_555 SM ? C SM . ? A SM 171 ? 1_555 O   ? H HOH .   ? A HOH 195 ? 1_555 76.3  ? 
16 OD1 ? A ASP 24  ? A ASP 24  ? 1_555 SM ? C SM . ? A SM 171 ? 1_555 O   ? H HOH .   ? A HOH 217 ? 1_555 76.3  ? 
17 OD2 ? A ASP 24  ? A ASP 24  ? 1_555 SM ? C SM . ? A SM 171 ? 1_555 O   ? H HOH .   ? A HOH 217 ? 1_555 128.5 ? 
18 O   ? A GLU 99  ? A GLU 99  ? 1_555 SM ? C SM . ? A SM 171 ? 1_555 O   ? H HOH .   ? A HOH 217 ? 1_555 91.7  ? 
19 OE2 ? A GLU 99  ? A GLU 99  ? 1_555 SM ? C SM . ? A SM 171 ? 1_555 O   ? H HOH .   ? A HOH 217 ? 1_555 81.2  ? 
20 O   ? A GLU 101 ? A GLU 101 ? 1_555 SM ? C SM . ? A SM 171 ? 1_555 O   ? H HOH .   ? A HOH 217 ? 1_555 150.6 ? 
21 O   ? H HOH .   ? A HOH 195 ? 1_555 SM ? C SM . ? A SM 171 ? 1_555 O   ? H HOH .   ? A HOH 217 ? 1_555 74.6  ? 
22 OD1 ? A ASP 24  ? A ASP 24  ? 1_555 SM ? C SM . ? A SM 171 ? 1_555 O   ? H HOH .   ? A HOH 218 ? 1_555 69.5  ? 
23 OD2 ? A ASP 24  ? A ASP 24  ? 1_555 SM ? C SM . ? A SM 171 ? 1_555 O   ? H HOH .   ? A HOH 218 ? 1_555 73.2  ? 
24 O   ? A GLU 99  ? A GLU 99  ? 1_555 SM ? C SM . ? A SM 171 ? 1_555 O   ? H HOH .   ? A HOH 218 ? 1_555 137.0 ? 
25 OE2 ? A GLU 99  ? A GLU 99  ? 1_555 SM ? C SM . ? A SM 171 ? 1_555 O   ? H HOH .   ? A HOH 218 ? 1_555 150.5 ? 
26 O   ? A GLU 101 ? A GLU 101 ? 1_555 SM ? C SM . ? A SM 171 ? 1_555 O   ? H HOH .   ? A HOH 218 ? 1_555 79.0  ? 
27 O   ? H HOH .   ? A HOH 195 ? 1_555 SM ? C SM . ? A SM 171 ? 1_555 O   ? H HOH .   ? A HOH 218 ? 1_555 66.2  ? 
28 O   ? H HOH .   ? A HOH 217 ? 1_555 SM ? C SM . ? A SM 171 ? 1_555 O   ? H HOH .   ? A HOH 218 ? 1_555 92.2  ? 
29 O   ? A ASP 58  ? A ASP 58  ? 1_555 CA ? F CA . ? A CA 174 ? 1_555 O   ? A GLY 90  ? A GLY 90  ? 1_555 163.9 ? 
30 O   ? A ASP 58  ? A ASP 58  ? 1_555 CA ? F CA . ? A CA 174 ? 1_555 O   ? A GLY 92  ? A GLY 92  ? 1_555 89.5  ? 
31 O   ? A GLY 90  ? A GLY 90  ? 1_555 CA ? F CA . ? A CA 174 ? 1_555 O   ? A GLY 92  ? A GLY 92  ? 1_555 104.3 ? 
32 O   ? A ASP 58  ? A ASP 58  ? 1_555 CA ? F CA . ? A CA 174 ? 1_555 OD1 ? A ASP 94  ? A ASP 94  ? 1_555 88.2  ? 
33 O   ? A GLY 90  ? A GLY 90  ? 1_555 CA ? F CA . ? A CA 174 ? 1_555 OD1 ? A ASP 94  ? A ASP 94  ? 1_555 86.1  ? 
34 O   ? A GLY 92  ? A GLY 92  ? 1_555 CA ? F CA . ? A CA 174 ? 1_555 OD1 ? A ASP 94  ? A ASP 94  ? 1_555 80.5  ? 
35 O   ? A ASP 58  ? A ASP 58  ? 1_555 CA ? F CA . ? A CA 174 ? 1_555 O   ? H HOH .   ? A HOH 201 ? 1_555 97.3  ? 
36 O   ? A GLY 90  ? A GLY 90  ? 1_555 CA ? F CA . ? A CA 174 ? 1_555 O   ? H HOH .   ? A HOH 201 ? 1_555 66.7  ? 
37 O   ? A GLY 92  ? A GLY 92  ? 1_555 CA ? F CA . ? A CA 174 ? 1_555 O   ? H HOH .   ? A HOH 201 ? 1_555 150.2 ? 
38 OD1 ? A ASP 94  ? A ASP 94  ? 1_555 CA ? F CA . ? A CA 174 ? 1_555 O   ? H HOH .   ? A HOH 201 ? 1_555 70.7  ? 
39 O   ? A ASP 58  ? A ASP 58  ? 1_555 CA ? F CA . ? A CA 174 ? 1_555 O   ? H HOH .   ? A HOH 240 ? 1_555 92.0  ? 
40 O   ? A GLY 90  ? A GLY 90  ? 1_555 CA ? F CA . ? A CA 174 ? 1_555 O   ? H HOH .   ? A HOH 240 ? 1_555 93.5  ? 
41 O   ? A GLY 92  ? A GLY 92  ? 1_555 CA ? F CA . ? A CA 174 ? 1_555 O   ? H HOH .   ? A HOH 240 ? 1_555 100.1 ? 
42 OD1 ? A ASP 94  ? A ASP 94  ? 1_555 CA ? F CA . ? A CA 174 ? 1_555 O   ? H HOH .   ? A HOH 240 ? 1_555 179.3 ? 
43 O   ? H HOH .   ? A HOH 201 ? 1_555 CA ? F CA . ? A CA 174 ? 1_555 O   ? H HOH .   ? A HOH 240 ? 1_555 108.6 ? 
44 NE2 ? A HIS 68  ? A HIS 68  ? 1_555 ZN ? D ZN . ? A ZN 172 ? 1_555 OD2 ? A ASP 70  ? A ASP 70  ? 1_555 103.1 ? 
45 NE2 ? A HIS 68  ? A HIS 68  ? 1_555 ZN ? D ZN . ? A ZN 172 ? 1_555 NE2 ? A HIS 83  ? A HIS 83  ? 1_555 117.2 ? 
46 OD2 ? A ASP 70  ? A ASP 70  ? 1_555 ZN ? D ZN . ? A ZN 172 ? 1_555 NE2 ? A HIS 83  ? A HIS 83  ? 1_555 114.0 ? 
47 NE2 ? A HIS 68  ? A HIS 68  ? 1_555 ZN ? D ZN . ? A ZN 172 ? 1_555 ND1 ? A HIS 96  ? A HIS 96  ? 1_555 104.1 ? 
48 OD2 ? A ASP 70  ? A ASP 70  ? 1_555 ZN ? D ZN . ? A ZN 172 ? 1_555 ND1 ? A HIS 96  ? A HIS 96  ? 1_555 99.6  ? 
49 NE2 ? A HIS 83  ? A HIS 83  ? 1_555 ZN ? D ZN . ? A ZN 172 ? 1_555 ND1 ? A HIS 96  ? A HIS 96  ? 1_555 116.6 ? 
50 OD1 ? A ASP 75  ? A ASP 75  ? 1_555 CA ? E CA . ? A CA 173 ? 1_555 O   ? A GLY 76  ? A GLY 76  ? 1_555 85.8  ? 
51 OD1 ? A ASP 75  ? A ASP 75  ? 1_555 CA ? E CA . ? A CA 173 ? 1_555 O   ? A GLY 78  ? A GLY 78  ? 1_555 88.4  ? 
52 O   ? A GLY 76  ? A GLY 76  ? 1_555 CA ? E CA . ? A CA 173 ? 1_555 O   ? A GLY 78  ? A GLY 78  ? 1_555 85.9  ? 
53 OD1 ? A ASP 75  ? A ASP 75  ? 1_555 CA ? E CA . ? A CA 173 ? 1_555 O   ? A ASN 80  ? A ASN 80  ? 1_555 89.8  ? 
54 O   ? A GLY 76  ? A GLY 76  ? 1_555 CA ? E CA . ? A CA 173 ? 1_555 O   ? A ASN 80  ? A ASN 80  ? 1_555 175.2 ? 
55 O   ? A GLY 78  ? A GLY 78  ? 1_555 CA ? E CA . ? A CA 173 ? 1_555 O   ? A ASN 80  ? A ASN 80  ? 1_555 92.1  ? 
56 OD1 ? A ASP 75  ? A ASP 75  ? 1_555 CA ? E CA . ? A CA 173 ? 1_555 OD2 ? A ASP 98  ? A ASP 98  ? 1_555 98.6  ? 
57 O   ? A GLY 76  ? A GLY 76  ? 1_555 CA ? E CA . ? A CA 173 ? 1_555 OD2 ? A ASP 98  ? A ASP 98  ? 1_555 83.6  ? 
58 O   ? A GLY 78  ? A GLY 78  ? 1_555 CA ? E CA . ? A CA 173 ? 1_555 OD2 ? A ASP 98  ? A ASP 98  ? 1_555 167.0 ? 
59 O   ? A ASN 80  ? A ASN 80  ? 1_555 CA ? E CA . ? A CA 173 ? 1_555 OD2 ? A ASP 98  ? A ASP 98  ? 1_555 98.8  ? 
60 OD1 ? A ASP 75  ? A ASP 75  ? 1_555 CA ? E CA . ? A CA 173 ? 1_555 OE2 ? A GLU 101 ? A GLU 101 ? 1_555 168.4 ? 
61 O   ? A GLY 76  ? A GLY 76  ? 1_555 CA ? E CA . ? A CA 173 ? 1_555 OE2 ? A GLU 101 ? A GLU 101 ? 1_555 92.1  ? 
62 O   ? A GLY 78  ? A GLY 78  ? 1_555 CA ? E CA . ? A CA 173 ? 1_555 OE2 ? A GLU 101 ? A GLU 101 ? 1_555 80.1  ? 
63 O   ? A ASN 80  ? A ASN 80  ? 1_555 CA ? E CA . ? A CA 173 ? 1_555 OE2 ? A GLU 101 ? A GLU 101 ? 1_555 91.9  ? 
64 OD2 ? A ASP 98  ? A ASP 98  ? 1_555 CA ? E CA . ? A CA 173 ? 1_555 OE2 ? A GLU 101 ? A GLU 101 ? 1_555 92.5  ? 
65 NE2 ? A HIS 118 ? A HIS 118 ? 1_555 ZN ? B ZN . ? A ZN 170 ? 1_555 NE2 ? A HIS 122 ? A HIS 122 ? 1_555 100.1 ? 
66 NE2 ? A HIS 118 ? A HIS 118 ? 1_555 ZN ? B ZN . ? A ZN 170 ? 1_555 NE2 ? A HIS 128 ? A HIS 128 ? 1_555 106.6 ? 
67 NE2 ? A HIS 122 ? A HIS 122 ? 1_555 ZN ? B ZN . ? A ZN 170 ? 1_555 NE2 ? A HIS 128 ? A HIS 128 ? 1_555 97.5  ? 
68 NE2 ? A HIS 118 ? A HIS 118 ? 1_555 ZN ? B ZN . ? A ZN 170 ? 1_555 O2  ? G RO4 .   ? A RO4 175 ? 1_555 97.1  ? 
69 NE2 ? A HIS 122 ? A HIS 122 ? 1_555 ZN ? B ZN . ? A ZN 170 ? 1_555 O2  ? G RO4 .   ? A RO4 175 ? 1_555 86.3  ? 
70 NE2 ? A HIS 128 ? A HIS 128 ? 1_555 ZN ? B ZN . ? A ZN 170 ? 1_555 O2  ? G RO4 .   ? A RO4 175 ? 1_555 154.8 ? 
71 NE2 ? A HIS 118 ? A HIS 118 ? 1_555 ZN ? B ZN . ? A ZN 170 ? 1_555 O1  ? G RO4 .   ? A RO4 175 ? 1_555 110.4 ? 
72 NE2 ? A HIS 122 ? A HIS 122 ? 1_555 ZN ? B ZN . ? A ZN 170 ? 1_555 O1  ? G RO4 .   ? A RO4 175 ? 1_555 144.3 ? 
73 NE2 ? A HIS 128 ? A HIS 128 ? 1_555 ZN ? B ZN . ? A ZN 170 ? 1_555 O1  ? G RO4 .   ? A RO4 175 ? 1_555 91.2  ? 
74 O2  ? G RO4 .   ? A RO4 175 ? 1_555 ZN ? B ZN . ? A ZN 170 ? 1_555 O1  ? G RO4 .   ? A RO4 175 ? 1_555 72.2  ? 
# 
_struct_mon_prot_cis.pdbx_id                1 
_struct_mon_prot_cis.label_comp_id          GLU 
_struct_mon_prot_cis.label_seq_id           109 
_struct_mon_prot_cis.label_asym_id          A 
_struct_mon_prot_cis.label_alt_id           . 
_struct_mon_prot_cis.pdbx_PDB_ins_code      ? 
_struct_mon_prot_cis.auth_comp_id           GLU 
_struct_mon_prot_cis.auth_seq_id            109 
_struct_mon_prot_cis.auth_asym_id           A 
_struct_mon_prot_cis.pdbx_label_comp_id_2   TYR 
_struct_mon_prot_cis.pdbx_label_seq_id_2    110 
_struct_mon_prot_cis.pdbx_label_asym_id_2   A 
_struct_mon_prot_cis.pdbx_PDB_ins_code_2    ? 
_struct_mon_prot_cis.pdbx_auth_comp_id_2    TYR 
_struct_mon_prot_cis.pdbx_auth_seq_id_2     110 
_struct_mon_prot_cis.pdbx_auth_asym_id_2    A 
_struct_mon_prot_cis.pdbx_PDB_model_num     1 
_struct_mon_prot_cis.pdbx_omega_angle       -0.52 
# 
_struct_sheet.id               A 
_struct_sheet.type             ? 
_struct_sheet.number_strands   5 
_struct_sheet.details          ? 
# 
loop_
_struct_sheet_order.sheet_id 
_struct_sheet_order.range_id_1 
_struct_sheet_order.range_id_2 
_struct_sheet_order.offset 
_struct_sheet_order.sense 
A 1 2 ? parallel      
A 2 3 ? parallel      
A 3 4 ? parallel      
A 4 5 ? anti-parallel 
# 
loop_
_struct_sheet_range.sheet_id 
_struct_sheet_range.id 
_struct_sheet_range.beg_label_comp_id 
_struct_sheet_range.beg_label_asym_id 
_struct_sheet_range.beg_label_seq_id 
_struct_sheet_range.pdbx_beg_PDB_ins_code 
_struct_sheet_range.end_label_comp_id 
_struct_sheet_range.end_label_asym_id 
_struct_sheet_range.end_label_seq_id 
_struct_sheet_range.pdbx_end_PDB_ins_code 
_struct_sheet_range.beg_auth_comp_id 
_struct_sheet_range.beg_auth_asym_id 
_struct_sheet_range.beg_auth_seq_id 
_struct_sheet_range.end_auth_comp_id 
_struct_sheet_range.end_auth_asym_id 
_struct_sheet_range.end_auth_seq_id 
A 1 HIS A 13 ? ILE A 18 ? HIS A 13 ILE A 18 
A 2 THR A 48 ? LYS A 51 ? THR A 48 LYS A 51 
A 3 ILE A 59 ? VAL A 64 ? ILE A 59 VAL A 64 
A 4 ALA A 95 ? ASP A 98 ? ALA A 95 ASP A 98 
A 5 ALA A 82 ? ALA A 84 ? ALA A 82 ALA A 84 
# 
loop_
_struct_site.id 
_struct_site.pdbx_evidence_code 
_struct_site.pdbx_auth_asym_id 
_struct_site.pdbx_auth_comp_id 
_struct_site.pdbx_auth_seq_id 
_struct_site.pdbx_auth_ins_code 
_struct_site.pdbx_num_residues 
_struct_site.details 
AC1 Software A ZN  170 ? 4  'BINDING SITE FOR RESIDUE ZN A 170'  
AC2 Software A SM  171 ? 6  'BINDING SITE FOR RESIDUE SM A 171'  
AC3 Software A ZN  172 ? 4  'BINDING SITE FOR RESIDUE ZN A 172'  
AC4 Software A CA  173 ? 6  'BINDING SITE FOR RESIDUE CA A 173'  
AC5 Software A CA  174 ? 6  'BINDING SITE FOR RESIDUE CA A 174'  
AC6 Software A RO4 175 ? 16 'BINDING SITE FOR RESIDUE RO4 A 175' 
# 
loop_
_struct_site_gen.id 
_struct_site_gen.site_id 
_struct_site_gen.pdbx_num_res 
_struct_site_gen.label_comp_id 
_struct_site_gen.label_asym_id 
_struct_site_gen.label_seq_id 
_struct_site_gen.pdbx_auth_ins_code 
_struct_site_gen.auth_comp_id 
_struct_site_gen.auth_asym_id 
_struct_site_gen.auth_seq_id 
_struct_site_gen.label_atom_id 
_struct_site_gen.label_alt_id 
_struct_site_gen.symmetry 
_struct_site_gen.details 
1  AC1 4  HIS A 118 ? HIS A 118 . ? 1_555 ? 
2  AC1 4  HIS A 122 ? HIS A 122 . ? 1_555 ? 
3  AC1 4  HIS A 128 ? HIS A 128 . ? 1_555 ? 
4  AC1 4  RO4 G .   ? RO4 A 175 . ? 1_555 ? 
5  AC2 6  ASP A 24  ? ASP A 24  . ? 1_555 ? 
6  AC2 6  GLU A 99  ? GLU A 99  . ? 1_555 ? 
7  AC2 6  GLU A 101 ? GLU A 101 . ? 1_555 ? 
8  AC2 6  HOH H .   ? HOH A 195 . ? 1_555 ? 
9  AC2 6  HOH H .   ? HOH A 217 . ? 1_555 ? 
10 AC2 6  HOH H .   ? HOH A 218 . ? 1_555 ? 
11 AC3 4  HIS A 68  ? HIS A 68  . ? 1_555 ? 
12 AC3 4  ASP A 70  ? ASP A 70  . ? 1_555 ? 
13 AC3 4  HIS A 83  ? HIS A 83  . ? 1_555 ? 
14 AC3 4  HIS A 96  ? HIS A 96  . ? 1_555 ? 
15 AC4 6  ASP A 75  ? ASP A 75  . ? 1_555 ? 
16 AC4 6  GLY A 76  ? GLY A 76  . ? 1_555 ? 
17 AC4 6  GLY A 78  ? GLY A 78  . ? 1_555 ? 
18 AC4 6  ASN A 80  ? ASN A 80  . ? 1_555 ? 
19 AC4 6  ASP A 98  ? ASP A 98  . ? 1_555 ? 
20 AC4 6  GLU A 101 ? GLU A 101 . ? 1_555 ? 
21 AC5 6  ASP A 58  ? ASP A 58  . ? 1_555 ? 
22 AC5 6  GLY A 90  ? GLY A 90  . ? 1_555 ? 
23 AC5 6  GLY A 92  ? GLY A 92  . ? 1_555 ? 
24 AC5 6  ASP A 94  ? ASP A 94  . ? 1_555 ? 
25 AC5 6  HOH H .   ? HOH A 201 . ? 1_555 ? 
26 AC5 6  HOH H .   ? HOH A 240 . ? 1_555 ? 
27 AC6 16 GLY A 79  ? GLY A 79  . ? 1_555 ? 
28 AC6 16 ASN A 80  ? ASN A 80  . ? 1_555 ? 
29 AC6 16 LEU A 81  ? LEU A 81  . ? 1_555 ? 
30 AC6 16 ALA A 82  ? ALA A 82  . ? 1_555 ? 
31 AC6 16 PHE A 107 ? PHE A 107 . ? 4_665 ? 
32 AC6 16 TYR A 110 ? TYR A 110 . ? 1_555 ? 
33 AC6 16 HIS A 118 ? HIS A 118 . ? 1_555 ? 
34 AC6 16 GLU A 119 ? GLU A 119 . ? 1_555 ? 
35 AC6 16 HIS A 122 ? HIS A 122 . ? 1_555 ? 
36 AC6 16 HIS A 128 ? HIS A 128 . ? 1_555 ? 
37 AC6 16 PRO A 138 ? PRO A 138 . ? 1_555 ? 
38 AC6 16 SER A 139 ? SER A 139 . ? 1_555 ? 
39 AC6 16 TYR A 140 ? TYR A 140 . ? 1_555 ? 
40 AC6 16 ZN  B .   ? ZN  A 170 . ? 1_555 ? 
41 AC6 16 HOH H .   ? HOH A 176 . ? 1_555 ? 
42 AC6 16 HOH H .   ? HOH A 177 . ? 1_555 ? 
# 
_pdbx_validate_close_contact.id               1 
_pdbx_validate_close_contact.PDB_model_num    1 
_pdbx_validate_close_contact.auth_atom_id_1   OE1 
_pdbx_validate_close_contact.auth_asym_id_1   A 
_pdbx_validate_close_contact.auth_comp_id_1   GLN 
_pdbx_validate_close_contact.auth_seq_id_1    147 
_pdbx_validate_close_contact.PDB_ins_code_1   ? 
_pdbx_validate_close_contact.label_alt_id_1   ? 
_pdbx_validate_close_contact.auth_atom_id_2   O 
_pdbx_validate_close_contact.auth_asym_id_2   A 
_pdbx_validate_close_contact.auth_comp_id_2   HOH 
_pdbx_validate_close_contact.auth_seq_id_2    198 
_pdbx_validate_close_contact.PDB_ins_code_2   ? 
_pdbx_validate_close_contact.label_alt_id_2   ? 
_pdbx_validate_close_contact.dist             2.14 
# 
loop_
_pdbx_validate_torsion.id 
_pdbx_validate_torsion.PDB_model_num 
_pdbx_validate_torsion.auth_comp_id 
_pdbx_validate_torsion.auth_asym_id 
_pdbx_validate_torsion.auth_seq_id 
_pdbx_validate_torsion.PDB_ins_code 
_pdbx_validate_torsion.label_alt_id 
_pdbx_validate_torsion.phi 
_pdbx_validate_torsion.psi 
1 1 THR A 3   ? ? -130.85 -157.15 
2 1 GLU A 4   ? ? -104.10 -168.47 
3 1 SER A 163 ? ? -101.38 -165.42 
# 
loop_
_pdbx_unobs_or_zero_occ_residues.id 
_pdbx_unobs_or_zero_occ_residues.PDB_model_num 
_pdbx_unobs_or_zero_occ_residues.polymer_flag 
_pdbx_unobs_or_zero_occ_residues.occupancy_flag 
_pdbx_unobs_or_zero_occ_residues.auth_asym_id 
_pdbx_unobs_or_zero_occ_residues.auth_comp_id 
_pdbx_unobs_or_zero_occ_residues.auth_seq_id 
_pdbx_unobs_or_zero_occ_residues.PDB_ins_code 
_pdbx_unobs_or_zero_occ_residues.label_asym_id 
_pdbx_unobs_or_zero_occ_residues.label_comp_id 
_pdbx_unobs_or_zero_occ_residues.label_seq_id 
1 1 Y 1 A VAL 1   ? A VAL 1   
2 1 Y 1 A ASN 165 ? A ASN 165 
3 1 Y 1 A PRO 166 ? A PRO 166 
4 1 Y 1 A VAL 167 ? A VAL 167 
5 1 Y 1 A GLN 168 ? A GLN 168 
6 1 Y 1 A PRO 169 ? A PRO 169 
# 
loop_
_chem_comp_atom.comp_id 
_chem_comp_atom.atom_id 
_chem_comp_atom.type_symbol 
_chem_comp_atom.pdbx_aromatic_flag 
_chem_comp_atom.pdbx_stereo_config 
_chem_comp_atom.pdbx_ordinal 
ALA N    N  N N 1   
ALA CA   C  N S 2   
ALA C    C  N N 3   
ALA O    O  N N 4   
ALA CB   C  N N 5   
ALA OXT  O  N N 6   
ALA H    H  N N 7   
ALA H2   H  N N 8   
ALA HA   H  N N 9   
ALA HB1  H  N N 10  
ALA HB2  H  N N 11  
ALA HB3  H  N N 12  
ALA HXT  H  N N 13  
ARG N    N  N N 14  
ARG CA   C  N S 15  
ARG C    C  N N 16  
ARG O    O  N N 17  
ARG CB   C  N N 18  
ARG CG   C  N N 19  
ARG CD   C  N N 20  
ARG NE   N  N N 21  
ARG CZ   C  N N 22  
ARG NH1  N  N N 23  
ARG NH2  N  N N 24  
ARG OXT  O  N N 25  
ARG H    H  N N 26  
ARG H2   H  N N 27  
ARG HA   H  N N 28  
ARG HB2  H  N N 29  
ARG HB3  H  N N 30  
ARG HG2  H  N N 31  
ARG HG3  H  N N 32  
ARG HD2  H  N N 33  
ARG HD3  H  N N 34  
ARG HE   H  N N 35  
ARG HH11 H  N N 36  
ARG HH12 H  N N 37  
ARG HH21 H  N N 38  
ARG HH22 H  N N 39  
ARG HXT  H  N N 40  
ASN N    N  N N 41  
ASN CA   C  N S 42  
ASN C    C  N N 43  
ASN O    O  N N 44  
ASN CB   C  N N 45  
ASN CG   C  N N 46  
ASN OD1  O  N N 47  
ASN ND2  N  N N 48  
ASN OXT  O  N N 49  
ASN H    H  N N 50  
ASN H2   H  N N 51  
ASN HA   H  N N 52  
ASN HB2  H  N N 53  
ASN HB3  H  N N 54  
ASN HD21 H  N N 55  
ASN HD22 H  N N 56  
ASN HXT  H  N N 57  
ASP N    N  N N 58  
ASP CA   C  N S 59  
ASP C    C  N N 60  
ASP O    O  N N 61  
ASP CB   C  N N 62  
ASP CG   C  N N 63  
ASP OD1  O  N N 64  
ASP OD2  O  N N 65  
ASP OXT  O  N N 66  
ASP H    H  N N 67  
ASP H2   H  N N 68  
ASP HA   H  N N 69  
ASP HB2  H  N N 70  
ASP HB3  H  N N 71  
ASP HD2  H  N N 72  
ASP HXT  H  N N 73  
CA  CA   CA N N 74  
GLN N    N  N N 75  
GLN CA   C  N S 76  
GLN C    C  N N 77  
GLN O    O  N N 78  
GLN CB   C  N N 79  
GLN CG   C  N N 80  
GLN CD   C  N N 81  
GLN OE1  O  N N 82  
GLN NE2  N  N N 83  
GLN OXT  O  N N 84  
GLN H    H  N N 85  
GLN H2   H  N N 86  
GLN HA   H  N N 87  
GLN HB2  H  N N 88  
GLN HB3  H  N N 89  
GLN HG2  H  N N 90  
GLN HG3  H  N N 91  
GLN HE21 H  N N 92  
GLN HE22 H  N N 93  
GLN HXT  H  N N 94  
GLU N    N  N N 95  
GLU CA   C  N S 96  
GLU C    C  N N 97  
GLU O    O  N N 98  
GLU CB   C  N N 99  
GLU CG   C  N N 100 
GLU CD   C  N N 101 
GLU OE1  O  N N 102 
GLU OE2  O  N N 103 
GLU OXT  O  N N 104 
GLU H    H  N N 105 
GLU H2   H  N N 106 
GLU HA   H  N N 107 
GLU HB2  H  N N 108 
GLU HB3  H  N N 109 
GLU HG2  H  N N 110 
GLU HG3  H  N N 111 
GLU HE2  H  N N 112 
GLU HXT  H  N N 113 
GLY N    N  N N 114 
GLY CA   C  N N 115 
GLY C    C  N N 116 
GLY O    O  N N 117 
GLY OXT  O  N N 118 
GLY H    H  N N 119 
GLY H2   H  N N 120 
GLY HA2  H  N N 121 
GLY HA3  H  N N 122 
GLY HXT  H  N N 123 
HIS N    N  N N 124 
HIS CA   C  N S 125 
HIS C    C  N N 126 
HIS O    O  N N 127 
HIS CB   C  N N 128 
HIS CG   C  Y N 129 
HIS ND1  N  Y N 130 
HIS CD2  C  Y N 131 
HIS CE1  C  Y N 132 
HIS NE2  N  Y N 133 
HIS OXT  O  N N 134 
HIS H    H  N N 135 
HIS H2   H  N N 136 
HIS HA   H  N N 137 
HIS HB2  H  N N 138 
HIS HB3  H  N N 139 
HIS HD1  H  N N 140 
HIS HD2  H  N N 141 
HIS HE1  H  N N 142 
HIS HE2  H  N N 143 
HIS HXT  H  N N 144 
HOH O    O  N N 145 
HOH H1   H  N N 146 
HOH H2   H  N N 147 
ILE N    N  N N 148 
ILE CA   C  N S 149 
ILE C    C  N N 150 
ILE O    O  N N 151 
ILE CB   C  N S 152 
ILE CG1  C  N N 153 
ILE CG2  C  N N 154 
ILE CD1  C  N N 155 
ILE OXT  O  N N 156 
ILE H    H  N N 157 
ILE H2   H  N N 158 
ILE HA   H  N N 159 
ILE HB   H  N N 160 
ILE HG12 H  N N 161 
ILE HG13 H  N N 162 
ILE HG21 H  N N 163 
ILE HG22 H  N N 164 
ILE HG23 H  N N 165 
ILE HD11 H  N N 166 
ILE HD12 H  N N 167 
ILE HD13 H  N N 168 
ILE HXT  H  N N 169 
LEU N    N  N N 170 
LEU CA   C  N S 171 
LEU C    C  N N 172 
LEU O    O  N N 173 
LEU CB   C  N N 174 
LEU CG   C  N N 175 
LEU CD1  C  N N 176 
LEU CD2  C  N N 177 
LEU OXT  O  N N 178 
LEU H    H  N N 179 
LEU H2   H  N N 180 
LEU HA   H  N N 181 
LEU HB2  H  N N 182 
LEU HB3  H  N N 183 
LEU HG   H  N N 184 
LEU HD11 H  N N 185 
LEU HD12 H  N N 186 
LEU HD13 H  N N 187 
LEU HD21 H  N N 188 
LEU HD22 H  N N 189 
LEU HD23 H  N N 190 
LEU HXT  H  N N 191 
LYS N    N  N N 192 
LYS CA   C  N S 193 
LYS C    C  N N 194 
LYS O    O  N N 195 
LYS CB   C  N N 196 
LYS CG   C  N N 197 
LYS CD   C  N N 198 
LYS CE   C  N N 199 
LYS NZ   N  N N 200 
LYS OXT  O  N N 201 
LYS H    H  N N 202 
LYS H2   H  N N 203 
LYS HA   H  N N 204 
LYS HB2  H  N N 205 
LYS HB3  H  N N 206 
LYS HG2  H  N N 207 
LYS HG3  H  N N 208 
LYS HD2  H  N N 209 
LYS HD3  H  N N 210 
LYS HE2  H  N N 211 
LYS HE3  H  N N 212 
LYS HZ1  H  N N 213 
LYS HZ2  H  N N 214 
LYS HZ3  H  N N 215 
LYS HXT  H  N N 216 
MET N    N  N N 217 
MET CA   C  N S 218 
MET C    C  N N 219 
MET O    O  N N 220 
MET CB   C  N N 221 
MET CG   C  N N 222 
MET SD   S  N N 223 
MET CE   C  N N 224 
MET OXT  O  N N 225 
MET H    H  N N 226 
MET H2   H  N N 227 
MET HA   H  N N 228 
MET HB2  H  N N 229 
MET HB3  H  N N 230 
MET HG2  H  N N 231 
MET HG3  H  N N 232 
MET HE1  H  N N 233 
MET HE2  H  N N 234 
MET HE3  H  N N 235 
MET HXT  H  N N 236 
PHE N    N  N N 237 
PHE CA   C  N S 238 
PHE C    C  N N 239 
PHE O    O  N N 240 
PHE CB   C  N N 241 
PHE CG   C  Y N 242 
PHE CD1  C  Y N 243 
PHE CD2  C  Y N 244 
PHE CE1  C  Y N 245 
PHE CE2  C  Y N 246 
PHE CZ   C  Y N 247 
PHE OXT  O  N N 248 
PHE H    H  N N 249 
PHE H2   H  N N 250 
PHE HA   H  N N 251 
PHE HB2  H  N N 252 
PHE HB3  H  N N 253 
PHE HD1  H  N N 254 
PHE HD2  H  N N 255 
PHE HE1  H  N N 256 
PHE HE2  H  N N 257 
PHE HZ   H  N N 258 
PHE HXT  H  N N 259 
PRO N    N  N N 260 
PRO CA   C  N S 261 
PRO C    C  N N 262 
PRO O    O  N N 263 
PRO CB   C  N N 264 
PRO CG   C  N N 265 
PRO CD   C  N N 266 
PRO OXT  O  N N 267 
PRO H    H  N N 268 
PRO HA   H  N N 269 
PRO HB2  H  N N 270 
PRO HB3  H  N N 271 
PRO HG2  H  N N 272 
PRO HG3  H  N N 273 
PRO HD2  H  N N 274 
PRO HD3  H  N N 275 
PRO HXT  H  N N 276 
RO4 O1   O  N N 277 
RO4 O3   O  N N 278 
RO4 O4   O  N N 279 
RO4 O29  O  N N 280 
RO4 O30  O  N N 281 
RO4 O2   O  N N 282 
RO4 N6   N  N N 283 
RO4 N7   N  N N 284 
RO4 N5   N  N N 285 
RO4 C8   C  N N 286 
RO4 C11  C  N N 287 
RO4 C13  C  N N 288 
RO4 C28  C  N N 289 
RO4 C10  C  N R 290 
RO4 C12  C  N S 291 
RO4 C14  C  N S 292 
RO4 C16  C  N N 293 
RO4 C20  C  N N 294 
RO4 C9   C  N N 295 
RO4 C31  C  N N 296 
RO4 C15  C  N N 297 
RO4 C19  C  N N 298 
RO4 C32  C  N N 299 
RO4 C17  C  N N 300 
RO4 C18  C  N N 301 
RO4 C21  C  N N 302 
RO4 C22  C  N N 303 
RO4 C27  C  N N 304 
RO4 HO2  H  N N 305 
RO4 HN6  H  N N 306 
RO4 HN7  H  N N 307 
RO4 HN5  H  N N 308 
RO4 H10  H  N N 309 
RO4 H12  H  N N 310 
RO4 H14  H  N N 311 
RO4 H16  H  N N 312 
RO4 H20  H  N N 313 
RO4 H91  H  N N 314 
RO4 H92  H  N N 315 
RO4 H311 H  N N 316 
RO4 H312 H  N N 317 
RO4 H151 H  N N 318 
RO4 H152 H  N N 319 
RO4 H191 H  N N 320 
RO4 H192 H  N N 321 
RO4 H321 H  N N 322 
RO4 H322 H  N N 323 
RO4 H323 H  N N 324 
RO4 H171 H  N N 325 
RO4 H172 H  N N 326 
RO4 H173 H  N N 327 
RO4 H181 H  N N 328 
RO4 H182 H  N N 329 
RO4 H183 H  N N 330 
RO4 H211 H  N N 331 
RO4 H212 H  N N 332 
RO4 H213 H  N N 333 
RO4 H221 H  N N 334 
RO4 H222 H  N N 335 
RO4 H223 H  N N 336 
RO4 H271 H  N N 337 
RO4 H272 H  N N 338 
RO4 H273 H  N N 339 
SER N    N  N N 340 
SER CA   C  N S 341 
SER C    C  N N 342 
SER O    O  N N 343 
SER CB   C  N N 344 
SER OG   O  N N 345 
SER OXT  O  N N 346 
SER H    H  N N 347 
SER H2   H  N N 348 
SER HA   H  N N 349 
SER HB2  H  N N 350 
SER HB3  H  N N 351 
SER HG   H  N N 352 
SER HXT  H  N N 353 
SM  SM   SM N N 354 
THR N    N  N N 355 
THR CA   C  N S 356 
THR C    C  N N 357 
THR O    O  N N 358 
THR CB   C  N R 359 
THR OG1  O  N N 360 
THR CG2  C  N N 361 
THR OXT  O  N N 362 
THR H    H  N N 363 
THR H2   H  N N 364 
THR HA   H  N N 365 
THR HB   H  N N 366 
THR HG1  H  N N 367 
THR HG21 H  N N 368 
THR HG22 H  N N 369 
THR HG23 H  N N 370 
THR HXT  H  N N 371 
TRP N    N  N N 372 
TRP CA   C  N S 373 
TRP C    C  N N 374 
TRP O    O  N N 375 
TRP CB   C  N N 376 
TRP CG   C  Y N 377 
TRP CD1  C  Y N 378 
TRP CD2  C  Y N 379 
TRP NE1  N  Y N 380 
TRP CE2  C  Y N 381 
TRP CE3  C  Y N 382 
TRP CZ2  C  Y N 383 
TRP CZ3  C  Y N 384 
TRP CH2  C  Y N 385 
TRP OXT  O  N N 386 
TRP H    H  N N 387 
TRP H2   H  N N 388 
TRP HA   H  N N 389 
TRP HB2  H  N N 390 
TRP HB3  H  N N 391 
TRP HD1  H  N N 392 
TRP HE1  H  N N 393 
TRP HE3  H  N N 394 
TRP HZ2  H  N N 395 
TRP HZ3  H  N N 396 
TRP HH2  H  N N 397 
TRP HXT  H  N N 398 
TYR N    N  N N 399 
TYR CA   C  N S 400 
TYR C    C  N N 401 
TYR O    O  N N 402 
TYR CB   C  N N 403 
TYR CG   C  Y N 404 
TYR CD1  C  Y N 405 
TYR CD2  C  Y N 406 
TYR CE1  C  Y N 407 
TYR CE2  C  Y N 408 
TYR CZ   C  Y N 409 
TYR OH   O  N N 410 
TYR OXT  O  N N 411 
TYR H    H  N N 412 
TYR H2   H  N N 413 
TYR HA   H  N N 414 
TYR HB2  H  N N 415 
TYR HB3  H  N N 416 
TYR HD1  H  N N 417 
TYR HD2  H  N N 418 
TYR HE1  H  N N 419 
TYR HE2  H  N N 420 
TYR HH   H  N N 421 
TYR HXT  H  N N 422 
VAL N    N  N N 423 
VAL CA   C  N S 424 
VAL C    C  N N 425 
VAL O    O  N N 426 
VAL CB   C  N N 427 
VAL CG1  C  N N 428 
VAL CG2  C  N N 429 
VAL OXT  O  N N 430 
VAL H    H  N N 431 
VAL H2   H  N N 432 
VAL HA   H  N N 433 
VAL HB   H  N N 434 
VAL HG11 H  N N 435 
VAL HG12 H  N N 436 
VAL HG13 H  N N 437 
VAL HG21 H  N N 438 
VAL HG22 H  N N 439 
VAL HG23 H  N N 440 
VAL HXT  H  N N 441 
ZN  ZN   ZN N N 442 
# 
loop_
_chem_comp_bond.comp_id 
_chem_comp_bond.atom_id_1 
_chem_comp_bond.atom_id_2 
_chem_comp_bond.value_order 
_chem_comp_bond.pdbx_aromatic_flag 
_chem_comp_bond.pdbx_stereo_config 
_chem_comp_bond.pdbx_ordinal 
ALA N   CA   sing N N 1   
ALA N   H    sing N N 2   
ALA N   H2   sing N N 3   
ALA CA  C    sing N N 4   
ALA CA  CB   sing N N 5   
ALA CA  HA   sing N N 6   
ALA C   O    doub N N 7   
ALA C   OXT  sing N N 8   
ALA CB  HB1  sing N N 9   
ALA CB  HB2  sing N N 10  
ALA CB  HB3  sing N N 11  
ALA OXT HXT  sing N N 12  
ARG N   CA   sing N N 13  
ARG N   H    sing N N 14  
ARG N   H2   sing N N 15  
ARG CA  C    sing N N 16  
ARG CA  CB   sing N N 17  
ARG CA  HA   sing N N 18  
ARG C   O    doub N N 19  
ARG C   OXT  sing N N 20  
ARG CB  CG   sing N N 21  
ARG CB  HB2  sing N N 22  
ARG CB  HB3  sing N N 23  
ARG CG  CD   sing N N 24  
ARG CG  HG2  sing N N 25  
ARG CG  HG3  sing N N 26  
ARG CD  NE   sing N N 27  
ARG CD  HD2  sing N N 28  
ARG CD  HD3  sing N N 29  
ARG NE  CZ   sing N N 30  
ARG NE  HE   sing N N 31  
ARG CZ  NH1  sing N N 32  
ARG CZ  NH2  doub N N 33  
ARG NH1 HH11 sing N N 34  
ARG NH1 HH12 sing N N 35  
ARG NH2 HH21 sing N N 36  
ARG NH2 HH22 sing N N 37  
ARG OXT HXT  sing N N 38  
ASN N   CA   sing N N 39  
ASN N   H    sing N N 40  
ASN N   H2   sing N N 41  
ASN CA  C    sing N N 42  
ASN CA  CB   sing N N 43  
ASN CA  HA   sing N N 44  
ASN C   O    doub N N 45  
ASN C   OXT  sing N N 46  
ASN CB  CG   sing N N 47  
ASN CB  HB2  sing N N 48  
ASN CB  HB3  sing N N 49  
ASN CG  OD1  doub N N 50  
ASN CG  ND2  sing N N 51  
ASN ND2 HD21 sing N N 52  
ASN ND2 HD22 sing N N 53  
ASN OXT HXT  sing N N 54  
ASP N   CA   sing N N 55  
ASP N   H    sing N N 56  
ASP N   H2   sing N N 57  
ASP CA  C    sing N N 58  
ASP CA  CB   sing N N 59  
ASP CA  HA   sing N N 60  
ASP C   O    doub N N 61  
ASP C   OXT  sing N N 62  
ASP CB  CG   sing N N 63  
ASP CB  HB2  sing N N 64  
ASP CB  HB3  sing N N 65  
ASP CG  OD1  doub N N 66  
ASP CG  OD2  sing N N 67  
ASP OD2 HD2  sing N N 68  
ASP OXT HXT  sing N N 69  
GLN N   CA   sing N N 70  
GLN N   H    sing N N 71  
GLN N   H2   sing N N 72  
GLN CA  C    sing N N 73  
GLN CA  CB   sing N N 74  
GLN CA  HA   sing N N 75  
GLN C   O    doub N N 76  
GLN C   OXT  sing N N 77  
GLN CB  CG   sing N N 78  
GLN CB  HB2  sing N N 79  
GLN CB  HB3  sing N N 80  
GLN CG  CD   sing N N 81  
GLN CG  HG2  sing N N 82  
GLN CG  HG3  sing N N 83  
GLN CD  OE1  doub N N 84  
GLN CD  NE2  sing N N 85  
GLN NE2 HE21 sing N N 86  
GLN NE2 HE22 sing N N 87  
GLN OXT HXT  sing N N 88  
GLU N   CA   sing N N 89  
GLU N   H    sing N N 90  
GLU N   H2   sing N N 91  
GLU CA  C    sing N N 92  
GLU CA  CB   sing N N 93  
GLU CA  HA   sing N N 94  
GLU C   O    doub N N 95  
GLU C   OXT  sing N N 96  
GLU CB  CG   sing N N 97  
GLU CB  HB2  sing N N 98  
GLU CB  HB3  sing N N 99  
GLU CG  CD   sing N N 100 
GLU CG  HG2  sing N N 101 
GLU CG  HG3  sing N N 102 
GLU CD  OE1  doub N N 103 
GLU CD  OE2  sing N N 104 
GLU OE2 HE2  sing N N 105 
GLU OXT HXT  sing N N 106 
GLY N   CA   sing N N 107 
GLY N   H    sing N N 108 
GLY N   H2   sing N N 109 
GLY CA  C    sing N N 110 
GLY CA  HA2  sing N N 111 
GLY CA  HA3  sing N N 112 
GLY C   O    doub N N 113 
GLY C   OXT  sing N N 114 
GLY OXT HXT  sing N N 115 
HIS N   CA   sing N N 116 
HIS N   H    sing N N 117 
HIS N   H2   sing N N 118 
HIS CA  C    sing N N 119 
HIS CA  CB   sing N N 120 
HIS CA  HA   sing N N 121 
HIS C   O    doub N N 122 
HIS C   OXT  sing N N 123 
HIS CB  CG   sing N N 124 
HIS CB  HB2  sing N N 125 
HIS CB  HB3  sing N N 126 
HIS CG  ND1  sing Y N 127 
HIS CG  CD2  doub Y N 128 
HIS ND1 CE1  doub Y N 129 
HIS ND1 HD1  sing N N 130 
HIS CD2 NE2  sing Y N 131 
HIS CD2 HD2  sing N N 132 
HIS CE1 NE2  sing Y N 133 
HIS CE1 HE1  sing N N 134 
HIS NE2 HE2  sing N N 135 
HIS OXT HXT  sing N N 136 
HOH O   H1   sing N N 137 
HOH O   H2   sing N N 138 
ILE N   CA   sing N N 139 
ILE N   H    sing N N 140 
ILE N   H2   sing N N 141 
ILE CA  C    sing N N 142 
ILE CA  CB   sing N N 143 
ILE CA  HA   sing N N 144 
ILE C   O    doub N N 145 
ILE C   OXT  sing N N 146 
ILE CB  CG1  sing N N 147 
ILE CB  CG2  sing N N 148 
ILE CB  HB   sing N N 149 
ILE CG1 CD1  sing N N 150 
ILE CG1 HG12 sing N N 151 
ILE CG1 HG13 sing N N 152 
ILE CG2 HG21 sing N N 153 
ILE CG2 HG22 sing N N 154 
ILE CG2 HG23 sing N N 155 
ILE CD1 HD11 sing N N 156 
ILE CD1 HD12 sing N N 157 
ILE CD1 HD13 sing N N 158 
ILE OXT HXT  sing N N 159 
LEU N   CA   sing N N 160 
LEU N   H    sing N N 161 
LEU N   H2   sing N N 162 
LEU CA  C    sing N N 163 
LEU CA  CB   sing N N 164 
LEU CA  HA   sing N N 165 
LEU C   O    doub N N 166 
LEU C   OXT  sing N N 167 
LEU CB  CG   sing N N 168 
LEU CB  HB2  sing N N 169 
LEU CB  HB3  sing N N 170 
LEU CG  CD1  sing N N 171 
LEU CG  CD2  sing N N 172 
LEU CG  HG   sing N N 173 
LEU CD1 HD11 sing N N 174 
LEU CD1 HD12 sing N N 175 
LEU CD1 HD13 sing N N 176 
LEU CD2 HD21 sing N N 177 
LEU CD2 HD22 sing N N 178 
LEU CD2 HD23 sing N N 179 
LEU OXT HXT  sing N N 180 
LYS N   CA   sing N N 181 
LYS N   H    sing N N 182 
LYS N   H2   sing N N 183 
LYS CA  C    sing N N 184 
LYS CA  CB   sing N N 185 
LYS CA  HA   sing N N 186 
LYS C   O    doub N N 187 
LYS C   OXT  sing N N 188 
LYS CB  CG   sing N N 189 
LYS CB  HB2  sing N N 190 
LYS CB  HB3  sing N N 191 
LYS CG  CD   sing N N 192 
LYS CG  HG2  sing N N 193 
LYS CG  HG3  sing N N 194 
LYS CD  CE   sing N N 195 
LYS CD  HD2  sing N N 196 
LYS CD  HD3  sing N N 197 
LYS CE  NZ   sing N N 198 
LYS CE  HE2  sing N N 199 
LYS CE  HE3  sing N N 200 
LYS NZ  HZ1  sing N N 201 
LYS NZ  HZ2  sing N N 202 
LYS NZ  HZ3  sing N N 203 
LYS OXT HXT  sing N N 204 
MET N   CA   sing N N 205 
MET N   H    sing N N 206 
MET N   H2   sing N N 207 
MET CA  C    sing N N 208 
MET CA  CB   sing N N 209 
MET CA  HA   sing N N 210 
MET C   O    doub N N 211 
MET C   OXT  sing N N 212 
MET CB  CG   sing N N 213 
MET CB  HB2  sing N N 214 
MET CB  HB3  sing N N 215 
MET CG  SD   sing N N 216 
MET CG  HG2  sing N N 217 
MET CG  HG3  sing N N 218 
MET SD  CE   sing N N 219 
MET CE  HE1  sing N N 220 
MET CE  HE2  sing N N 221 
MET CE  HE3  sing N N 222 
MET OXT HXT  sing N N 223 
PHE N   CA   sing N N 224 
PHE N   H    sing N N 225 
PHE N   H2   sing N N 226 
PHE CA  C    sing N N 227 
PHE CA  CB   sing N N 228 
PHE CA  HA   sing N N 229 
PHE C   O    doub N N 230 
PHE C   OXT  sing N N 231 
PHE CB  CG   sing N N 232 
PHE CB  HB2  sing N N 233 
PHE CB  HB3  sing N N 234 
PHE CG  CD1  doub Y N 235 
PHE CG  CD2  sing Y N 236 
PHE CD1 CE1  sing Y N 237 
PHE CD1 HD1  sing N N 238 
PHE CD2 CE2  doub Y N 239 
PHE CD2 HD2  sing N N 240 
PHE CE1 CZ   doub Y N 241 
PHE CE1 HE1  sing N N 242 
PHE CE2 CZ   sing Y N 243 
PHE CE2 HE2  sing N N 244 
PHE CZ  HZ   sing N N 245 
PHE OXT HXT  sing N N 246 
PRO N   CA   sing N N 247 
PRO N   CD   sing N N 248 
PRO N   H    sing N N 249 
PRO CA  C    sing N N 250 
PRO CA  CB   sing N N 251 
PRO CA  HA   sing N N 252 
PRO C   O    doub N N 253 
PRO C   OXT  sing N N 254 
PRO CB  CG   sing N N 255 
PRO CB  HB2  sing N N 256 
PRO CB  HB3  sing N N 257 
PRO CG  CD   sing N N 258 
PRO CG  HG2  sing N N 259 
PRO CG  HG3  sing N N 260 
PRO CD  HD2  sing N N 261 
PRO CD  HD3  sing N N 262 
PRO OXT HXT  sing N N 263 
RO4 O1  C8   doub N N 264 
RO4 O3  C11  doub N N 265 
RO4 O4  C13  doub N N 266 
RO4 O29 C28  doub N N 267 
RO4 O30 C28  sing N N 268 
RO4 O30 C31  sing N N 269 
RO4 O2  N6   sing N N 270 
RO4 O2  HO2  sing N N 271 
RO4 N6  C8   sing N N 272 
RO4 N6  HN6  sing N N 273 
RO4 N7  C13  sing N N 274 
RO4 N7  C14  sing N N 275 
RO4 N7  HN7  sing N N 276 
RO4 N5  C11  sing N N 277 
RO4 N5  C12  sing N N 278 
RO4 N5  HN5  sing N N 279 
RO4 C8  C9   sing N N 280 
RO4 C11 C10  sing N N 281 
RO4 C13 C12  sing N N 282 
RO4 C28 C14  sing N N 283 
RO4 C10 C9   sing N N 284 
RO4 C10 C15  sing N N 285 
RO4 C10 H10  sing N N 286 
RO4 C12 C19  sing N N 287 
RO4 C12 H12  sing N N 288 
RO4 C14 C27  sing N N 289 
RO4 C14 H14  sing N N 290 
RO4 C16 C15  sing N N 291 
RO4 C16 C17  sing N N 292 
RO4 C16 C18  sing N N 293 
RO4 C16 H16  sing N N 294 
RO4 C20 C19  sing N N 295 
RO4 C20 C21  sing N N 296 
RO4 C20 C22  sing N N 297 
RO4 C20 H20  sing N N 298 
RO4 C9  H91  sing N N 299 
RO4 C9  H92  sing N N 300 
RO4 C31 C32  sing N N 301 
RO4 C31 H311 sing N N 302 
RO4 C31 H312 sing N N 303 
RO4 C15 H151 sing N N 304 
RO4 C15 H152 sing N N 305 
RO4 C19 H191 sing N N 306 
RO4 C19 H192 sing N N 307 
RO4 C32 H321 sing N N 308 
RO4 C32 H322 sing N N 309 
RO4 C32 H323 sing N N 310 
RO4 C17 H171 sing N N 311 
RO4 C17 H172 sing N N 312 
RO4 C17 H173 sing N N 313 
RO4 C18 H181 sing N N 314 
RO4 C18 H182 sing N N 315 
RO4 C18 H183 sing N N 316 
RO4 C21 H211 sing N N 317 
RO4 C21 H212 sing N N 318 
RO4 C21 H213 sing N N 319 
RO4 C22 H221 sing N N 320 
RO4 C22 H222 sing N N 321 
RO4 C22 H223 sing N N 322 
RO4 C27 H271 sing N N 323 
RO4 C27 H272 sing N N 324 
RO4 C27 H273 sing N N 325 
SER N   CA   sing N N 326 
SER N   H    sing N N 327 
SER N   H2   sing N N 328 
SER CA  C    sing N N 329 
SER CA  CB   sing N N 330 
SER CA  HA   sing N N 331 
SER C   O    doub N N 332 
SER C   OXT  sing N N 333 
SER CB  OG   sing N N 334 
SER CB  HB2  sing N N 335 
SER CB  HB3  sing N N 336 
SER OG  HG   sing N N 337 
SER OXT HXT  sing N N 338 
THR N   CA   sing N N 339 
THR N   H    sing N N 340 
THR N   H2   sing N N 341 
THR CA  C    sing N N 342 
THR CA  CB   sing N N 343 
THR CA  HA   sing N N 344 
THR C   O    doub N N 345 
THR C   OXT  sing N N 346 
THR CB  OG1  sing N N 347 
THR CB  CG2  sing N N 348 
THR CB  HB   sing N N 349 
THR OG1 HG1  sing N N 350 
THR CG2 HG21 sing N N 351 
THR CG2 HG22 sing N N 352 
THR CG2 HG23 sing N N 353 
THR OXT HXT  sing N N 354 
TRP N   CA   sing N N 355 
TRP N   H    sing N N 356 
TRP N   H2   sing N N 357 
TRP CA  C    sing N N 358 
TRP CA  CB   sing N N 359 
TRP CA  HA   sing N N 360 
TRP C   O    doub N N 361 
TRP C   OXT  sing N N 362 
TRP CB  CG   sing N N 363 
TRP CB  HB2  sing N N 364 
TRP CB  HB3  sing N N 365 
TRP CG  CD1  doub Y N 366 
TRP CG  CD2  sing Y N 367 
TRP CD1 NE1  sing Y N 368 
TRP CD1 HD1  sing N N 369 
TRP CD2 CE2  doub Y N 370 
TRP CD2 CE3  sing Y N 371 
TRP NE1 CE2  sing Y N 372 
TRP NE1 HE1  sing N N 373 
TRP CE2 CZ2  sing Y N 374 
TRP CE3 CZ3  doub Y N 375 
TRP CE3 HE3  sing N N 376 
TRP CZ2 CH2  doub Y N 377 
TRP CZ2 HZ2  sing N N 378 
TRP CZ3 CH2  sing Y N 379 
TRP CZ3 HZ3  sing N N 380 
TRP CH2 HH2  sing N N 381 
TRP OXT HXT  sing N N 382 
TYR N   CA   sing N N 383 
TYR N   H    sing N N 384 
TYR N   H2   sing N N 385 
TYR CA  C    sing N N 386 
TYR CA  CB   sing N N 387 
TYR CA  HA   sing N N 388 
TYR C   O    doub N N 389 
TYR C   OXT  sing N N 390 
TYR CB  CG   sing N N 391 
TYR CB  HB2  sing N N 392 
TYR CB  HB3  sing N N 393 
TYR CG  CD1  doub Y N 394 
TYR CG  CD2  sing Y N 395 
TYR CD1 CE1  sing Y N 396 
TYR CD1 HD1  sing N N 397 
TYR CD2 CE2  doub Y N 398 
TYR CD2 HD2  sing N N 399 
TYR CE1 CZ   doub Y N 400 
TYR CE1 HE1  sing N N 401 
TYR CE2 CZ   sing Y N 402 
TYR CE2 HE2  sing N N 403 
TYR CZ  OH   sing N N 404 
TYR OH  HH   sing N N 405 
TYR OXT HXT  sing N N 406 
VAL N   CA   sing N N 407 
VAL N   H    sing N N 408 
VAL N   H2   sing N N 409 
VAL CA  C    sing N N 410 
VAL CA  CB   sing N N 411 
VAL CA  HA   sing N N 412 
VAL C   O    doub N N 413 
VAL C   OXT  sing N N 414 
VAL CB  CG1  sing N N 415 
VAL CB  CG2  sing N N 416 
VAL CB  HB   sing N N 417 
VAL CG1 HG11 sing N N 418 
VAL CG1 HG12 sing N N 419 
VAL CG1 HG13 sing N N 420 
VAL CG2 HG21 sing N N 421 
VAL CG2 HG22 sing N N 422 
VAL CG2 HG23 sing N N 423 
VAL OXT HXT  sing N N 424 
# 
_atom_sites.entry_id                    2TCL 
_atom_sites.fract_transf_matrix[1][1]   -0.00468817 
_atom_sites.fract_transf_matrix[1][2]   0.00484996 
_atom_sites.fract_transf_matrix[1][3]   0.00931391 
_atom_sites.fract_transf_matrix[2][1]   0.01010197 
_atom_sites.fract_transf_matrix[2][2]   -0.00070210 
_atom_sites.fract_transf_matrix[2][3]   0.00545044 
_atom_sites.fract_transf_matrix[3][1]   0.00608711 
_atom_sites.fract_transf_matrix[3][2]   0.02208640 
_atom_sites.fract_transf_matrix[3][3]   -0.00843692 
_atom_sites.fract_transf_vector[1]      0.735628 
_atom_sites.fract_transf_vector[2]      0.067127 
_atom_sites.fract_transf_vector[3]      0.418886 
# 
_atom_sites_footnote.id     1 
_atom_sites_footnote.text   
'GLU     109  - TYR     110               OMEGA = 359.48 PEPTIDE BOND DEVIATES SIGNIFICANTLY FROM TRANS CONFORMATION' 
# 
loop_
_atom_type.symbol 
C  
CA 
N  
O  
S  
SM 
ZN 
# 
loop_
_atom_site.group_PDB 
_atom_site.id 
_atom_site.type_symbol 
_atom_site.label_atom_id 
_atom_site.label_alt_id 
_atom_site.label_comp_id 
_atom_site.label_asym_id 
_atom_site.label_entity_id 
_atom_site.label_seq_id 
_atom_site.pdbx_PDB_ins_code 
_atom_site.Cartn_x 
_atom_site.Cartn_y 
_atom_site.Cartn_z 
_atom_site.occupancy 
_atom_site.B_iso_or_equiv 
_atom_site.pdbx_formal_charge 
_atom_site.auth_seq_id 
_atom_site.auth_comp_id 
_atom_site.auth_asym_id 
_atom_site.auth_atom_id 
_atom_site.pdbx_PDB_model_num 
ATOM   1    N  N   . LEU A 1 2   ? 19.143  16.339  0.469   1.00 51.29 ? 2   LEU A N   1 
ATOM   2    C  CA  . LEU A 1 2   ? 18.969  15.902  1.886   1.00 51.13 ? 2   LEU A CA  1 
ATOM   3    C  C   . LEU A 1 2   ? 18.218  16.987  2.688   1.00 50.93 ? 2   LEU A C   1 
ATOM   4    O  O   . LEU A 1 2   ? 18.708  18.105  2.826   1.00 50.99 ? 2   LEU A O   1 
ATOM   5    C  CB  . LEU A 1 2   ? 20.349  15.602  2.498   1.00 51.15 ? 2   LEU A CB  1 
ATOM   6    C  CG  . LEU A 1 2   ? 20.441  14.673  3.716   1.00 51.76 ? 2   LEU A CG  1 
ATOM   7    C  CD1 . LEU A 1 2   ? 21.751  13.933  3.728   1.00 52.38 ? 2   LEU A CD1 1 
ATOM   8    C  CD2 . LEU A 1 2   ? 20.282  15.441  4.990   1.00 52.01 ? 2   LEU A CD2 1 
ATOM   9    N  N   . THR A 1 3   ? 16.994  16.690  3.121   1.00 50.61 ? 3   THR A N   1 
ATOM   10   C  CA  . THR A 1 3   ? 16.189  17.644  3.893   1.00 50.49 ? 3   THR A CA  1 
ATOM   11   C  C   . THR A 1 3   ? 15.669  16.901  5.108   1.00 50.00 ? 3   THR A C   1 
ATOM   12   O  O   . THR A 1 3   ? 16.247  15.896  5.515   1.00 50.23 ? 3   THR A O   1 
ATOM   13   C  CB  . THR A 1 3   ? 14.962  18.156  3.082   1.00 51.52 ? 3   THR A CB  1 
ATOM   14   O  OG1 . THR A 1 3   ? 14.188  17.038  2.631   1.00 52.73 ? 3   THR A OG1 1 
ATOM   15   C  CG2 . THR A 1 3   ? 15.391  18.983  1.876   1.00 52.52 ? 3   THR A CG2 1 
ATOM   16   N  N   . GLU A 1 4   ? 14.580  17.383  5.688   1.00 49.63 ? 4   GLU A N   1 
ATOM   17   C  CA  . GLU A 1 4   ? 13.993  16.703  6.829   1.00 49.12 ? 4   GLU A CA  1 
ATOM   18   C  C   . GLU A 1 4   ? 12.750  15.959  6.367   1.00 47.49 ? 4   GLU A C   1 
ATOM   19   O  O   . GLU A 1 4   ? 12.491  15.850  5.167   1.00 47.38 ? 4   GLU A O   1 
ATOM   20   C  CB  . GLU A 1 4   ? 13.654  17.686  7.948   1.00 51.52 ? 4   GLU A CB  1 
ATOM   21   C  CG  . GLU A 1 4   ? 12.658  18.766  7.568   1.00 55.95 ? 4   GLU A CG  1 
ATOM   22   C  CD  . GLU A 1 4   ? 12.332  19.700  8.733   1.00 59.82 ? 4   GLU A CD  1 
ATOM   23   O  OE1 . GLU A 1 4   ? 13.166  19.787  9.676   1.00 60.46 ? 4   GLU A OE1 1 
ATOM   24   O  OE2 . GLU A 1 4   ? 11.244  20.343  8.698   1.00 61.71 ? 4   GLU A OE2 1 
ATOM   25   N  N   . GLY A 1 5   ? 11.963  15.481  7.321   1.00 46.10 ? 5   GLY A N   1 
ATOM   26   C  CA  . GLY A 1 5   ? 10.769  14.743  6.971   1.00 44.05 ? 5   GLY A CA  1 
ATOM   27   C  C   . GLY A 1 5   ? 11.137  13.378  6.425   1.00 42.36 ? 5   GLY A C   1 
ATOM   28   O  O   . GLY A 1 5   ? 12.277  12.924  6.533   1.00 42.07 ? 5   GLY A O   1 
ATOM   29   N  N   . ASN A 1 6   ? 10.154  12.730  5.818   1.00 40.78 ? 6   ASN A N   1 
ATOM   30   C  CA  . ASN A 1 6   ? 10.309  11.395  5.260   1.00 38.83 ? 6   ASN A CA  1 
ATOM   31   C  C   . ASN A 1 6   ? 11.004  11.330  3.906   1.00 36.53 ? 6   ASN A C   1 
ATOM   32   O  O   . ASN A 1 6   ? 11.195  12.344  3.244   1.00 35.99 ? 6   ASN A O   1 
ATOM   33   C  CB  . ASN A 1 6   ? 8.915   10.767  5.090   1.00 40.90 ? 6   ASN A CB  1 
ATOM   34   C  CG  . ASN A 1 6   ? 8.314   10.292  6.399   1.00 43.30 ? 6   ASN A CG  1 
ATOM   35   O  OD1 . ASN A 1 6   ? 7.324   10.844  6.892   1.00 45.60 ? 6   ASN A OD1 1 
ATOM   36   N  ND2 . ASN A 1 6   ? 8.909   9.251   6.968   1.00 44.45 ? 6   ASN A ND2 1 
ATOM   37   N  N   . PRO A 1 7   ? 11.537  10.150  3.556   1.00 35.05 ? 7   PRO A N   1 
ATOM   38   C  CA  . PRO A 1 7   ? 12.179  10.046  2.244   1.00 33.53 ? 7   PRO A CA  1 
ATOM   39   C  C   . PRO A 1 7   ? 11.039  9.974   1.203   1.00 32.02 ? 7   PRO A C   1 
ATOM   40   O  O   . PRO A 1 7   ? 9.965   9.451   1.500   1.00 31.64 ? 7   PRO A O   1 
ATOM   41   C  CB  . PRO A 1 7   ? 12.947  8.715   2.344   1.00 33.58 ? 7   PRO A CB  1 
ATOM   42   C  CG  . PRO A 1 7   ? 12.264  7.970   3.452   1.00 33.35 ? 7   PRO A CG  1 
ATOM   43   C  CD  . PRO A 1 7   ? 11.964  9.046   4.434   1.00 34.04 ? 7   PRO A CD  1 
ATOM   44   N  N   . ARG A 1 8   ? 11.227  10.579  0.038   1.00 30.61 ? 8   ARG A N   1 
ATOM   45   C  CA  . ARG A 1 8   ? 10.217  10.550  -1.013  1.00 29.55 ? 8   ARG A CA  1 
ATOM   46   C  C   . ARG A 1 8   ? 10.879  10.026  -2.280  1.00 29.23 ? 8   ARG A C   1 
ATOM   47   O  O   . ARG A 1 8   ? 12.101  9.837   -2.323  1.00 28.87 ? 8   ARG A O   1 
ATOM   48   C  CB  . ARG A 1 8   ? 9.683   11.962  -1.288  1.00 29.40 ? 8   ARG A CB  1 
ATOM   49   C  CG  . ARG A 1 8   ? 10.779  12.970  -1.634  1.00 31.21 ? 8   ARG A CG  1 
ATOM   50   C  CD  . ARG A 1 8   ? 10.257  14.317  -2.130  1.00 32.84 ? 8   ARG A CD  1 
ATOM   51   N  NE  . ARG A 1 8   ? 9.957   14.302  -3.563  1.00 34.64 ? 8   ARG A NE  1 
ATOM   52   C  CZ  . ARG A 1 8   ? 9.206   15.206  -4.190  1.00 35.21 ? 8   ARG A CZ  1 
ATOM   53   N  NH1 . ARG A 1 8   ? 8.669   16.225  -3.529  1.00 34.47 ? 8   ARG A NH1 1 
ATOM   54   N  NH2 . ARG A 1 8   ? 8.997   15.086  -5.491  1.00 37.83 ? 8   ARG A NH2 1 
ATOM   55   N  N   . TRP A 1 9   ? 10.076  9.758   -3.303  1.00 28.75 ? 9   TRP A N   1 
ATOM   56   C  CA  . TRP A 1 9   ? 10.609  9.312   -4.586  1.00 28.27 ? 9   TRP A CA  1 
ATOM   57   C  C   . TRP A 1 9   ? 10.857  10.606  -5.342  1.00 29.06 ? 9   TRP A C   1 
ATOM   58   O  O   . TRP A 1 9   ? 10.017  11.509  -5.295  1.00 29.03 ? 9   TRP A O   1 
ATOM   59   C  CB  . TRP A 1 9   ? 9.560   8.521   -5.369  1.00 26.19 ? 9   TRP A CB  1 
ATOM   60   C  CG  . TRP A 1 9   ? 9.108   7.258   -4.727  1.00 22.73 ? 9   TRP A CG  1 
ATOM   61   C  CD1 . TRP A 1 9   ? 7.937   7.049   -4.057  1.00 19.35 ? 9   TRP A CD1 1 
ATOM   62   C  CD2 . TRP A 1 9   ? 9.804   6.001   -4.720  1.00 20.43 ? 9   TRP A CD2 1 
ATOM   63   N  NE1 . TRP A 1 9   ? 7.857   5.741   -3.636  1.00 17.66 ? 9   TRP A NE1 1 
ATOM   64   C  CE2 . TRP A 1 9   ? 8.986   5.074   -4.025  1.00 18.45 ? 9   TRP A CE2 1 
ATOM   65   C  CE3 . TRP A 1 9   ? 11.038  5.572   -5.235  1.00 17.03 ? 9   TRP A CE3 1 
ATOM   66   C  CZ2 . TRP A 1 9   ? 9.357   3.741   -3.832  1.00 16.89 ? 9   TRP A CZ2 1 
ATOM   67   C  CZ3 . TRP A 1 9   ? 11.410  4.237   -5.041  1.00 16.46 ? 9   TRP A CZ3 1 
ATOM   68   C  CH2 . TRP A 1 9   ? 10.569  3.340   -4.346  1.00 16.29 ? 9   TRP A CH2 1 
ATOM   69   N  N   . GLU A 1 10  ? 11.994  10.738  -6.010  1.00 29.72 ? 10  GLU A N   1 
ATOM   70   C  CA  . GLU A 1 10  ? 12.189  11.968  -6.755  1.00 31.13 ? 10  GLU A CA  1 
ATOM   71   C  C   . GLU A 1 10  ? 11.617  11.829  -8.161  1.00 30.38 ? 10  GLU A C   1 
ATOM   72   O  O   . GLU A 1 10  ? 11.370  12.825  -8.846  1.00 30.61 ? 10  GLU A O   1 
ATOM   73   C  CB  . GLU A 1 10  ? 13.641  12.433  -6.749  1.00 34.63 ? 10  GLU A CB  1 
ATOM   74   C  CG  . GLU A 1 10  ? 14.660  11.411  -7.166  1.00 39.89 ? 10  GLU A CG  1 
ATOM   75   C  CD  . GLU A 1 10  ? 15.902  12.074  -7.757  1.00 44.55 ? 10  GLU A CD  1 
ATOM   76   O  OE1 . GLU A 1 10  ? 16.840  12.423  -6.998  1.00 46.25 ? 10  GLU A OE1 1 
ATOM   77   O  OE2 . GLU A 1 10  ? 15.922  12.269  -8.994  1.00 48.16 ? 10  GLU A OE2 1 
ATOM   78   N  N   . GLN A 1 11  ? 11.379  10.580  -8.561  1.00 29.77 ? 11  GLN A N   1 
ATOM   79   C  CA  . GLN A 1 11  ? 10.783  10.257  -9.861  1.00 29.49 ? 11  GLN A CA  1 
ATOM   80   C  C   . GLN A 1 11  ? 9.266   10.312  -9.670  1.00 28.58 ? 11  GLN A C   1 
ATOM   81   O  O   . GLN A 1 11  ? 8.746   9.886   -8.639  1.00 27.81 ? 11  GLN A O   1 
ATOM   82   C  CB  . GLN A 1 11  ? 11.208  8.853   -10.318 1.00 31.56 ? 11  GLN A CB  1 
ATOM   83   C  CG  . GLN A 1 11  ? 10.845  7.704   -9.349  1.00 33.76 ? 11  GLN A CG  1 
ATOM   84   C  CD  . GLN A 1 11  ? 12.057  7.042   -8.711  1.00 36.70 ? 11  GLN A CD  1 
ATOM   85   O  OE1 . GLN A 1 11  ? 12.428  5.913   -9.070  1.00 37.17 ? 11  GLN A OE1 1 
ATOM   86   N  NE2 . GLN A 1 11  ? 12.666  7.729   -7.732  1.00 39.41 ? 11  GLN A NE2 1 
ATOM   87   N  N   . THR A 1 12  ? 8.558   10.778  -10.686 1.00 27.94 ? 12  THR A N   1 
ATOM   88   C  CA  . THR A 1 12  ? 7.118   10.922  -10.598 1.00 27.49 ? 12  THR A CA  1 
ATOM   89   C  C   . THR A 1 12  ? 6.328   9.793   -11.259 1.00 26.27 ? 12  THR A C   1 
ATOM   90   O  O   . THR A 1 12  ? 5.163   9.567   -10.935 1.00 26.46 ? 12  THR A O   1 
ATOM   91   C  CB  . THR A 1 12  ? 6.724   12.294  -11.167 1.00 28.65 ? 12  THR A CB  1 
ATOM   92   O  OG1 . THR A 1 12  ? 7.442   13.307  -10.450 1.00 30.76 ? 12  THR A OG1 1 
ATOM   93   C  CG2 . THR A 1 12  ? 5.247   12.542  -11.021 1.00 29.74 ? 12  THR A CG2 1 
ATOM   94   N  N   . HIS A 1 13  ? 6.949   9.117   -12.218 1.00 25.41 ? 13  HIS A N   1 
ATOM   95   C  CA  . HIS A 1 13  ? 6.311   8.004   -12.919 1.00 24.22 ? 13  HIS A CA  1 
ATOM   96   C  C   . HIS A 1 13  ? 6.944   6.752   -12.321 1.00 21.96 ? 13  HIS A C   1 
ATOM   97   O  O   . HIS A 1 13  ? 8.129   6.499   -12.525 1.00 21.56 ? 13  HIS A O   1 
ATOM   98   C  CB  . HIS A 1 13  ? 6.598   8.097   -14.425 1.00 27.09 ? 13  HIS A CB  1 
ATOM   99   C  CG  . HIS A 1 13  ? 6.394   9.473   -14.992 1.00 32.67 ? 13  HIS A CG  1 
ATOM   100  N  ND1 . HIS A 1 13  ? 5.169   10.111  -14.982 1.00 34.53 ? 13  HIS A ND1 1 
ATOM   101  C  CD2 . HIS A 1 13  ? 7.268   10.348  -15.547 1.00 35.48 ? 13  HIS A CD2 1 
ATOM   102  C  CE1 . HIS A 1 13  ? 5.298   11.320  -15.504 1.00 37.19 ? 13  HIS A CE1 1 
ATOM   103  N  NE2 . HIS A 1 13  ? 6.561   11.489  -15.854 1.00 37.96 ? 13  HIS A NE2 1 
ATOM   104  N  N   . LEU A 1 14  ? 6.184   6.021   -11.515 1.00 19.79 ? 14  LEU A N   1 
ATOM   105  C  CA  . LEU A 1 14  ? 6.683   4.807   -10.854 1.00 17.87 ? 14  LEU A CA  1 
ATOM   106  C  C   . LEU A 1 14  ? 6.117   3.510   -11.444 1.00 16.08 ? 14  LEU A C   1 
ATOM   107  O  O   . LEU A 1 14  ? 5.047   3.501   -12.050 1.00 16.36 ? 14  LEU A O   1 
ATOM   108  C  CB  . LEU A 1 14  ? 6.327   4.832   -9.360  1.00 17.69 ? 14  LEU A CB  1 
ATOM   109  C  CG  . LEU A 1 14  ? 6.612   6.038   -8.460  1.00 19.58 ? 14  LEU A CG  1 
ATOM   110  C  CD1 . LEU A 1 14  ? 5.989   5.764   -7.121  1.00 20.99 ? 14  LEU A CD1 1 
ATOM   111  C  CD2 . LEU A 1 14  ? 8.085   6.233   -8.263  1.00 21.09 ? 14  LEU A CD2 1 
ATOM   112  N  N   . THR A 1 15  ? 6.822   2.405   -11.242 1.00 14.51 ? 15  THR A N   1 
ATOM   113  C  CA  . THR A 1 15  ? 6.343   1.110   -11.717 1.00 12.79 ? 15  THR A CA  1 
ATOM   114  C  C   . THR A 1 15  ? 6.124   0.206   -10.510 1.00 11.85 ? 15  THR A C   1 
ATOM   115  O  O   . THR A 1 15  ? 6.752   0.390   -9.464  1.00 10.84 ? 15  THR A O   1 
ATOM   116  C  CB  . THR A 1 15  ? 7.359   0.401   -12.636 1.00 11.89 ? 15  THR A CB  1 
ATOM   117  O  OG1 . THR A 1 15  ? 8.646   0.419   -12.010 1.00 13.17 ? 15  THR A OG1 1 
ATOM   118  C  CG2 . THR A 1 15  ? 7.420   1.046   -14.028 1.00 10.13 ? 15  THR A CG2 1 
ATOM   119  N  N   . TYR A 1 16  ? 5.208   -0.741  -10.644 1.00 11.67 ? 16  TYR A N   1 
ATOM   120  C  CA  . TYR A 1 16  ? 4.961   -1.689  -9.577  1.00 12.18 ? 16  TYR A CA  1 
ATOM   121  C  C   . TYR A 1 16  ? 4.802   -3.078  -10.157 1.00 12.39 ? 16  TYR A C   1 
ATOM   122  O  O   . TYR A 1 16  ? 4.478   -3.250  -11.334 1.00 12.43 ? 16  TYR A O   1 
ATOM   123  C  CB  . TYR A 1 16  ? 3.722   -1.322  -8.746  1.00 12.22 ? 16  TYR A CB  1 
ATOM   124  C  CG  . TYR A 1 16  ? 2.382   -1.511  -9.432  1.00 14.38 ? 16  TYR A CG  1 
ATOM   125  C  CD1 . TYR A 1 16  ? 1.667   -2.718  -9.320  1.00 13.84 ? 16  TYR A CD1 1 
ATOM   126  C  CD2 . TYR A 1 16  ? 1.771   -0.442  -10.109 1.00 14.79 ? 16  TYR A CD2 1 
ATOM   127  C  CE1 . TYR A 1 16  ? 0.379   -2.842  -9.865  1.00 15.46 ? 16  TYR A CE1 1 
ATOM   128  C  CE2 . TYR A 1 16  ? 0.488   -0.561  -10.656 1.00 15.42 ? 16  TYR A CE2 1 
ATOM   129  C  CZ  . TYR A 1 16  ? -0.207  -1.757  -10.521 1.00 16.36 ? 16  TYR A CZ  1 
ATOM   130  O  OH  . TYR A 1 16  ? -1.498  -1.836  -11.004 1.00 18.20 ? 16  TYR A OH  1 
ATOM   131  N  N   . ARG A 1 17  ? 5.023   -4.077  -9.321  1.00 12.69 ? 17  ARG A N   1 
ATOM   132  C  CA  . ARG A 1 17  ? 4.871   -5.436  -9.781  1.00 13.31 ? 17  ARG A CA  1 
ATOM   133  C  C   . ARG A 1 17  ? 4.324   -6.316  -8.676  1.00 13.21 ? 17  ARG A C   1 
ATOM   134  O  O   . ARG A 1 17  ? 4.720   -6.180  -7.517  1.00 11.93 ? 17  ARG A O   1 
ATOM   135  C  CB  . ARG A 1 17  ? 6.212   -5.970  -10.276 1.00 15.17 ? 17  ARG A CB  1 
ATOM   136  C  CG  . ARG A 1 17  ? 6.145   -7.364  -10.797 1.00 16.61 ? 17  ARG A CG  1 
ATOM   137  C  CD  . ARG A 1 17  ? 7.476   -7.761  -11.338 1.00 20.66 ? 17  ARG A CD  1 
ATOM   138  N  NE  . ARG A 1 17  ? 7.484   -9.182  -11.629 1.00 25.03 ? 17  ARG A NE  1 
ATOM   139  C  CZ  . ARG A 1 17  ? 8.498   -9.995  -11.367 1.00 27.91 ? 17  ARG A CZ  1 
ATOM   140  N  NH1 . ARG A 1 17  ? 9.609   -9.518  -10.819 1.00 27.88 ? 17  ARG A NH1 1 
ATOM   141  N  NH2 . ARG A 1 17  ? 8.407   -11.288 -11.675 1.00 30.58 ? 17  ARG A NH2 1 
ATOM   142  N  N   . ILE A 1 18  ? 3.352   -7.155  -9.025  1.00 13.97 ? 18  ILE A N   1 
ATOM   143  C  CA  . ILE A 1 18  ? 2.764   -8.099  -8.078  1.00 14.76 ? 18  ILE A CA  1 
ATOM   144  C  C   . ILE A 1 18  ? 3.559   -9.391  -8.298  1.00 15.54 ? 18  ILE A C   1 
ATOM   145  O  O   . ILE A 1 18  ? 3.429   -10.040 -9.335  1.00 15.25 ? 18  ILE A O   1 
ATOM   146  C  CB  . ILE A 1 18  ? 1.244   -8.288  -8.348  1.00 15.05 ? 18  ILE A CB  1 
ATOM   147  C  CG1 . ILE A 1 18  ? 0.534   -6.933  -8.297  1.00 14.27 ? 18  ILE A CG1 1 
ATOM   148  C  CG2 . ILE A 1 18  ? 0.618   -9.167  -7.283  1.00 14.99 ? 18  ILE A CG2 1 
ATOM   149  C  CD1 . ILE A 1 18  ? -0.961  -7.019  -8.536  1.00 13.94 ? 18  ILE A CD1 1 
ATOM   150  N  N   . GLU A 1 19  ? 4.471   -9.668  -7.370  1.00 16.36 ? 19  GLU A N   1 
ATOM   151  C  CA  . GLU A 1 19  ? 5.350   -10.839 -7.425  1.00 18.14 ? 19  GLU A CA  1 
ATOM   152  C  C   . GLU A 1 19  ? 4.683   -12.201 -7.331  1.00 18.21 ? 19  GLU A C   1 
ATOM   153  O  O   . GLU A 1 19  ? 5.133   -13.149 -7.972  1.00 18.43 ? 19  GLU A O   1 
ATOM   154  C  CB  . GLU A 1 19  ? 6.397   -10.775 -6.327  1.00 19.68 ? 19  GLU A CB  1 
ATOM   155  C  CG  . GLU A 1 19  ? 7.282   -9.585  -6.380  1.00 23.57 ? 19  GLU A CG  1 
ATOM   156  C  CD  . GLU A 1 19  ? 8.469   -9.770  -5.465  1.00 26.50 ? 19  GLU A CD  1 
ATOM   157  O  OE1 . GLU A 1 19  ? 9.241   -10.706 -5.732  1.00 27.87 ? 19  GLU A OE1 1 
ATOM   158  O  OE2 . GLU A 1 19  ? 8.623   -9.003  -4.487  1.00 26.71 ? 19  GLU A OE2 1 
ATOM   159  N  N   . ASN A 1 20  ? 3.736   -12.336 -6.407  1.00 18.25 ? 20  ASN A N   1 
ATOM   160  C  CA  . ASN A 1 20  ? 2.988   -13.578 -6.258  1.00 18.11 ? 20  ASN A CA  1 
ATOM   161  C  C   . ASN A 1 20  ? 1.568   -13.212 -5.859  1.00 18.05 ? 20  ASN A C   1 
ATOM   162  O  O   . ASN A 1 20  ? 1.303   -12.084 -5.429  1.00 18.31 ? 20  ASN A O   1 
ATOM   163  C  CB  . ASN A 1 20  ? 3.648   -14.538 -5.254  1.00 16.99 ? 20  ASN A CB  1 
ATOM   164  C  CG  . ASN A 1 20  ? 3.515   -14.073 -3.829  1.00 17.18 ? 20  ASN A CG  1 
ATOM   165  O  OD1 . ASN A 1 20  ? 3.615   -12.879 -3.544  1.00 15.05 ? 20  ASN A OD1 1 
ATOM   166  N  ND2 . ASN A 1 20  ? 3.287   -15.016 -2.910  1.00 16.63 ? 20  ASN A ND2 1 
ATOM   167  N  N   . TYR A 1 21  ? 0.642   -14.139 -6.067  1.00 17.63 ? 21  TYR A N   1 
ATOM   168  C  CA  . TYR A 1 21  ? -0.763  -13.904 -5.765  1.00 18.08 ? 21  TYR A CA  1 
ATOM   169  C  C   . TYR A 1 21  ? -1.298  -14.701 -4.579  1.00 18.35 ? 21  TYR A C   1 
ATOM   170  O  O   . TYR A 1 21  ? -0.824  -15.792 -4.269  1.00 19.41 ? 21  TYR A O   1 
ATOM   171  C  CB  . TYR A 1 21  ? -1.612  -14.210 -7.001  1.00 16.92 ? 21  TYR A CB  1 
ATOM   172  C  CG  . TYR A 1 21  ? -1.513  -13.159 -8.074  1.00 16.00 ? 21  TYR A CG  1 
ATOM   173  C  CD1 . TYR A 1 21  ? -0.405  -13.101 -8.925  1.00 14.93 ? 21  TYR A CD1 1 
ATOM   174  C  CD2 . TYR A 1 21  ? -2.535  -12.232 -8.251  1.00 15.18 ? 21  TYR A CD2 1 
ATOM   175  C  CE1 . TYR A 1 21  ? -0.318  -12.128 -9.913  1.00 15.87 ? 21  TYR A CE1 1 
ATOM   176  C  CE2 . TYR A 1 21  ? -2.468  -11.266 -9.227  1.00 15.26 ? 21  TYR A CE2 1 
ATOM   177  C  CZ  . TYR A 1 21  ? -1.369  -11.223 -10.060 1.00 17.56 ? 21  TYR A CZ  1 
ATOM   178  O  OH  . TYR A 1 21  ? -1.329  -10.263 -11.037 1.00 21.51 ? 21  TYR A OH  1 
ATOM   179  N  N   . THR A 1 22  ? -2.294  -14.149 -3.906  1.00 17.82 ? 22  THR A N   1 
ATOM   180  C  CA  . THR A 1 22  ? -2.866  -14.868 -2.795  1.00 16.97 ? 22  THR A CA  1 
ATOM   181  C  C   . THR A 1 22  ? -3.914  -15.849 -3.318  1.00 16.72 ? 22  THR A C   1 
ATOM   182  O  O   . THR A 1 22  ? -4.689  -15.529 -4.218  1.00 16.73 ? 22  THR A O   1 
ATOM   183  C  CB  . THR A 1 22  ? -3.510  -13.927 -1.761  1.00 16.17 ? 22  THR A CB  1 
ATOM   184  O  OG1 . THR A 1 22  ? -4.188  -14.715 -0.782  1.00 16.06 ? 22  THR A OG1 1 
ATOM   185  C  CG2 . THR A 1 22  ? -4.508  -12.983 -2.409  1.00 16.33 ? 22  THR A CG2 1 
ATOM   186  N  N   . PRO A 1 23  ? -3.896  -17.090 -2.806  1.00 16.41 ? 23  PRO A N   1 
ATOM   187  C  CA  . PRO A 1 23  ? -4.879  -18.076 -3.253  1.00 15.01 ? 23  PRO A CA  1 
ATOM   188  C  C   . PRO A 1 23  ? -6.261  -17.772 -2.670  1.00 14.69 ? 23  PRO A C   1 
ATOM   189  O  O   . PRO A 1 23  ? -7.236  -18.429 -3.029  1.00 14.58 ? 23  PRO A O   1 
ATOM   190  C  CB  . PRO A 1 23  ? -4.311  -19.389 -2.710  1.00 15.43 ? 23  PRO A CB  1 
ATOM   191  C  CG  . PRO A 1 23  ? -3.535  -18.963 -1.481  1.00 15.84 ? 23  PRO A CG  1 
ATOM   192  C  CD  . PRO A 1 23  ? -2.847  -17.717 -1.971  1.00 16.58 ? 23  PRO A CD  1 
ATOM   193  N  N   . ASP A 1 24  ? -6.350  -16.779 -1.780  1.00 14.02 ? 24  ASP A N   1 
ATOM   194  C  CA  . ASP A 1 24  ? -7.624  -16.403 -1.144  1.00 12.96 ? 24  ASP A CA  1 
ATOM   195  C  C   . ASP A 1 24  ? -8.623  -15.768 -2.109  1.00 12.64 ? 24  ASP A C   1 
ATOM   196  O  O   . ASP A 1 24  ? -9.831  -15.824 -1.893  1.00 12.17 ? 24  ASP A O   1 
ATOM   197  C  CB  . ASP A 1 24  ? -7.406  -15.381 -0.026  1.00 12.39 ? 24  ASP A CB  1 
ATOM   198  C  CG  . ASP A 1 24  ? -6.474  -15.868 1.067   1.00 13.00 ? 24  ASP A CG  1 
ATOM   199  O  OD1 . ASP A 1 24  ? -6.015  -17.025 1.028   1.00 11.90 ? 24  ASP A OD1 1 
ATOM   200  O  OD2 . ASP A 1 24  ? -6.194  -15.066 1.977   1.00 11.59 ? 24  ASP A OD2 1 
ATOM   201  N  N   . LEU A 1 25  ? -8.110  -15.106 -3.134  1.00 12.18 ? 25  LEU A N   1 
ATOM   202  C  CA  . LEU A 1 25  ? -8.963  -14.416 -4.079  1.00 11.92 ? 25  LEU A CA  1 
ATOM   203  C  C   . LEU A 1 25  ? -8.584  -14.737 -5.515  1.00 11.82 ? 25  LEU A C   1 
ATOM   204  O  O   . LEU A 1 25  ? -7.457  -15.151 -5.782  1.00 11.64 ? 25  LEU A O   1 
ATOM   205  C  CB  . LEU A 1 25  ? -8.855  -12.889 -3.862  1.00 11.88 ? 25  LEU A CB  1 
ATOM   206  C  CG  . LEU A 1 25  ? -9.408  -12.223 -2.595  1.00 12.21 ? 25  LEU A CG  1 
ATOM   207  C  CD1 . LEU A 1 25  ? -8.866  -10.812 -2.424  1.00 11.70 ? 25  LEU A CD1 1 
ATOM   208  C  CD2 . LEU A 1 25  ? -10.911 -12.190 -2.678  1.00 12.84 ? 25  LEU A CD2 1 
ATOM   209  N  N   . PRO A 1 26  ? -9.556  -14.620 -6.445  1.00 11.42 ? 26  PRO A N   1 
ATOM   210  C  CA  . PRO A 1 26  ? -9.259  -14.892 -7.856  1.00 11.92 ? 26  PRO A CA  1 
ATOM   211  C  C   . PRO A 1 26  ? -8.231  -13.843 -8.298  1.00 12.19 ? 26  PRO A C   1 
ATOM   212  O  O   . PRO A 1 26  ? -8.246  -12.704 -7.795  1.00 13.03 ? 26  PRO A O   1 
ATOM   213  C  CB  . PRO A 1 26  ? -10.614 -14.658 -8.546  1.00 12.46 ? 26  PRO A CB  1 
ATOM   214  C  CG  . PRO A 1 26  ? -11.624 -15.004 -7.463  1.00 11.59 ? 26  PRO A CG  1 
ATOM   215  C  CD  . PRO A 1 26  ? -10.996 -14.380 -6.228  1.00 11.31 ? 26  PRO A CD  1 
ATOM   216  N  N   . ARG A 1 27  ? -7.387  -14.185 -9.256  1.00 12.17 ? 27  ARG A N   1 
ATOM   217  C  CA  . ARG A 1 27  ? -6.351  -13.270 -9.739  1.00 13.81 ? 27  ARG A CA  1 
ATOM   218  C  C   . ARG A 1 27  ? -6.857  -11.858 -10.103 1.00 13.13 ? 27  ARG A C   1 
ATOM   219  O  O   . ARG A 1 27  ? -6.252  -10.852 -9.730  1.00 13.35 ? 27  ARG A O   1 
ATOM   220  C  CB  . ARG A 1 27  ? -5.633  -13.892 -10.950 1.00 17.69 ? 27  ARG A CB  1 
ATOM   221  C  CG  . ARG A 1 27  ? -4.435  -13.086 -11.474 1.00 24.09 ? 27  ARG A CG  1 
ATOM   222  C  CD  . ARG A 1 27  ? -3.833  -13.724 -12.724 1.00 30.42 ? 27  ARG A CD  1 
ATOM   223  N  NE  . ARG A 1 27  ? -3.471  -15.135 -12.510 1.00 36.51 ? 27  ARG A NE  1 
ATOM   224  C  CZ  . ARG A 1 27  ? -2.329  -15.546 -11.956 1.00 39.22 ? 27  ARG A CZ  1 
ATOM   225  N  NH1 . ARG A 1 27  ? -1.419  -14.656 -11.572 1.00 40.13 ? 27  ARG A NH1 1 
ATOM   226  N  NH2 . ARG A 1 27  ? -2.087  -16.848 -11.802 1.00 41.13 ? 27  ARG A NH2 1 
ATOM   227  N  N   . ALA A 1 28  ? -7.978  -11.783 -10.807 1.00 12.66 ? 28  ALA A N   1 
ATOM   228  C  CA  . ALA A 1 28  ? -8.545  -10.513 -11.228 1.00 12.45 ? 28  ALA A CA  1 
ATOM   229  C  C   . ALA A 1 28  ? -8.915  -9.590  -10.078 1.00 12.46 ? 28  ALA A C   1 
ATOM   230  O  O   . ALA A 1 28  ? -8.826  -8.367  -10.215 1.00 12.55 ? 28  ALA A O   1 
ATOM   231  C  CB  . ALA A 1 28  ? -9.768  -10.750 -12.119 1.00 11.96 ? 28  ALA A CB  1 
ATOM   232  N  N   . ASP A 1 29  ? -9.344  -10.164 -8.960  1.00 12.32 ? 29  ASP A N   1 
ATOM   233  C  CA  . ASP A 1 29  ? -9.742  -9.364  -7.803  1.00 12.34 ? 29  ASP A CA  1 
ATOM   234  C  C   . ASP A 1 29  ? -8.550  -8.789  -7.068  1.00 12.60 ? 29  ASP A C   1 
ATOM   235  O  O   . ASP A 1 29  ? -8.669  -7.774  -6.369  1.00 13.23 ? 29  ASP A O   1 
ATOM   236  C  CB  . ASP A 1 29  ? -10.622 -10.183 -6.864  1.00 12.70 ? 29  ASP A CB  1 
ATOM   237  C  CG  . ASP A 1 29  ? -12.004 -10.469 -7.460  1.00 15.71 ? 29  ASP A CG  1 
ATOM   238  O  OD1 . ASP A 1 29  ? -12.385 -9.813  -8.462  1.00 17.34 ? 29  ASP A OD1 1 
ATOM   239  O  OD2 . ASP A 1 29  ? -12.718 -11.340 -6.924  1.00 17.38 ? 29  ASP A OD2 1 
ATOM   240  N  N   . VAL A 1 30  ? -7.413  -9.477  -7.177  1.00 12.19 ? 30  VAL A N   1 
ATOM   241  C  CA  . VAL A 1 30  ? -6.185  -9.012  -6.554  1.00 11.72 ? 30  VAL A CA  1 
ATOM   242  C  C   . VAL A 1 30  ? -5.671  -7.855  -7.435  1.00 12.20 ? 30  VAL A C   1 
ATOM   243  O  O   . VAL A 1 30  ? -5.412  -6.755  -6.936  1.00 11.40 ? 30  VAL A O   1 
ATOM   244  C  CB  . VAL A 1 30  ? -5.163  -10.170 -6.405  1.00 11.53 ? 30  VAL A CB  1 
ATOM   245  C  CG1 . VAL A 1 30  ? -3.838  -9.664  -5.839  1.00 10.02 ? 30  VAL A CG1 1 
ATOM   246  C  CG2 . VAL A 1 30  ? -5.749  -11.235 -5.476  1.00 10.96 ? 30  VAL A CG2 1 
ATOM   247  N  N   . ASP A 1 31  ? -5.634  -8.062  -8.752  1.00 12.49 ? 31  ASP A N   1 
ATOM   248  C  CA  . ASP A 1 31  ? -5.193  -7.011  -9.673  1.00 13.33 ? 31  ASP A CA  1 
ATOM   249  C  C   . ASP A 1 31  ? -6.046  -5.754  -9.495  1.00 14.46 ? 31  ASP A C   1 
ATOM   250  O  O   . ASP A 1 31  ? -5.521  -4.637  -9.444  1.00 14.83 ? 31  ASP A O   1 
ATOM   251  C  CB  . ASP A 1 31  ? -5.328  -7.462  -11.132 1.00 12.82 ? 31  ASP A CB  1 
ATOM   252  C  CG  . ASP A 1 31  ? -4.250  -8.437  -11.558 1.00 14.27 ? 31  ASP A CG  1 
ATOM   253  O  OD1 . ASP A 1 31  ? -3.142  -8.422  -10.996 1.00 13.54 ? 31  ASP A OD1 1 
ATOM   254  O  OD2 . ASP A 1 31  ? -4.513  -9.221  -12.490 1.00 20.44 ? 31  ASP A OD2 1 
ATOM   255  N  N   . HIS A 1 32  ? -7.366  -5.935  -9.413  1.00 14.49 ? 32  HIS A N   1 
ATOM   256  C  CA  . HIS A 1 32  ? -8.305  -4.830  -9.261  1.00 15.03 ? 32  HIS A CA  1 
ATOM   257  C  C   . HIS A 1 32  ? -8.079  -4.043  -7.965  1.00 15.08 ? 32  HIS A C   1 
ATOM   258  O  O   . HIS A 1 32  ? -8.002  -2.810  -7.985  1.00 15.88 ? 32  HIS A O   1 
ATOM   259  C  CB  . HIS A 1 32  ? -9.735  -5.375  -9.318  1.00 16.93 ? 32  HIS A CB  1 
ATOM   260  C  CG  . HIS A 1 32  ? -10.798 -4.316  -9.333  1.00 20.34 ? 32  HIS A CG  1 
ATOM   261  N  ND1 . HIS A 1 32  ? -10.856 -3.335  -10.305 1.00 22.45 ? 32  HIS A ND1 1 
ATOM   262  C  CD2 . HIS A 1 32  ? -11.840 -4.090  -8.502  1.00 20.93 ? 32  HIS A CD2 1 
ATOM   263  C  CE1 . HIS A 1 32  ? -11.889 -2.545  -10.068 1.00 21.15 ? 32  HIS A CE1 1 
ATOM   264  N  NE2 . HIS A 1 32  ? -12.502 -2.978  -8.981  1.00 22.97 ? 32  HIS A NE2 1 
ATOM   265  N  N   . ALA A 1 33  ? -7.938  -4.772  -6.858  1.00 14.09 ? 33  ALA A N   1 
ATOM   266  C  CA  . ALA A 1 33  ? -7.715  -4.202  -5.533  1.00 12.93 ? 33  ALA A CA  1 
ATOM   267  C  C   . ALA A 1 33  ? -6.452  -3.360  -5.457  1.00 12.64 ? 33  ALA A C   1 
ATOM   268  O  O   . ALA A 1 33  ? -6.437  -2.312  -4.806  1.00 12.11 ? 33  ALA A O   1 
ATOM   269  C  CB  . ALA A 1 33  ? -7.650  -5.316  -4.501  1.00 12.12 ? 33  ALA A CB  1 
ATOM   270  N  N   . ILE A 1 34  ? -5.395  -3.829  -6.124  1.00 13.00 ? 34  ILE A N   1 
ATOM   271  C  CA  . ILE A 1 34  ? -4.108  -3.129  -6.128  1.00 13.13 ? 34  ILE A CA  1 
ATOM   272  C  C   . ILE A 1 34  ? -4.133  -1.940  -7.069  1.00 13.16 ? 34  ILE A C   1 
ATOM   273  O  O   . ILE A 1 34  ? -3.621  -0.863  -6.720  1.00 13.04 ? 34  ILE A O   1 
ATOM   274  C  CB  . ILE A 1 34  ? -2.942  -4.071  -6.521  1.00 13.64 ? 34  ILE A CB  1 
ATOM   275  C  CG1 . ILE A 1 34  ? -2.798  -5.216  -5.507  1.00 15.17 ? 34  ILE A CG1 1 
ATOM   276  C  CG2 . ILE A 1 34  ? -1.642  -3.276  -6.659  1.00 11.04 ? 34  ILE A CG2 1 
ATOM   277  C  CD1 . ILE A 1 34  ? -2.458  -4.775  -4.113  1.00 16.13 ? 34  ILE A CD1 1 
ATOM   278  N  N   . GLU A 1 35  ? -4.757  -2.096  -8.223  1.00 13.24 ? 35  GLU A N   1 
ATOM   279  C  CA  . GLU A 1 35  ? -4.838  -1.020  -9.204  1.00 14.39 ? 35  GLU A CA  1 
ATOM   280  C  C   . GLU A 1 35  ? -5.691  0.135   -8.650  1.00 14.23 ? 35  GLU A C   1 
ATOM   281  O  O   . GLU A 1 35  ? -5.319  1.299   -8.782  1.00 14.53 ? 35  GLU A O   1 
ATOM   282  C  CB  . GLU A 1 35  ? -5.408  -1.531  -10.523 1.00 17.51 ? 35  GLU A CB  1 
ATOM   283  C  CG  . GLU A 1 35  ? -5.572  -0.450  -11.582 1.00 26.38 ? 35  GLU A CG  1 
ATOM   284  C  CD  . GLU A 1 35  ? -6.296  -0.937  -12.851 1.00 33.75 ? 35  GLU A CD  1 
ATOM   285  O  OE1 . GLU A 1 35  ? -6.312  -2.168  -13.113 1.00 36.54 ? 35  GLU A OE1 1 
ATOM   286  O  OE2 . GLU A 1 35  ? -6.846  -0.078  -13.588 1.00 37.80 ? 35  GLU A OE2 1 
ATOM   287  N  N   . LYS A 1 36  ? -6.815  -0.205  -8.016  1.00 14.19 ? 36  LYS A N   1 
ATOM   288  C  CA  . LYS A 1 36  ? -7.703  0.789   -7.417  1.00 14.35 ? 36  LYS A CA  1 
ATOM   289  C  C   . LYS A 1 36  ? -6.989  1.526   -6.279  1.00 12.88 ? 36  LYS A C   1 
ATOM   290  O  O   . LYS A 1 36  ? -7.161  2.719   -6.088  1.00 12.61 ? 36  LYS A O   1 
ATOM   291  C  CB  . LYS A 1 36  ? -8.968  0.114   -6.879  1.00 17.12 ? 36  LYS A CB  1 
ATOM   292  C  CG  . LYS A 1 36  ? -9.876  -0.430  -7.945  1.00 23.58 ? 36  LYS A CG  1 
ATOM   293  C  CD  . LYS A 1 36  ? -10.842 0.629   -8.460  1.00 31.07 ? 36  LYS A CD  1 
ATOM   294  C  CE  . LYS A 1 36  ? -12.096 0.737   -7.589  1.00 34.32 ? 36  LYS A CE  1 
ATOM   295  N  NZ  . LYS A 1 36  ? -13.132 1.579   -8.275  1.00 38.27 ? 36  LYS A NZ  1 
ATOM   296  N  N   . ALA A 1 37  ? -6.185  0.808   -5.514  1.00 12.10 ? 37  ALA A N   1 
ATOM   297  C  CA  . ALA A 1 37  ? -5.457  1.429   -4.423  1.00 11.92 ? 37  ALA A CA  1 
ATOM   298  C  C   . ALA A 1 37  ? -4.479  2.492   -4.954  1.00 12.14 ? 37  ALA A C   1 
ATOM   299  O  O   . ALA A 1 37  ? -4.394  3.584   -4.400  1.00 12.23 ? 37  ALA A O   1 
ATOM   300  C  CB  . ALA A 1 37  ? -4.735  0.380   -3.615  1.00 11.50 ? 37  ALA A CB  1 
ATOM   301  N  N   . PHE A 1 38  ? -3.786  2.189   -6.051  1.00 12.37 ? 38  PHE A N   1 
ATOM   302  C  CA  . PHE A 1 38  ? -2.846  3.142   -6.648  1.00 12.40 ? 38  PHE A CA  1 
ATOM   303  C  C   . PHE A 1 38  ? -3.576  4.360   -7.207  1.00 13.58 ? 38  PHE A C   1 
ATOM   304  O  O   . PHE A 1 38  ? -3.119  5.497   -7.083  1.00 14.00 ? 38  PHE A O   1 
ATOM   305  C  CB  . PHE A 1 38  ? -2.028  2.474   -7.761  1.00 10.87 ? 38  PHE A CB  1 
ATOM   306  C  CG  . PHE A 1 38  ? -0.779  1.777   -7.266  1.00 11.73 ? 38  PHE A CG  1 
ATOM   307  C  CD1 . PHE A 1 38  ? 0.236   2.499   -6.633  1.00 11.19 ? 38  PHE A CD1 1 
ATOM   308  C  CD2 . PHE A 1 38  ? -0.622  0.404   -7.417  1.00 9.49  ? 38  PHE A CD2 1 
ATOM   309  C  CE1 . PHE A 1 38  ? 1.389   1.854   -6.154  1.00 12.89 ? 38  PHE A CE1 1 
ATOM   310  C  CE2 . PHE A 1 38  ? 0.515   -0.249  -6.949  1.00 9.78  ? 38  PHE A CE2 1 
ATOM   311  C  CZ  . PHE A 1 38  ? 1.528   0.472   -6.318  1.00 11.89 ? 38  PHE A CZ  1 
ATOM   312  N  N   . GLN A 1 39  ? -4.737  4.108   -7.788  1.00 14.25 ? 39  GLN A N   1 
ATOM   313  C  CA  . GLN A 1 39  ? -5.561  5.129   -8.386  1.00 16.16 ? 39  GLN A CA  1 
ATOM   314  C  C   . GLN A 1 39  ? -5.957  6.191   -7.371  1.00 16.54 ? 39  GLN A C   1 
ATOM   315  O  O   . GLN A 1 39  ? -5.914  7.390   -7.678  1.00 16.30 ? 39  GLN A O   1 
ATOM   316  C  CB  . GLN A 1 39  ? -6.795  4.455   -8.950  1.00 20.20 ? 39  GLN A CB  1 
ATOM   317  C  CG  . GLN A 1 39  ? -7.697  5.310   -9.779  1.00 27.89 ? 39  GLN A CG  1 
ATOM   318  C  CD  . GLN A 1 39  ? -8.965  4.566   -10.186 1.00 34.40 ? 39  GLN A CD  1 
ATOM   319  O  OE1 . GLN A 1 39  ? -9.885  5.156   -10.746 1.00 38.42 ? 39  GLN A OE1 1 
ATOM   320  N  NE2 . GLN A 1 39  ? -9.018  3.260   -9.902  1.00 37.32 ? 39  GLN A NE2 1 
ATOM   321  N  N   . LEU A 1 40  ? -6.283  5.766   -6.150  1.00 16.22 ? 40  LEU A N   1 
ATOM   322  C  CA  . LEU A 1 40  ? -6.691  6.697   -5.095  1.00 16.13 ? 40  LEU A CA  1 
ATOM   323  C  C   . LEU A 1 40  ? -5.663  7.804   -4.869  1.00 16.21 ? 40  LEU A C   1 
ATOM   324  O  O   . LEU A 1 40  ? -6.002  8.986   -4.822  1.00 15.84 ? 40  LEU A O   1 
ATOM   325  C  CB  . LEU A 1 40  ? -6.906  5.958   -3.773  1.00 16.23 ? 40  LEU A CB  1 
ATOM   326  C  CG  . LEU A 1 40  ? -8.092  5.017   -3.550  1.00 15.97 ? 40  LEU A CG  1 
ATOM   327  C  CD1 . LEU A 1 40  ? -7.885  4.262   -2.243  1.00 16.81 ? 40  LEU A CD1 1 
ATOM   328  C  CD2 . LEU A 1 40  ? -9.372  5.822   -3.502  1.00 16.58 ? 40  LEU A CD2 1 
ATOM   329  N  N   . TRP A 1 41  ? -4.407  7.404   -4.717  1.00 16.31 ? 41  TRP A N   1 
ATOM   330  C  CA  . TRP A 1 41  ? -3.316  8.337   -4.468  1.00 16.57 ? 41  TRP A CA  1 
ATOM   331  C  C   . TRP A 1 41  ? -2.927  9.082   -5.724  1.00 17.57 ? 41  TRP A C   1 
ATOM   332  O  O   . TRP A 1 41  ? -2.361  10.162  -5.662  1.00 18.34 ? 41  TRP A O   1 
ATOM   333  C  CB  . TRP A 1 41  ? -2.090  7.588   -3.947  1.00 14.86 ? 41  TRP A CB  1 
ATOM   334  C  CG  . TRP A 1 41  ? -2.301  6.865   -2.655  1.00 13.66 ? 41  TRP A CG  1 
ATOM   335  C  CD1 . TRP A 1 41  ? -2.339  5.507   -2.463  1.00 12.67 ? 41  TRP A CD1 1 
ATOM   336  C  CD2 . TRP A 1 41  ? -2.473  7.460   -1.361  1.00 11.38 ? 41  TRP A CD2 1 
ATOM   337  N  NE1 . TRP A 1 41  ? -2.518  5.231   -1.131  1.00 11.11 ? 41  TRP A NE1 1 
ATOM   338  C  CE2 . TRP A 1 41  ? -2.604  6.401   -0.438  1.00 10.34 ? 41  TRP A CE2 1 
ATOM   339  C  CE3 . TRP A 1 41  ? -2.522  8.777   -0.905  1.00 9.41  ? 41  TRP A CE3 1 
ATOM   340  C  CZ2 . TRP A 1 41  ? -2.786  6.629   0.924   1.00 10.04 ? 41  TRP A CZ2 1 
ATOM   341  C  CZ3 . TRP A 1 41  ? -2.698  8.998   0.449   1.00 10.55 ? 41  TRP A CZ3 1 
ATOM   342  C  CH2 . TRP A 1 41  ? -2.829  7.925   1.350   1.00 9.46  ? 41  TRP A CH2 1 
ATOM   343  N  N   . SER A 1 42  ? -3.206  8.471   -6.861  1.00 18.24 ? 42  SER A N   1 
ATOM   344  C  CA  . SER A 1 42  ? -2.884  9.054   -8.139  1.00 19.22 ? 42  SER A CA  1 
ATOM   345  C  C   . SER A 1 42  ? -3.866  10.166  -8.481  1.00 19.32 ? 42  SER A C   1 
ATOM   346  O  O   . SER A 1 42  ? -3.540  11.092  -9.215  1.00 19.84 ? 42  SER A O   1 
ATOM   347  C  CB  . SER A 1 42  ? -2.953  7.977   -9.200  1.00 20.10 ? 42  SER A CB  1 
ATOM   348  O  OG  . SER A 1 42  ? -2.299  8.422   -10.352 1.00 26.04 ? 42  SER A OG  1 
ATOM   349  N  N   . ASN A 1 43  ? -5.078  10.064  -7.949  1.00 19.22 ? 43  ASN A N   1 
ATOM   350  C  CA  . ASN A 1 43  ? -6.106  11.071  -8.216  1.00 19.32 ? 43  ASN A CA  1 
ATOM   351  C  C   . ASN A 1 43  ? -5.748  12.447  -7.634  1.00 18.74 ? 43  ASN A C   1 
ATOM   352  O  O   . ASN A 1 43  ? -6.135  13.475  -8.183  1.00 19.04 ? 43  ASN A O   1 
ATOM   353  C  CB  . ASN A 1 43  ? -7.484  10.656  -7.640  1.00 19.60 ? 43  ASN A CB  1 
ATOM   354  C  CG  . ASN A 1 43  ? -8.203  9.563   -8.459  1.00 20.51 ? 43  ASN A CG  1 
ATOM   355  O  OD1 . ASN A 1 43  ? -9.068  8.865   -7.921  1.00 24.10 ? 43  ASN A OD1 1 
ATOM   356  N  ND2 . ASN A 1 43  ? -7.861  9.419   -9.728  1.00 20.42 ? 43  ASN A ND2 1 
ATOM   357  N  N   . VAL A 1 44  ? -4.988  12.482  -6.550  1.00 18.12 ? 44  VAL A N   1 
ATOM   358  C  CA  . VAL A 1 44  ? -4.696  13.770  -5.929  1.00 17.56 ? 44  VAL A CA  1 
ATOM   359  C  C   . VAL A 1 44  ? -3.282  14.305  -6.025  1.00 17.93 ? 44  VAL A C   1 
ATOM   360  O  O   . VAL A 1 44  ? -2.984  15.342  -5.425  1.00 17.50 ? 44  VAL A O   1 
ATOM   361  C  CB  . VAL A 1 44  ? -5.129  13.784  -4.438  1.00 16.75 ? 44  VAL A CB  1 
ATOM   362  C  CG1 . VAL A 1 44  ? -6.631  13.595  -4.325  1.00 14.83 ? 44  VAL A CG1 1 
ATOM   363  C  CG2 . VAL A 1 44  ? -4.388  12.705  -3.649  1.00 14.83 ? 44  VAL A CG2 1 
ATOM   364  N  N   . THR A 1 45  ? -2.429  13.627  -6.783  1.00 18.25 ? 45  THR A N   1 
ATOM   365  C  CA  . THR A 1 45  ? -1.030  14.045  -6.937  1.00 18.80 ? 45  THR A CA  1 
ATOM   366  C  C   . THR A 1 45  ? -0.596  13.915  -8.385  1.00 18.81 ? 45  THR A C   1 
ATOM   367  O  O   . THR A 1 45  ? -1.368  13.500  -9.238  1.00 19.47 ? 45  THR A O   1 
ATOM   368  C  CB  . THR A 1 45  ? -0.076  13.119  -6.131  1.00 19.15 ? 45  THR A CB  1 
ATOM   369  O  OG1 . THR A 1 45  ? -0.108  11.802  -6.706  1.00 18.79 ? 45  THR A OG1 1 
ATOM   370  C  CG2 . THR A 1 45  ? -0.474  13.048  -4.662  1.00 17.62 ? 45  THR A CG2 1 
ATOM   371  N  N   . PRO A 1 46  ? 0.625   14.349  -8.701  1.00 19.32 ? 46  PRO A N   1 
ATOM   372  C  CA  . PRO A 1 46  ? 1.013   14.184  -10.105 1.00 20.32 ? 46  PRO A CA  1 
ATOM   373  C  C   . PRO A 1 46  ? 1.645   12.788  -10.381 1.00 20.89 ? 46  PRO A C   1 
ATOM   374  O  O   . PRO A 1 46  ? 2.141   12.526  -11.482 1.00 20.90 ? 46  PRO A O   1 
ATOM   375  C  CB  . PRO A 1 46  ? 1.999   15.332  -10.318 1.00 20.15 ? 46  PRO A CB  1 
ATOM   376  C  CG  . PRO A 1 46  ? 2.623   15.495  -8.975  1.00 20.53 ? 46  PRO A CG  1 
ATOM   377  C  CD  . PRO A 1 46  ? 1.462   15.360  -8.031  1.00 19.60 ? 46  PRO A CD  1 
ATOM   378  N  N   . LEU A 1 47  ? 1.620   11.900  -9.381  1.00 21.04 ? 47  LEU A N   1 
ATOM   379  C  CA  . LEU A 1 47  ? 2.186   10.557  -9.523  1.00 20.69 ? 47  LEU A CA  1 
ATOM   380  C  C   . LEU A 1 47  ? 1.382   9.647   -10.464 1.00 20.25 ? 47  LEU A C   1 
ATOM   381  O  O   . LEU A 1 47  ? 0.146   9.714   -10.515 1.00 19.03 ? 47  LEU A O   1 
ATOM   382  C  CB  . LEU A 1 47  ? 2.286   9.870   -8.159  1.00 21.07 ? 47  LEU A CB  1 
ATOM   383  C  CG  . LEU A 1 47  ? 3.153   10.472  -7.052  1.00 22.72 ? 47  LEU A CG  1 
ATOM   384  C  CD1 . LEU A 1 47  ? 2.883   9.750   -5.755  1.00 23.06 ? 47  LEU A CD1 1 
ATOM   385  C  CD2 . LEU A 1 47  ? 4.612   10.371  -7.387  1.00 22.72 ? 47  LEU A CD2 1 
ATOM   386  N  N   . THR A 1 48  ? 2.101   8.823   -11.227 1.00 19.82 ? 48  THR A N   1 
ATOM   387  C  CA  . THR A 1 48  ? 1.485   7.852   -12.130 1.00 19.81 ? 48  THR A CA  1 
ATOM   388  C  C   . THR A 1 48  ? 2.144   6.507   -11.843 1.00 18.93 ? 48  THR A C   1 
ATOM   389  O  O   . THR A 1 48  ? 3.332   6.449   -11.499 1.00 18.16 ? 48  THR A O   1 
ATOM   390  C  CB  . THR A 1 48  ? 1.681   8.205   -13.630 1.00 20.65 ? 48  THR A CB  1 
ATOM   391  O  OG1 . THR A 1 48  ? 3.082   8.323   -13.924 1.00 24.08 ? 48  THR A OG1 1 
ATOM   392  C  CG2 . THR A 1 48  ? 0.980   9.503   -13.972 1.00 20.74 ? 48  THR A CG2 1 
ATOM   393  N  N   . PHE A 1 49  ? 1.371   5.433   -11.974 1.00 18.48 ? 49  PHE A N   1 
ATOM   394  C  CA  . PHE A 1 49  ? 1.874   4.102   -11.711 1.00 18.65 ? 49  PHE A CA  1 
ATOM   395  C  C   . PHE A 1 49  ? 1.648   3.203   -12.909 1.00 19.40 ? 49  PHE A C   1 
ATOM   396  O  O   . PHE A 1 49  ? 0.570   3.205   -13.498 1.00 19.80 ? 49  PHE A O   1 
ATOM   397  C  CB  . PHE A 1 49  ? 1.182   3.539   -10.475 1.00 17.64 ? 49  PHE A CB  1 
ATOM   398  C  CG  . PHE A 1 49  ? 1.312   4.424   -9.274  1.00 18.34 ? 49  PHE A CG  1 
ATOM   399  C  CD1 . PHE A 1 49  ? 2.443   4.372   -8.470  1.00 17.88 ? 49  PHE A CD1 1 
ATOM   400  C  CD2 . PHE A 1 49  ? 0.295   5.309   -8.937  1.00 18.76 ? 49  PHE A CD2 1 
ATOM   401  C  CE1 . PHE A 1 49  ? 2.566   5.208   -7.351  1.00 17.99 ? 49  PHE A CE1 1 
ATOM   402  C  CE2 . PHE A 1 49  ? 0.408   6.146   -7.824  1.00 18.14 ? 49  PHE A CE2 1 
ATOM   403  C  CZ  . PHE A 1 49  ? 1.545   6.086   -7.029  1.00 17.74 ? 49  PHE A CZ  1 
ATOM   404  N  N   . THR A 1 50  ? 2.674   2.437   -13.270 1.00 19.52 ? 50  THR A N   1 
ATOM   405  C  CA  . THR A 1 50  ? 2.613   1.525   -14.405 1.00 19.72 ? 50  THR A CA  1 
ATOM   406  C  C   . THR A 1 50  ? 2.945   0.115   -13.926 1.00 19.82 ? 50  THR A C   1 
ATOM   407  O  O   . THR A 1 50  ? 3.959   -0.096  -13.235 1.00 19.15 ? 50  THR A O   1 
ATOM   408  C  CB  . THR A 1 50  ? 3.605   1.973   -15.484 1.00 19.35 ? 50  THR A CB  1 
ATOM   409  O  OG1 . THR A 1 50  ? 3.309   3.326   -15.850 1.00 21.37 ? 50  THR A OG1 1 
ATOM   410  C  CG2 . THR A 1 50  ? 3.515   1.089   -16.712 1.00 19.51 ? 50  THR A CG2 1 
ATOM   411  N  N   . LYS A 1 51  ? 2.083   -0.840  -14.222 1.00 20.71 ? 51  LYS A N   1 
ATOM   412  C  CA  . LYS A 1 51  ? 2.289   -2.211  -13.793 1.00 21.88 ? 51  LYS A CA  1 
ATOM   413  C  C   . LYS A 1 51  ? 3.186   -2.997  -14.756 1.00 22.48 ? 51  LYS A C   1 
ATOM   414  O  O   . LYS A 1 51  ? 2.977   -2.974  -15.966 1.00 23.17 ? 51  LYS A O   1 
ATOM   415  C  CB  . LYS A 1 51  ? 0.952   -2.921  -13.629 1.00 22.99 ? 51  LYS A CB  1 
ATOM   416  C  CG  . LYS A 1 51  ? 1.073   -4.350  -13.144 1.00 26.51 ? 51  LYS A CG  1 
ATOM   417  C  CD  . LYS A 1 51  ? -0.289  -4.997  -12.996 1.00 29.64 ? 51  LYS A CD  1 
ATOM   418  C  CE  . LYS A 1 51  ? -0.135  -6.467  -12.714 1.00 32.27 ? 51  LYS A CE  1 
ATOM   419  N  NZ  . LYS A 1 51  ? -1.335  -7.223  -13.095 1.00 34.21 ? 51  LYS A NZ  1 
ATOM   420  N  N   . VAL A 1 52  ? 4.212   -3.641  -14.208 1.00 22.79 ? 52  VAL A N   1 
ATOM   421  C  CA  . VAL A 1 52  ? 5.114   -4.447  -15.014 1.00 23.45 ? 52  VAL A CA  1 
ATOM   422  C  C   . VAL A 1 52  ? 4.975   -5.912  -14.586 1.00 23.87 ? 52  VAL A C   1 
ATOM   423  O  O   . VAL A 1 52  ? 4.712   -6.206  -13.428 1.00 24.23 ? 52  VAL A O   1 
ATOM   424  C  CB  . VAL A 1 52  ? 6.595   -3.958  -14.896 1.00 23.35 ? 52  VAL A CB  1 
ATOM   425  C  CG1 . VAL A 1 52  ? 6.723   -2.558  -15.481 1.00 22.64 ? 52  VAL A CG1 1 
ATOM   426  C  CG2 . VAL A 1 52  ? 7.061   -3.964  -13.458 1.00 21.79 ? 52  VAL A CG2 1 
ATOM   427  N  N   . SER A 1 53  ? 5.083   -6.816  -15.548 1.00 24.91 ? 53  SER A N   1 
ATOM   428  C  CA  . SER A 1 53  ? 4.963   -8.252  -15.297 1.00 26.00 ? 53  SER A CA  1 
ATOM   429  C  C   . SER A 1 53  ? 6.315   -8.937  -15.091 1.00 25.70 ? 53  SER A C   1 
ATOM   430  O  O   . SER A 1 53  ? 6.394   -10.022 -14.517 1.00 25.73 ? 53  SER A O   1 
ATOM   431  C  CB  . SER A 1 53  ? 4.227   -8.898  -16.465 1.00 27.74 ? 53  SER A CB  1 
ATOM   432  O  OG  . SER A 1 53  ? 4.796   -8.431  -17.684 1.00 30.71 ? 53  SER A OG  1 
ATOM   433  N  N   . GLU A 1 54  ? 7.376   -8.361  -15.633 1.00 25.93 ? 54  GLU A N   1 
ATOM   434  C  CA  . GLU A 1 54  ? 8.682   -8.956  -15.427 1.00 26.84 ? 54  GLU A CA  1 
ATOM   435  C  C   . GLU A 1 54  ? 9.703   -7.902  -15.049 1.00 25.60 ? 54  GLU A C   1 
ATOM   436  O  O   . GLU A 1 54  ? 9.472   -6.707  -15.245 1.00 25.90 ? 54  GLU A O   1 
ATOM   437  C  CB  . GLU A 1 54  ? 9.131   -9.788  -16.637 1.00 30.43 ? 54  GLU A CB  1 
ATOM   438  C  CG  . GLU A 1 54  ? 8.754   -9.232  -18.014 1.00 35.83 ? 54  GLU A CG  1 
ATOM   439  C  CD  . GLU A 1 54  ? 9.326   -10.063 -19.174 1.00 39.67 ? 54  GLU A CD  1 
ATOM   440  O  OE1 . GLU A 1 54  ? 9.455   -11.310 -19.039 1.00 41.33 ? 54  GLU A OE1 1 
ATOM   441  O  OE2 . GLU A 1 54  ? 9.650   -9.456  -20.223 1.00 41.50 ? 54  GLU A OE2 1 
ATOM   442  N  N   . GLY A 1 55  ? 10.803  -8.336  -14.450 1.00 24.25 ? 55  GLY A N   1 
ATOM   443  C  CA  . GLY A 1 55  ? 11.844  -7.404  -14.053 1.00 22.48 ? 55  GLY A CA  1 
ATOM   444  C  C   . GLY A 1 55  ? 11.580  -6.638  -12.759 1.00 21.39 ? 55  GLY A C   1 
ATOM   445  O  O   . GLY A 1 55  ? 10.578  -6.826  -12.068 1.00 21.42 ? 55  GLY A O   1 
ATOM   446  N  N   . GLN A 1 56  ? 12.536  -5.793  -12.392 1.00 19.40 ? 56  GLN A N   1 
ATOM   447  C  CA  . GLN A 1 56  ? 12.408  -4.989  -11.188 1.00 17.77 ? 56  GLN A CA  1 
ATOM   448  C  C   . GLN A 1 56  ? 11.544  -3.729  -11.371 1.00 16.61 ? 56  GLN A C   1 
ATOM   449  O  O   . GLN A 1 56  ? 11.581  -3.070  -12.416 1.00 15.59 ? 56  GLN A O   1 
ATOM   450  C  CB  . GLN A 1 56  ? 13.793  -4.621  -10.650 1.00 18.51 ? 56  GLN A CB  1 
ATOM   451  C  CG  . GLN A 1 56  ? 14.647  -5.827  -10.233 1.00 20.03 ? 56  GLN A CG  1 
ATOM   452  C  CD  . GLN A 1 56  ? 14.002  -6.648  -9.128  1.00 21.19 ? 56  GLN A CD  1 
ATOM   453  O  OE1 . GLN A 1 56  ? 13.780  -6.150  -8.010  1.00 19.30 ? 56  GLN A OE1 1 
ATOM   454  N  NE2 . GLN A 1 56  ? 13.662  -7.903  -9.445  1.00 21.90 ? 56  GLN A NE2 1 
ATOM   455  N  N   . ALA A 1 57  ? 10.801  -3.394  -10.318 1.00 15.79 ? 57  ALA A N   1 
ATOM   456  C  CA  . ALA A 1 57  ? 9.916   -2.236  -10.283 1.00 15.46 ? 57  ALA A CA  1 
ATOM   457  C  C   . ALA A 1 57  ? 10.115  -1.492  -8.962  1.00 15.58 ? 57  ALA A C   1 
ATOM   458  O  O   . ALA A 1 57  ? 10.564  -2.077  -7.976  1.00 15.01 ? 57  ALA A O   1 
ATOM   459  C  CB  . ALA A 1 57  ? 8.457   -2.682  -10.417 1.00 14.36 ? 57  ALA A CB  1 
ATOM   460  N  N   . ASP A 1 58  ? 9.790   -0.199  -8.972  1.00 15.56 ? 58  ASP A N   1 
ATOM   461  C  CA  . ASP A 1 58  ? 9.912   0.653   -7.801  1.00 16.23 ? 58  ASP A CA  1 
ATOM   462  C  C   . ASP A 1 58  ? 9.206   0.072   -6.601  1.00 17.05 ? 58  ASP A C   1 
ATOM   463  O  O   . ASP A 1 58  ? 9.730   0.135   -5.497  1.00 18.25 ? 58  ASP A O   1 
ATOM   464  C  CB  . ASP A 1 58  ? 9.351   2.043   -8.099  1.00 15.20 ? 58  ASP A CB  1 
ATOM   465  C  CG  . ASP A 1 58  ? 10.099  2.742   -9.212  1.00 15.92 ? 58  ASP A CG  1 
ATOM   466  O  OD1 . ASP A 1 58  ? 11.295  3.016   -9.055  1.00 15.07 ? 58  ASP A OD1 1 
ATOM   467  O  OD2 . ASP A 1 58  ? 9.491   3.007   -10.261 1.00 15.68 ? 58  ASP A OD2 1 
ATOM   468  N  N   . ILE A 1 59  ? 8.010   -0.476  -6.810  1.00 16.95 ? 59  ILE A N   1 
ATOM   469  C  CA  . ILE A 1 59  ? 7.238   -1.045  -5.717  1.00 16.35 ? 59  ILE A CA  1 
ATOM   470  C  C   . ILE A 1 59  ? 6.910   -2.502  -5.970  1.00 16.43 ? 59  ILE A C   1 
ATOM   471  O  O   . ILE A 1 59  ? 6.100   -2.800  -6.853  1.00 17.15 ? 59  ILE A O   1 
ATOM   472  C  CB  . ILE A 1 59  ? 5.926   -0.242  -5.521  1.00 16.52 ? 59  ILE A CB  1 
ATOM   473  C  CG1 . ILE A 1 59  ? 6.264   1.193   -5.099  1.00 15.38 ? 59  ILE A CG1 1 
ATOM   474  C  CG2 . ILE A 1 59  ? 5.013   -0.923  -4.492  1.00 15.12 ? 59  ILE A CG2 1 
ATOM   475  C  CD1 . ILE A 1 59  ? 5.168   2.176   -5.346  1.00 16.17 ? 59  ILE A CD1 1 
ATOM   476  N  N   . MET A 1 60  ? 7.544   -3.415  -5.238  1.00 15.66 ? 60  MET A N   1 
ATOM   477  C  CA  . MET A 1 60  ? 7.254   -4.835  -5.412  1.00 15.93 ? 60  MET A CA  1 
ATOM   478  C  C   . MET A 1 60  ? 6.243   -5.262  -4.363  1.00 15.72 ? 60  MET A C   1 
ATOM   479  O  O   . MET A 1 60  ? 6.410   -4.964  -3.184  1.00 16.32 ? 60  MET A O   1 
ATOM   480  C  CB  . MET A 1 60  ? 8.506   -5.675  -5.252  1.00 17.65 ? 60  MET A CB  1 
ATOM   481  C  CG  . MET A 1 60  ? 9.607   -5.298  -6.193  1.00 22.28 ? 60  MET A CG  1 
ATOM   482  S  SD  . MET A 1 60  ? 9.336   -5.860  -7.848  1.00 25.39 ? 60  MET A SD  1 
ATOM   483  C  CE  . MET A 1 60  ? 10.890  -5.887  -8.239  1.00 28.58 ? 60  MET A CE  1 
ATOM   484  N  N   . ILE A 1 61  ? 5.236   -6.007  -4.779  1.00 14.76 ? 61  ILE A N   1 
ATOM   485  C  CA  . ILE A 1 61  ? 4.191   -6.467  -3.883  1.00 14.96 ? 61  ILE A CA  1 
ATOM   486  C  C   . ILE A 1 61  ? 4.173   -7.988  -3.765  1.00 14.80 ? 61  ILE A C   1 
ATOM   487  O  O   . ILE A 1 61  ? 4.247   -8.700  -4.765  1.00 15.15 ? 61  ILE A O   1 
ATOM   488  C  CB  . ILE A 1 61  ? 2.816   -5.968  -4.397  1.00 15.18 ? 61  ILE A CB  1 
ATOM   489  C  CG1 . ILE A 1 61  ? 2.774   -4.430  -4.328  1.00 15.94 ? 61  ILE A CG1 1 
ATOM   490  C  CG2 . ILE A 1 61  ? 1.664   -6.624  -3.629  1.00 14.94 ? 61  ILE A CG2 1 
ATOM   491  C  CD1 . ILE A 1 61  ? 1.812   -3.794  -5.293  1.00 15.37 ? 61  ILE A CD1 1 
ATOM   492  N  N   . SER A 1 62  ? 4.111   -8.495  -2.547  1.00 14.21 ? 62  SER A N   1 
ATOM   493  C  CA  . SER A 1 62  ? 4.057   -9.935  -2.377  1.00 14.21 ? 62  SER A CA  1 
ATOM   494  C  C   . SER A 1 62  ? 3.249   -10.367 -1.156  1.00 13.48 ? 62  SER A C   1 
ATOM   495  O  O   . SER A 1 62  ? 3.042   -9.585  -0.236  1.00 12.59 ? 62  SER A O   1 
ATOM   496  C  CB  . SER A 1 62  ? 5.469   -10.513 -2.302  1.00 14.84 ? 62  SER A CB  1 
ATOM   497  O  OG  . SER A 1 62  ? 6.212   -9.865  -1.297  1.00 16.77 ? 62  SER A OG  1 
ATOM   498  N  N   . PHE A 1 63  ? 2.789   -11.617 -1.186  1.00 13.87 ? 63  PHE A N   1 
ATOM   499  C  CA  . PHE A 1 63  ? 2.024   -12.257 -0.119  1.00 14.97 ? 63  PHE A CA  1 
ATOM   500  C  C   . PHE A 1 63  ? 2.959   -13.285 0.478   1.00 16.52 ? 63  PHE A C   1 
ATOM   501  O  O   . PHE A 1 63  ? 3.421   -14.191 -0.219  1.00 17.65 ? 63  PHE A O   1 
ATOM   502  C  CB  . PHE A 1 63  ? 0.773   -12.928 -0.682  1.00 13.04 ? 63  PHE A CB  1 
ATOM   503  C  CG  . PHE A 1 63  ? -0.187  -11.955 -1.278  1.00 12.24 ? 63  PHE A CG  1 
ATOM   504  C  CD1 . PHE A 1 63  ? -0.010  -11.494 -2.578  1.00 12.16 ? 63  PHE A CD1 1 
ATOM   505  C  CD2 . PHE A 1 63  ? -1.215  -11.433 -0.511  1.00 12.09 ? 63  PHE A CD2 1 
ATOM   506  C  CE1 . PHE A 1 63  ? -0.834  -10.511 -3.102  1.00 12.48 ? 63  PHE A CE1 1 
ATOM   507  C  CE2 . PHE A 1 63  ? -2.050  -10.448 -1.021  1.00 11.52 ? 63  PHE A CE2 1 
ATOM   508  C  CZ  . PHE A 1 63  ? -1.858  -9.989  -2.328  1.00 12.24 ? 63  PHE A CZ  1 
ATOM   509  N  N   . VAL A 1 64  ? 3.266   -13.106 1.758   1.00 17.70 ? 64  VAL A N   1 
ATOM   510  C  CA  . VAL A 1 64  ? 4.199   -13.960 2.474   1.00 18.46 ? 64  VAL A CA  1 
ATOM   511  C  C   . VAL A 1 64  ? 3.670   -14.272 3.865   1.00 19.85 ? 64  VAL A C   1 
ATOM   512  O  O   . VAL A 1 64  ? 2.727   -13.632 4.335   1.00 19.97 ? 64  VAL A O   1 
ATOM   513  C  CB  . VAL A 1 64  ? 5.523   -13.208 2.665   1.00 17.72 ? 64  VAL A CB  1 
ATOM   514  C  CG1 . VAL A 1 64  ? 6.264   -13.099 1.344   1.00 17.06 ? 64  VAL A CG1 1 
ATOM   515  C  CG2 . VAL A 1 64  ? 5.239   -11.811 3.215   1.00 16.52 ? 64  VAL A CG2 1 
ATOM   516  N  N   . ARG A 1 65  ? 4.253   -15.274 4.516   1.00 20.76 ? 65  ARG A N   1 
ATOM   517  C  CA  . ARG A 1 65  ? 3.855   -15.609 5.878   1.00 22.46 ? 65  ARG A CA  1 
ATOM   518  C  C   . ARG A 1 65  ? 5.080   -15.851 6.763   1.00 22.75 ? 65  ARG A C   1 
ATOM   519  O  O   . ARG A 1 65  ? 6.181   -16.091 6.263   1.00 23.14 ? 65  ARG A O   1 
ATOM   520  C  CB  . ARG A 1 65  ? 2.894   -16.804 5.918   1.00 23.48 ? 65  ARG A CB  1 
ATOM   521  C  CG  . ARG A 1 65  ? 3.380   -18.056 5.240   1.00 26.63 ? 65  ARG A CG  1 
ATOM   522  C  CD  . ARG A 1 65  ? 2.630   -19.291 5.760   1.00 31.39 ? 65  ARG A CD  1 
ATOM   523  N  NE  . ARG A 1 65  ? 1.185   -19.238 5.522   1.00 34.94 ? 65  ARG A NE  1 
ATOM   524  C  CZ  . ARG A 1 65  ? 0.585   -19.518 4.360   1.00 37.19 ? 65  ARG A CZ  1 
ATOM   525  N  NH1 . ARG A 1 65  ? 1.299   -19.864 3.288   1.00 39.05 ? 65  ARG A NH1 1 
ATOM   526  N  NH2 . ARG A 1 65  ? -0.740  -19.442 4.265   1.00 36.58 ? 65  ARG A NH2 1 
ATOM   527  N  N   . GLY A 1 66  ? 4.895   -15.703 8.074   1.00 22.76 ? 66  GLY A N   1 
ATOM   528  C  CA  . GLY A 1 66  ? 5.976   -15.922 9.015   1.00 22.09 ? 66  GLY A CA  1 
ATOM   529  C  C   . GLY A 1 66  ? 7.199   -15.086 8.725   1.00 22.67 ? 66  GLY A C   1 
ATOM   530  O  O   . GLY A 1 66  ? 7.082   -13.916 8.349   1.00 21.76 ? 66  GLY A O   1 
ATOM   531  N  N   . ASP A 1 67  ? 8.368   -15.687 8.939   1.00 23.61 ? 67  ASP A N   1 
ATOM   532  C  CA  . ASP A 1 67  ? 9.668   -15.057 8.709   1.00 24.11 ? 67  ASP A CA  1 
ATOM   533  C  C   . ASP A 1 67  ? 9.903   -15.051 7.202   1.00 23.38 ? 67  ASP A C   1 
ATOM   534  O  O   . ASP A 1 67  ? 9.913   -16.111 6.573   1.00 23.63 ? 67  ASP A O   1 
ATOM   535  C  CB  . ASP A 1 67  ? 10.754  -15.892 9.403   1.00 27.20 ? 67  ASP A CB  1 
ATOM   536  C  CG  . ASP A 1 67  ? 12.027  -15.104 9.682   1.00 31.67 ? 67  ASP A CG  1 
ATOM   537  O  OD1 . ASP A 1 67  ? 12.223  -14.006 9.111   1.00 33.83 ? 67  ASP A OD1 1 
ATOM   538  O  OD2 . ASP A 1 67  ? 12.838  -15.597 10.501  1.00 36.33 ? 67  ASP A OD2 1 
ATOM   539  N  N   . HIS A 1 68  ? 10.141  -13.877 6.625   1.00 22.39 ? 68  HIS A N   1 
ATOM   540  C  CA  . HIS A 1 68  ? 10.326  -13.786 5.181   1.00 22.14 ? 68  HIS A CA  1 
ATOM   541  C  C   . HIS A 1 68  ? 11.503  -12.898 4.768   1.00 23.20 ? 68  HIS A C   1 
ATOM   542  O  O   . HIS A 1 68  ? 11.386  -12.057 3.877   1.00 23.34 ? 68  HIS A O   1 
ATOM   543  C  CB  . HIS A 1 68  ? 9.004   -13.337 4.505   1.00 19.74 ? 68  HIS A CB  1 
ATOM   544  C  CG  . HIS A 1 68  ? 8.452   -12.044 5.038   1.00 16.63 ? 68  HIS A CG  1 
ATOM   545  N  ND1 . HIS A 1 68  ? 7.701   -11.938 6.188   1.00 15.75 ? 68  HIS A ND1 1 
ATOM   546  C  CD2 . HIS A 1 68  ? 8.605   -10.776 4.585   1.00 14.42 ? 68  HIS A CD2 1 
ATOM   547  C  CE1 . HIS A 1 68  ? 7.440   -10.644 6.404   1.00 14.79 ? 68  HIS A CE1 1 
ATOM   548  N  NE2 . HIS A 1 68  ? 7.966   -9.898  5.455   1.00 14.52 ? 68  HIS A NE2 1 
ATOM   549  N  N   . ARG A 1 69  ? 12.643  -13.101 5.423   1.00 24.55 ? 69  ARG A N   1 
ATOM   550  C  CA  . ARG A 1 69  ? 13.880  -12.365 5.138   1.00 26.37 ? 69  ARG A CA  1 
ATOM   551  C  C   . ARG A 1 69  ? 13.990  -10.904 5.607   1.00 26.56 ? 69  ARG A C   1 
ATOM   552  O  O   . ARG A 1 69  ? 14.942  -10.207 5.242   1.00 27.18 ? 69  ARG A O   1 
ATOM   553  C  CB  . ARG A 1 69  ? 14.292  -12.486 3.660   1.00 28.16 ? 69  ARG A CB  1 
ATOM   554  C  CG  . ARG A 1 69  ? 14.546  -13.918 3.170   1.00 34.09 ? 69  ARG A CG  1 
ATOM   555  C  CD  . ARG A 1 69  ? 15.137  -13.931 1.735   1.00 39.88 ? 69  ARG A CD  1 
ATOM   556  N  NE  . ARG A 1 69  ? 16.565  -13.600 1.736   1.00 44.60 ? 69  ARG A NE  1 
ATOM   557  C  CZ  . ARG A 1 69  ? 17.334  -13.464 0.651   1.00 48.31 ? 69  ARG A CZ  1 
ATOM   558  N  NH1 . ARG A 1 69  ? 16.820  -13.600 -0.574  1.00 48.77 ? 69  ARG A NH1 1 
ATOM   559  N  NH2 . ARG A 1 69  ? 18.628  -13.171 0.797   1.00 49.55 ? 69  ARG A NH2 1 
ATOM   560  N  N   . ASP A 1 70  ? 13.019  -10.411 6.368   1.00 26.42 ? 70  ASP A N   1 
ATOM   561  C  CA  . ASP A 1 70  ? 13.139  -9.053  6.904   1.00 25.80 ? 70  ASP A CA  1 
ATOM   562  C  C   . ASP A 1 70  ? 12.946  -9.072  8.416   1.00 25.57 ? 70  ASP A C   1 
ATOM   563  O  O   . ASP A 1 70  ? 12.529  -10.093 8.967   1.00 25.26 ? 70  ASP A O   1 
ATOM   564  C  CB  . ASP A 1 70  ? 12.280  -7.997  6.168   1.00 25.20 ? 70  ASP A CB  1 
ATOM   565  C  CG  . ASP A 1 70  ? 10.791  -8.161  6.369   1.00 23.91 ? 70  ASP A CG  1 
ATOM   566  O  OD1 . ASP A 1 70  ? 10.345  -8.690  7.409   1.00 23.41 ? 70  ASP A OD1 1 
ATOM   567  O  OD2 . ASP A 1 70  ? 10.056  -7.702  5.476   1.00 24.52 ? 70  ASP A OD2 1 
ATOM   568  N  N   . ASN A 1 71  ? 13.217  -7.954  9.076   1.00 25.67 ? 71  ASN A N   1 
ATOM   569  C  CA  . ASN A 1 71  ? 13.151  -7.904  10.535  1.00 26.26 ? 71  ASN A CA  1 
ATOM   570  C  C   . ASN A 1 71  ? 11.794  -7.956  11.232  1.00 25.59 ? 71  ASN A C   1 
ATOM   571  O  O   . ASN A 1 71  ? 11.747  -7.931  12.465  1.00 25.37 ? 71  ASN A O   1 
ATOM   572  C  CB  . ASN A 1 71  ? 13.983  -6.720  11.075  1.00 28.47 ? 71  ASN A CB  1 
ATOM   573  C  CG  . ASN A 1 71  ? 13.261  -5.372  10.958  1.00 31.29 ? 71  ASN A CG  1 
ATOM   574  O  OD1 . ASN A 1 71  ? 12.305  -5.224  10.196  1.00 32.30 ? 71  ASN A OD1 1 
ATOM   575  N  ND2 . ASN A 1 71  ? 13.738  -4.371  11.700  1.00 33.07 ? 71  ASN A ND2 1 
ATOM   576  N  N   . SER A 1 72  ? 10.703  -8.067  10.475  1.00 24.94 ? 72  SER A N   1 
ATOM   577  C  CA  . SER A 1 72  ? 9.375   -8.115  11.094  1.00 23.95 ? 72  SER A CA  1 
ATOM   578  C  C   . SER A 1 72  ? 8.568   -9.311  10.619  1.00 23.31 ? 72  SER A C   1 
ATOM   579  O  O   . SER A 1 72  ? 7.684   -9.164  9.778   1.00 23.41 ? 72  SER A O   1 
ATOM   580  C  CB  . SER A 1 72  ? 8.597   -6.839  10.785  1.00 23.96 ? 72  SER A CB  1 
ATOM   581  O  OG  . SER A 1 72  ? 9.441   -5.706  10.875  1.00 26.12 ? 72  SER A OG  1 
ATOM   582  N  N   . PRO A 1 73  ? 8.898   -10.526 11.105  1.00 22.88 ? 73  PRO A N   1 
ATOM   583  C  CA  . PRO A 1 73  ? 8.134   -11.695 10.665  1.00 22.03 ? 73  PRO A CA  1 
ATOM   584  C  C   . PRO A 1 73  ? 6.664   -11.572 11.000  1.00 21.38 ? 73  PRO A C   1 
ATOM   585  O  O   . PRO A 1 73  ? 6.283   -10.896 11.960  1.00 21.91 ? 73  PRO A O   1 
ATOM   586  C  CB  . PRO A 1 73  ? 8.808   -12.863 11.407  1.00 21.75 ? 73  PRO A CB  1 
ATOM   587  C  CG  . PRO A 1 73  ? 9.525   -12.225 12.532  1.00 22.33 ? 73  PRO A CG  1 
ATOM   588  C  CD  . PRO A 1 73  ? 10.044  -10.950 11.928  1.00 22.87 ? 73  PRO A CD  1 
ATOM   589  N  N   . PHE A 1 74  ? 5.837   -12.144 10.135  1.00 20.28 ? 74  PHE A N   1 
ATOM   590  C  CA  . PHE A 1 74  ? 4.409   -12.105 10.348  1.00 19.23 ? 74  PHE A CA  1 
ATOM   591  C  C   . PHE A 1 74  ? 3.985   -13.028 11.480  1.00 18.63 ? 74  PHE A C   1 
ATOM   592  O  O   . PHE A 1 74  ? 4.711   -13.940 11.853  1.00 18.52 ? 74  PHE A O   1 
ATOM   593  C  CB  . PHE A 1 74  ? 3.649   -12.316 9.037   1.00 18.94 ? 74  PHE A CB  1 
ATOM   594  C  CG  . PHE A 1 74  ? 3.561   -11.064 8.215   1.00 18.26 ? 74  PHE A CG  1 
ATOM   595  C  CD1 . PHE A 1 74  ? 3.054   -9.891  8.791   1.00 16.52 ? 74  PHE A CD1 1 
ATOM   596  C  CD2 . PHE A 1 74  ? 4.023   -11.033 6.900   1.00 15.99 ? 74  PHE A CD2 1 
ATOM   597  C  CE1 . PHE A 1 74  ? 3.001   -8.703  8.073   1.00 14.95 ? 74  PHE A CE1 1 
ATOM   598  C  CE2 . PHE A 1 74  ? 3.980   -9.853  6.169   1.00 16.22 ? 74  PHE A CE2 1 
ATOM   599  C  CZ  . PHE A 1 74  ? 3.471   -8.679  6.758   1.00 15.79 ? 74  PHE A CZ  1 
ATOM   600  N  N   . ASP A 1 75  ? 2.792   -12.785 12.003  1.00 18.22 ? 75  ASP A N   1 
ATOM   601  C  CA  . ASP A 1 75  ? 2.273   -13.481 13.165  1.00 17.42 ? 75  ASP A CA  1 
ATOM   602  C  C   . ASP A 1 75  ? 1.065   -14.410 13.021  1.00 17.37 ? 75  ASP A C   1 
ATOM   603  O  O   . ASP A 1 75  ? 0.385   -14.675 14.013  1.00 17.62 ? 75  ASP A O   1 
ATOM   604  C  CB  . ASP A 1 75  ? 1.908   -12.406 14.177  1.00 17.00 ? 75  ASP A CB  1 
ATOM   605  C  CG  . ASP A 1 75  ? 1.073   -11.293 13.563  1.00 18.81 ? 75  ASP A CG  1 
ATOM   606  O  OD1 . ASP A 1 75  ? 0.527   -11.458 12.447  1.00 21.08 ? 75  ASP A OD1 1 
ATOM   607  O  OD2 . ASP A 1 75  ? 0.965   -10.234 14.189  1.00 20.66 ? 75  ASP A OD2 1 
ATOM   608  N  N   . GLY A 1 76  ? 0.788   -14.925 11.827  1.00 16.33 ? 76  GLY A N   1 
ATOM   609  C  CA  . GLY A 1 76  ? -0.372  -15.781 11.697  1.00 15.62 ? 76  GLY A CA  1 
ATOM   610  C  C   . GLY A 1 76  ? -1.637  -14.953 11.598  1.00 15.70 ? 76  GLY A C   1 
ATOM   611  O  O   . GLY A 1 76  ? -1.534  -13.728 11.506  1.00 15.69 ? 76  GLY A O   1 
ATOM   612  N  N   . PRO A 1 77  ? -2.834  -15.570 11.616  1.00 15.57 ? 77  PRO A N   1 
ATOM   613  C  CA  . PRO A 1 77  ? -4.110  -14.845 11.520  1.00 15.47 ? 77  PRO A CA  1 
ATOM   614  C  C   . PRO A 1 77  ? -4.240  -13.769 12.592  1.00 15.60 ? 77  PRO A C   1 
ATOM   615  O  O   . PRO A 1 77  ? -3.956  -14.006 13.756  1.00 15.86 ? 77  PRO A O   1 
ATOM   616  C  CB  . PRO A 1 77  ? -5.157  -15.951 11.702  1.00 14.81 ? 77  PRO A CB  1 
ATOM   617  C  CG  . PRO A 1 77  ? -4.438  -17.199 11.238  1.00 15.59 ? 77  PRO A CG  1 
ATOM   618  C  CD  . PRO A 1 77  ? -3.060  -17.012 11.824  1.00 15.00 ? 77  PRO A CD  1 
ATOM   619  N  N   . GLY A 1 78  ? -4.722  -12.596 12.195  1.00 15.68 ? 78  GLY A N   1 
ATOM   620  C  CA  . GLY A 1 78  ? -4.873  -11.493 13.129  1.00 15.06 ? 78  GLY A CA  1 
ATOM   621  C  C   . GLY A 1 78  ? -3.573  -10.729 13.316  1.00 15.36 ? 78  GLY A C   1 
ATOM   622  O  O   . GLY A 1 78  ? -2.618  -10.850 12.522  1.00 15.38 ? 78  GLY A O   1 
ATOM   623  N  N   . GLY A 1 79  ? -3.540  -9.922  14.372  1.00 15.37 ? 79  GLY A N   1 
ATOM   624  C  CA  . GLY A 1 79  ? -2.359  -9.136  14.681  1.00 14.89 ? 79  GLY A CA  1 
ATOM   625  C  C   . GLY A 1 79  ? -1.996  -8.221  13.537  1.00 14.55 ? 79  GLY A C   1 
ATOM   626  O  O   . GLY A 1 79  ? -2.829  -7.424  13.096  1.00 14.51 ? 79  GLY A O   1 
ATOM   627  N  N   . ASN A 1 80  ? -0.748  -8.301  13.098  1.00 14.28 ? 80  ASN A N   1 
ATOM   628  C  CA  . ASN A 1 80  ? -0.281  -7.505  11.980  1.00 14.65 ? 80  ASN A CA  1 
ATOM   629  C  C   . ASN A 1 80  ? -0.781  -8.108  10.670  1.00 13.65 ? 80  ASN A C   1 
ATOM   630  O  O   . ASN A 1 80  ? -0.640  -9.309  10.439  1.00 12.87 ? 80  ASN A O   1 
ATOM   631  C  CB  . ASN A 1 80  ? 1.239   -7.409  12.000  1.00 17.02 ? 80  ASN A CB  1 
ATOM   632  C  CG  . ASN A 1 80  ? 1.724   -6.521  13.111  1.00 20.49 ? 80  ASN A CG  1 
ATOM   633  O  OD1 . ASN A 1 80  ? 1.446   -5.321  13.125  1.00 23.78 ? 80  ASN A OD1 1 
ATOM   634  N  ND2 . ASN A 1 80  ? 2.380   -7.114  14.096  1.00 22.06 ? 80  ASN A ND2 1 
ATOM   635  N  N   . LEU A 1 81  ? -1.359  -7.258  9.824   1.00 12.95 ? 81  LEU A N   1 
ATOM   636  C  CA  . LEU A 1 81  ? -1.923  -7.685  8.558   1.00 12.37 ? 81  LEU A CA  1 
ATOM   637  C  C   . LEU A 1 81  ? -0.978  -7.494  7.396   1.00 13.38 ? 81  LEU A C   1 
ATOM   638  O  O   . LEU A 1 81  ? -0.992  -8.279  6.431   1.00 14.39 ? 81  LEU A O   1 
ATOM   639  C  CB  . LEU A 1 81  ? -3.205  -6.915  8.280   1.00 10.90 ? 81  LEU A CB  1 
ATOM   640  C  CG  . LEU A 1 81  ? -4.295  -6.937  9.353   1.00 12.00 ? 81  LEU A CG  1 
ATOM   641  C  CD1 . LEU A 1 81  ? -5.453  -6.022  8.960   1.00 11.66 ? 81  LEU A CD1 1 
ATOM   642  C  CD2 . LEU A 1 81  ? -4.787  -8.339  9.558   1.00 11.03 ? 81  LEU A CD2 1 
ATOM   643  N  N   . ALA A 1 82  ? -0.162  -6.448  7.472   1.00 13.25 ? 82  ALA A N   1 
ATOM   644  C  CA  . ALA A 1 82  ? 0.773   -6.139  6.398   1.00 12.97 ? 82  ALA A CA  1 
ATOM   645  C  C   . ALA A 1 82  ? 1.722   -5.015  6.811   1.00 12.81 ? 82  ALA A C   1 
ATOM   646  O  O   . ALA A 1 82  ? 1.524   -4.384  7.844   1.00 13.57 ? 82  ALA A O   1 
ATOM   647  C  CB  . ALA A 1 82  ? -0.019  -5.716  5.155   1.00 11.76 ? 82  ALA A CB  1 
ATOM   648  N  N   . HIS A 1 83  ? 2.784   -4.816  6.043   1.00 12.34 ? 83  HIS A N   1 
ATOM   649  C  CA  . HIS A 1 83  ? 3.737   -3.735  6.277   1.00 12.92 ? 83  HIS A CA  1 
ATOM   650  C  C   . HIS A 1 83  ? 4.390   -3.318  4.962   1.00 13.26 ? 83  HIS A C   1 
ATOM   651  O  O   . HIS A 1 83  ? 4.336   -4.050  3.962   1.00 12.61 ? 83  HIS A O   1 
ATOM   652  C  CB  . HIS A 1 83  ? 4.787   -4.059  7.374   1.00 12.81 ? 83  HIS A CB  1 
ATOM   653  C  CG  . HIS A 1 83  ? 5.568   -5.324  7.163   1.00 13.38 ? 83  HIS A CG  1 
ATOM   654  N  ND1 . HIS A 1 83  ? 5.746   -6.287  8.130   1.00 12.93 ? 83  HIS A ND1 1 
ATOM   655  C  CD2 . HIS A 1 83  ? 6.304   -5.740  6.097   1.00 14.28 ? 83  HIS A CD2 1 
ATOM   656  C  CE1 . HIS A 1 83  ? 6.566   -7.234  7.648   1.00 13.21 ? 83  HIS A CE1 1 
ATOM   657  N  NE2 . HIS A 1 83  ? 6.937   -6.952  6.416   1.00 14.24 ? 83  HIS A NE2 1 
ATOM   658  N  N   . ALA A 1 84  ? 4.945   -2.115  4.938   1.00 13.64 ? 84  ALA A N   1 
ATOM   659  C  CA  . ALA A 1 84  ? 5.580   -1.609  3.730   1.00 15.49 ? 84  ALA A CA  1 
ATOM   660  C  C   . ALA A 1 84  ? 6.796   -0.770  4.085   1.00 16.96 ? 84  ALA A C   1 
ATOM   661  O  O   . ALA A 1 84  ? 6.895   -0.250  5.196   1.00 18.28 ? 84  ALA A O   1 
ATOM   662  C  CB  . ALA A 1 84  ? 4.576   -0.784  2.905   1.00 14.12 ? 84  ALA A CB  1 
ATOM   663  N  N   . PHE A 1 85  ? 7.728   -0.654  3.151   1.00 17.82 ? 85  PHE A N   1 
ATOM   664  C  CA  . PHE A 1 85  ? 8.949   0.119   3.356   1.00 19.19 ? 85  PHE A CA  1 
ATOM   665  C  C   . PHE A 1 85  ? 8.807   1.518   2.779   1.00 19.65 ? 85  PHE A C   1 
ATOM   666  O  O   . PHE A 1 85  ? 8.113   1.702   1.782   1.00 19.18 ? 85  PHE A O   1 
ATOM   667  C  CB  . PHE A 1 85  ? 10.123  -0.555  2.650   1.00 19.46 ? 85  PHE A CB  1 
ATOM   668  C  CG  . PHE A 1 85  ? 10.502  -1.872  3.235   1.00 22.67 ? 85  PHE A CG  1 
ATOM   669  C  CD1 . PHE A 1 85  ? 9.777   -3.029  2.931   1.00 23.53 ? 85  PHE A CD1 1 
ATOM   670  C  CD2 . PHE A 1 85  ? 11.604  -1.962  4.089   1.00 24.85 ? 85  PHE A CD2 1 
ATOM   671  C  CE1 . PHE A 1 85  ? 10.132  -4.257  3.475   1.00 24.88 ? 85  PHE A CE1 1 
ATOM   672  C  CE2 . PHE A 1 85  ? 11.982  -3.186  4.644   1.00 25.56 ? 85  PHE A CE2 1 
ATOM   673  C  CZ  . PHE A 1 85  ? 11.249  -4.341  4.334   1.00 26.55 ? 85  PHE A CZ  1 
ATOM   674  N  N   . GLN A 1 86  ? 9.483   2.491   3.388   1.00 20.29 ? 86  GLN A N   1 
ATOM   675  C  CA  . GLN A 1 86  ? 9.466   3.871   2.893   1.00 21.26 ? 86  GLN A CA  1 
ATOM   676  C  C   . GLN A 1 86  ? 10.272  3.926   1.577   1.00 20.94 ? 86  GLN A C   1 
ATOM   677  O  O   . GLN A 1 86  ? 11.055  3.020   1.291   1.00 20.94 ? 86  GLN A O   1 
ATOM   678  C  CB  . GLN A 1 86  ? 10.073  4.820   3.941   1.00 24.48 ? 86  GLN A CB  1 
ATOM   679  C  CG  . GLN A 1 86  ? 9.309   4.886   5.284   1.00 31.50 ? 86  GLN A CG  1 
ATOM   680  C  CD  . GLN A 1 86  ? 7.996   5.696   5.232   1.00 36.14 ? 86  GLN A CD  1 
ATOM   681  O  OE1 . GLN A 1 86  ? 7.944   6.834   5.713   1.00 39.65 ? 86  GLN A OE1 1 
ATOM   682  N  NE2 . GLN A 1 86  ? 6.928   5.093   4.692   1.00 36.72 ? 86  GLN A NE2 1 
ATOM   683  N  N   . PRO A 1 87  ? 10.072  4.975   0.756   1.00 21.13 ? 87  PRO A N   1 
ATOM   684  C  CA  . PRO A 1 87  ? 10.773  5.137   -0.527  1.00 21.52 ? 87  PRO A CA  1 
ATOM   685  C  C   . PRO A 1 87  ? 12.287  5.006   -0.469  1.00 22.53 ? 87  PRO A C   1 
ATOM   686  O  O   . PRO A 1 87  ? 12.922  5.487   0.470   1.00 23.20 ? 87  PRO A O   1 
ATOM   687  C  CB  . PRO A 1 87  ? 10.391  6.552   -0.944  1.00 20.88 ? 87  PRO A CB  1 
ATOM   688  C  CG  . PRO A 1 87  ? 9.019   6.698   -0.401  1.00 20.68 ? 87  PRO A CG  1 
ATOM   689  C  CD  . PRO A 1 87  ? 9.116   6.078   0.969   1.00 20.55 ? 87  PRO A CD  1 
ATOM   690  N  N   . GLY A 1 88  ? 12.861  4.408   -1.510  1.00 22.67 ? 88  GLY A N   1 
ATOM   691  C  CA  . GLY A 1 88  ? 14.303  4.229   -1.576  1.00 22.78 ? 88  GLY A CA  1 
ATOM   692  C  C   . GLY A 1 88  ? 14.714  3.076   -2.476  1.00 22.96 ? 88  GLY A C   1 
ATOM   693  O  O   . GLY A 1 88  ? 13.863  2.286   -2.865  1.00 23.18 ? 88  GLY A O   1 
ATOM   694  N  N   . PRO A 1 89  ? 16.009  2.927   -2.801  1.00 23.19 ? 89  PRO A N   1 
ATOM   695  C  CA  . PRO A 1 89  ? 16.428  1.826   -3.672  1.00 22.43 ? 89  PRO A CA  1 
ATOM   696  C  C   . PRO A 1 89  ? 16.146  0.449   -3.071  1.00 22.01 ? 89  PRO A C   1 
ATOM   697  O  O   . PRO A 1 89  ? 15.828  0.318   -1.882  1.00 22.54 ? 89  PRO A O   1 
ATOM   698  C  CB  . PRO A 1 89  ? 17.933  2.085   -3.861  1.00 22.77 ? 89  PRO A CB  1 
ATOM   699  C  CG  . PRO A 1 89  ? 18.335  2.794   -2.580  1.00 22.10 ? 89  PRO A CG  1 
ATOM   700  C  CD  . PRO A 1 89  ? 17.172  3.743   -2.384  1.00 23.67 ? 89  PRO A CD  1 
ATOM   701  N  N   . GLY A 1 90  ? 16.227  -0.558  -3.929  1.00 21.34 ? 90  GLY A N   1 
ATOM   702  C  CA  . GLY A 1 90  ? 16.008  -1.925  -3.523  1.00 21.37 ? 90  GLY A CA  1 
ATOM   703  C  C   . GLY A 1 90  ? 14.649  -2.253  -2.935  1.00 21.81 ? 90  GLY A C   1 
ATOM   704  O  O   . GLY A 1 90  ? 13.626  -2.213  -3.595  1.00 21.55 ? 90  GLY A O   1 
ATOM   705  N  N   . ILE A 1 91  ? 14.679  -2.619  -1.664  1.00 21.99 ? 91  ILE A N   1 
ATOM   706  C  CA  . ILE A 1 91  ? 13.505  -3.011  -0.915  1.00 21.90 ? 91  ILE A CA  1 
ATOM   707  C  C   . ILE A 1 91  ? 12.570  -1.822  -0.593  1.00 21.62 ? 91  ILE A C   1 
ATOM   708  O  O   . ILE A 1 91  ? 11.414  -2.019  -0.210  1.00 22.00 ? 91  ILE A O   1 
ATOM   709  C  CB  . ILE A 1 91  ? 13.987  -3.756  0.357   1.00 23.57 ? 91  ILE A CB  1 
ATOM   710  C  CG1 . ILE A 1 91  ? 12.976  -4.805  0.793   1.00 25.89 ? 91  ILE A CG1 1 
ATOM   711  C  CG2 . ILE A 1 91  ? 14.332  -2.773  1.468   1.00 22.63 ? 91  ILE A CG2 1 
ATOM   712  C  CD1 . ILE A 1 91  ? 13.517  -5.726  1.883   1.00 29.48 ? 91  ILE A CD1 1 
ATOM   713  N  N   . GLY A 1 92  ? 13.059  -0.598  -0.792  1.00 21.10 ? 92  GLY A N   1 
ATOM   714  C  CA  . GLY A 1 92  ? 12.265  0.591   -0.512  1.00 20.36 ? 92  GLY A CA  1 
ATOM   715  C  C   . GLY A 1 92  ? 10.970  0.630   -1.293  1.00 20.18 ? 92  GLY A C   1 
ATOM   716  O  O   . GLY A 1 92  ? 10.963  0.278   -2.464  1.00 20.59 ? 92  GLY A O   1 
ATOM   717  N  N   . GLY A 1 93  ? 9.873   1.016   -0.651  1.00 19.64 ? 93  GLY A N   1 
ATOM   718  C  CA  . GLY A 1 93  ? 8.588   1.084   -1.326  1.00 18.60 ? 93  GLY A CA  1 
ATOM   719  C  C   . GLY A 1 93  ? 7.844   -0.237  -1.421  1.00 18.13 ? 93  GLY A C   1 
ATOM   720  O  O   . GLY A 1 93  ? 6.649   -0.224  -1.690  1.00 17.84 ? 93  GLY A O   1 
ATOM   721  N  N   . ASP A 1 94  ? 8.527   -1.360  -1.200  1.00 17.64 ? 94  ASP A N   1 
ATOM   722  C  CA  . ASP A 1 94  ? 7.906   -2.684  -1.281  1.00 16.96 ? 94  ASP A CA  1 
ATOM   723  C  C   . ASP A 1 94  ? 6.840   -2.910  -0.213  1.00 16.49 ? 94  ASP A C   1 
ATOM   724  O  O   . ASP A 1 94  ? 6.983   -2.436  0.918   1.00 16.13 ? 94  ASP A O   1 
ATOM   725  C  CB  . ASP A 1 94  ? 8.972   -3.781  -1.175  1.00 16.26 ? 94  ASP A CB  1 
ATOM   726  C  CG  . ASP A 1 94  ? 9.892   -3.829  -2.386  1.00 17.00 ? 94  ASP A CG  1 
ATOM   727  O  OD1 . ASP A 1 94  ? 9.875   -2.910  -3.233  1.00 14.77 ? 94  ASP A OD1 1 
ATOM   728  O  OD2 . ASP A 1 94  ? 10.656  -4.797  -2.501  1.00 19.98 ? 94  ASP A OD2 1 
ATOM   729  N  N   . ALA A 1 95  ? 5.809   -3.678  -0.561  1.00 15.33 ? 95  ALA A N   1 
ATOM   730  C  CA  . ALA A 1 95  ? 4.722   -3.976  0.365   1.00 14.41 ? 95  ALA A CA  1 
ATOM   731  C  C   . ALA A 1 95  ? 4.558   -5.483  0.555   1.00 13.90 ? 95  ALA A C   1 
ATOM   732  O  O   . ALA A 1 95  ? 4.556   -6.235  -0.412  1.00 14.14 ? 95  ALA A O   1 
ATOM   733  C  CB  . ALA A 1 95  ? 3.411   -3.354  -0.145  1.00 13.48 ? 95  ALA A CB  1 
ATOM   734  N  N   . HIS A 1 96  ? 4.441   -5.915  1.805   1.00 13.12 ? 96  HIS A N   1 
ATOM   735  C  CA  . HIS A 1 96  ? 4.280   -7.324  2.116   1.00 12.44 ? 96  HIS A CA  1 
ATOM   736  C  C   . HIS A 1 96  ? 2.952   -7.517  2.850   1.00 12.29 ? 96  HIS A C   1 
ATOM   737  O  O   . HIS A 1 96  ? 2.671   -6.822  3.836   1.00 12.45 ? 96  HIS A O   1 
ATOM   738  C  CB  . HIS A 1 96  ? 5.408   -7.826  3.034   1.00 12.27 ? 96  HIS A CB  1 
ATOM   739  C  CG  . HIS A 1 96  ? 6.791   -7.655  2.482   1.00 14.62 ? 96  HIS A CG  1 
ATOM   740  N  ND1 . HIS A 1 96  ? 7.910   -7.768  3.282   1.00 15.14 ? 96  HIS A ND1 1 
ATOM   741  C  CD2 . HIS A 1 96  ? 7.187   -7.398  1.203   1.00 15.53 ? 96  HIS A CD2 1 
ATOM   742  C  CE1 . HIS A 1 96  ? 8.945   -7.584  2.492   1.00 15.30 ? 96  HIS A CE1 1 
ATOM   743  N  NE2 . HIS A 1 96  ? 8.560   -7.355  1.224   1.00 15.22 ? 96  HIS A NE2 1 
ATOM   744  N  N   . PHE A 1 97  ? 2.146   -8.466  2.374   1.00 11.24 ? 97  PHE A N   1 
ATOM   745  C  CA  . PHE A 1 97  ? 0.852   -8.790  2.975   1.00 10.41 ? 97  PHE A CA  1 
ATOM   746  C  C   . PHE A 1 97  ? 0.942   -10.158 3.643   1.00 9.72  ? 97  PHE A C   1 
ATOM   747  O  O   . PHE A 1 97  ? 1.564   -11.079 3.108   1.00 8.92  ? 97  PHE A O   1 
ATOM   748  C  CB  . PHE A 1 97  ? -0.259  -8.791  1.911   1.00 10.12 ? 97  PHE A CB  1 
ATOM   749  C  CG  . PHE A 1 97  ? -0.475  -7.457  1.277   1.00 9.44  ? 97  PHE A CG  1 
ATOM   750  C  CD1 . PHE A 1 97  ? 0.285   -7.067  0.186   1.00 11.91 ? 97  PHE A CD1 1 
ATOM   751  C  CD2 . PHE A 1 97  ? -1.399  -6.565  1.797   1.00 10.38 ? 97  PHE A CD2 1 
ATOM   752  C  CE1 . PHE A 1 97  ? 0.144   -5.779  -0.383  1.00 13.37 ? 97  PHE A CE1 1 
ATOM   753  C  CE2 . PHE A 1 97  ? -1.555  -5.283  1.249   1.00 11.70 ? 97  PHE A CE2 1 
ATOM   754  C  CZ  . PHE A 1 97  ? -0.778  -4.887  0.148   1.00 12.19 ? 97  PHE A CZ  1 
ATOM   755  N  N   . ASP A 1 98  ? 0.372   -10.272 4.835   1.00 9.96  ? 98  ASP A N   1 
ATOM   756  C  CA  . ASP A 1 98  ? 0.390   -11.526 5.572   1.00 10.24 ? 98  ASP A CA  1 
ATOM   757  C  C   . ASP A 1 98  ? -0.589  -12.517 4.937   1.00 11.09 ? 98  ASP A C   1 
ATOM   758  O  O   . ASP A 1 98  ? -1.806  -12.327 4.983   1.00 11.46 ? 98  ASP A O   1 
ATOM   759  C  CB  . ASP A 1 98  ? 0.016   -11.277 7.035   1.00 10.65 ? 98  ASP A CB  1 
ATOM   760  C  CG  . ASP A 1 98  ? 0.250   -12.503 7.936   1.00 12.77 ? 98  ASP A CG  1 
ATOM   761  O  OD1 . ASP A 1 98  ? 0.639   -13.583 7.419   1.00 12.92 ? 98  ASP A OD1 1 
ATOM   762  O  OD2 . ASP A 1 98  ? 0.045   -12.374 9.174   1.00 12.30 ? 98  ASP A OD2 1 
ATOM   763  N  N   . GLU A 1 99  ? -0.061  -13.602 4.391   1.00 11.42 ? 99  GLU A N   1 
ATOM   764  C  CA  . GLU A 1 99  ? -0.897  -14.606 3.757   1.00 12.54 ? 99  GLU A CA  1 
ATOM   765  C  C   . GLU A 1 99  ? -1.767  -15.410 4.757   1.00 12.94 ? 99  GLU A C   1 
ATOM   766  O  O   . GLU A 1 99  ? -2.799  -15.991 4.384   1.00 12.29 ? 99  GLU A O   1 
ATOM   767  C  CB  . GLU A 1 99  ? -0.037  -15.528 2.877   1.00 11.69 ? 99  GLU A CB  1 
ATOM   768  C  CG  . GLU A 1 99  ? -0.851  -16.514 2.058   1.00 11.90 ? 99  GLU A CG  1 
ATOM   769  C  CD  . GLU A 1 99  ? -1.972  -15.836 1.332   1.00 12.06 ? 99  GLU A CD  1 
ATOM   770  O  OE1 . GLU A 1 99  ? -1.667  -15.137 0.369   1.00 13.50 ? 99  GLU A OE1 1 
ATOM   771  O  OE2 . GLU A 1 99  ? -3.150  -15.967 1.740   1.00 12.95 ? 99  GLU A OE2 1 
ATOM   772  N  N   . ASP A 1 100 ? -1.372  -15.423 6.026   1.00 12.68 ? 100 ASP A N   1 
ATOM   773  C  CA  . ASP A 1 100 ? -2.148  -16.139 7.032   1.00 13.51 ? 100 ASP A CA  1 
ATOM   774  C  C   . ASP A 1 100 ? -3.489  -15.469 7.284   1.00 13.61 ? 100 ASP A C   1 
ATOM   775  O  O   . ASP A 1 100 ? -4.304  -15.983 8.057   1.00 14.32 ? 100 ASP A O   1 
ATOM   776  C  CB  . ASP A 1 100 ? -1.373  -16.271 8.339   1.00 14.77 ? 100 ASP A CB  1 
ATOM   777  C  CG  . ASP A 1 100 ? -0.324  -17.364 8.285   1.00 16.21 ? 100 ASP A CG  1 
ATOM   778  O  OD1 . ASP A 1 100 ? -0.487  -18.317 7.508   1.00 17.28 ? 100 ASP A OD1 1 
ATOM   779  O  OD2 . ASP A 1 100 ? 0.674   -17.268 9.011   1.00 17.68 ? 100 ASP A OD2 1 
ATOM   780  N  N   . GLU A 1 101 ? -3.683  -14.281 6.714   1.00 12.59 ? 101 GLU A N   1 
ATOM   781  C  CA  . GLU A 1 101 ? -4.967  -13.600 6.837   1.00 12.25 ? 101 GLU A CA  1 
ATOM   782  C  C   . GLU A 1 101 ? -5.882  -14.139 5.726   1.00 12.54 ? 101 GLU A C   1 
ATOM   783  O  O   . GLU A 1 101 ? -5.419  -14.765 4.760   1.00 11.78 ? 101 GLU A O   1 
ATOM   784  C  CB  . GLU A 1 101 ? -4.822  -12.082 6.642   1.00 10.94 ? 101 GLU A CB  1 
ATOM   785  C  CG  . GLU A 1 101 ? -3.721  -11.406 7.459   1.00 11.62 ? 101 GLU A CG  1 
ATOM   786  C  CD  . GLU A 1 101 ? -3.897  -11.551 8.959   1.00 11.75 ? 101 GLU A CD  1 
ATOM   787  O  OE1 . GLU A 1 101 ? -5.007  -11.885 9.413   1.00 13.11 ? 101 GLU A OE1 1 
ATOM   788  O  OE2 . GLU A 1 101 ? -2.916  -11.331 9.697   1.00 12.42 ? 101 GLU A OE2 1 
ATOM   789  N  N   . ARG A 1 102 ? -7.184  -13.940 5.887   1.00 13.03 ? 102 ARG A N   1 
ATOM   790  C  CA  . ARG A 1 102 ? -8.158  -14.335 4.866   1.00 14.25 ? 102 ARG A CA  1 
ATOM   791  C  C   . ARG A 1 102 ? -8.437  -13.038 4.107   1.00 14.01 ? 102 ARG A C   1 
ATOM   792  O  O   . ARG A 1 102 ? -9.099  -12.145 4.638   1.00 13.93 ? 102 ARG A O   1 
ATOM   793  C  CB  . ARG A 1 102 ? -9.453  -14.824 5.528   1.00 15.64 ? 102 ARG A CB  1 
ATOM   794  C  CG  . ARG A 1 102 ? -10.443 -15.548 4.597   1.00 17.68 ? 102 ARG A CG  1 
ATOM   795  C  CD  . ARG A 1 102 ? -11.656 -14.711 4.209   1.00 17.47 ? 102 ARG A CD  1 
ATOM   796  N  NE  . ARG A 1 102 ? -12.213 -13.917 5.314   1.00 17.89 ? 102 ARG A NE  1 
ATOM   797  C  CZ  . ARG A 1 102 ? -13.383 -14.147 5.913   1.00 17.87 ? 102 ARG A CZ  1 
ATOM   798  N  NH1 . ARG A 1 102 ? -14.133 -15.179 5.559   1.00 18.62 ? 102 ARG A NH1 1 
ATOM   799  N  NH2 . ARG A 1 102 ? -13.802 -13.345 6.882   1.00 16.77 ? 102 ARG A NH2 1 
ATOM   800  N  N   . TRP A 1 103 ? -7.905  -12.893 2.900   1.00 14.34 ? 103 TRP A N   1 
ATOM   801  C  CA  . TRP A 1 103 ? -8.130  -11.663 2.147   1.00 14.85 ? 103 TRP A CA  1 
ATOM   802  C  C   . TRP A 1 103 ? -9.447  -11.679 1.392   1.00 15.76 ? 103 TRP A C   1 
ATOM   803  O  O   . TRP A 1 103 ? -9.773  -12.659 0.731   1.00 16.06 ? 103 TRP A O   1 
ATOM   804  C  CB  . TRP A 1 103 ? -6.965  -11.402 1.208   1.00 12.50 ? 103 TRP A CB  1 
ATOM   805  C  CG  . TRP A 1 103 ? -5.713  -11.220 1.964   1.00 11.59 ? 103 TRP A CG  1 
ATOM   806  C  CD1 . TRP A 1 103 ? -4.689  -12.106 2.071   1.00 10.58 ? 103 TRP A CD1 1 
ATOM   807  C  CD2 . TRP A 1 103 ? -5.358  -10.093 2.774   1.00 10.37 ? 103 TRP A CD2 1 
ATOM   808  N  NE1 . TRP A 1 103 ? -3.718  -11.607 2.891   1.00 10.07 ? 103 TRP A NE1 1 
ATOM   809  C  CE2 . TRP A 1 103 ? -4.100  -10.374 3.335   1.00 10.76 ? 103 TRP A CE2 1 
ATOM   810  C  CE3 . TRP A 1 103 ? -5.987  -8.882  3.075   1.00 11.30 ? 103 TRP A CE3 1 
ATOM   811  C  CZ2 . TRP A 1 103 ? -3.448  -9.474  4.201   1.00 11.25 ? 103 TRP A CZ2 1 
ATOM   812  C  CZ3 . TRP A 1 103 ? -5.342  -7.992  3.930   1.00 12.40 ? 103 TRP A CZ3 1 
ATOM   813  C  CH2 . TRP A 1 103 ? -4.078  -8.296  4.484   1.00 11.37 ? 103 TRP A CH2 1 
ATOM   814  N  N   . THR A 1 104 ? -10.189 -10.575 1.465   1.00 16.14 ? 104 THR A N   1 
ATOM   815  C  CA  . THR A 1 104 ? -11.487 -10.497 0.807   1.00 16.90 ? 104 THR A CA  1 
ATOM   816  C  C   . THR A 1 104 ? -11.634 -9.358  -0.206  1.00 18.60 ? 104 THR A C   1 
ATOM   817  O  O   . THR A 1 104 ? -10.787 -8.453  -0.296  1.00 18.14 ? 104 THR A O   1 
ATOM   818  C  CB  . THR A 1 104 ? -12.623 -10.324 1.849   1.00 15.86 ? 104 THR A CB  1 
ATOM   819  O  OG1 . THR A 1 104 ? -12.606 -8.983  2.352   1.00 16.40 ? 104 THR A OG1 1 
ATOM   820  C  CG2 . THR A 1 104 ? -12.458 -11.281 3.016   1.00 13.91 ? 104 THR A CG2 1 
ATOM   821  N  N   . ASN A 1 105 ? -12.748 -9.402  -0.935  1.00 20.32 ? 105 ASN A N   1 
ATOM   822  C  CA  . ASN A 1 105 ? -13.111 -8.397  -1.921  1.00 22.17 ? 105 ASN A CA  1 
ATOM   823  C  C   . ASN A 1 105 ? -14.526 -7.940  -1.574  1.00 22.77 ? 105 ASN A C   1 
ATOM   824  O  O   . ASN A 1 105 ? -15.312 -7.629  -2.467  1.00 23.68 ? 105 ASN A O   1 
ATOM   825  C  CB  . ASN A 1 105 ? -13.110 -8.989  -3.324  1.00 24.59 ? 105 ASN A CB  1 
ATOM   826  C  CG  . ASN A 1 105 ? -14.043 -10.199 -3.453  1.00 30.13 ? 105 ASN A CG  1 
ATOM   827  O  OD1 . ASN A 1 105 ? -14.554 -10.731 -2.452  1.00 30.79 ? 105 ASN A OD1 1 
ATOM   828  N  ND2 . ASN A 1 105 ? -14.251 -10.655 -4.690  1.00 34.13 ? 105 ASN A ND2 1 
ATOM   829  N  N   . ASN A 1 106 ? -14.877 -7.981  -0.291  1.00 22.62 ? 106 ASN A N   1 
ATOM   830  C  CA  . ASN A 1 106 ? -16.203 -7.549  0.164   1.00 22.42 ? 106 ASN A CA  1 
ATOM   831  C  C   . ASN A 1 106 ? -16.052 -6.943  1.533   1.00 21.60 ? 106 ASN A C   1 
ATOM   832  O  O   . ASN A 1 106 ? -14.939 -6.643  1.933   1.00 21.47 ? 106 ASN A O   1 
ATOM   833  C  CB  . ASN A 1 106 ? -17.245 -8.699  0.154   1.00 24.80 ? 106 ASN A CB  1 
ATOM   834  C  CG  . ASN A 1 106 ? -16.910 -9.850  1.118   1.00 27.67 ? 106 ASN A CG  1 
ATOM   835  O  OD1 . ASN A 1 106 ? -15.926 -9.825  1.833   1.00 29.80 ? 106 ASN A OD1 1 
ATOM   836  N  ND2 . ASN A 1 106 ? -17.752 -10.869 1.120   1.00 30.71 ? 106 ASN A ND2 1 
ATOM   837  N  N   . PHE A 1 107 ? -17.138 -6.800  2.277   1.00 21.84 ? 107 PHE A N   1 
ATOM   838  C  CA  . PHE A 1 107 ? -17.047 -6.189  3.607   1.00 22.17 ? 107 PHE A CA  1 
ATOM   839  C  C   . PHE A 1 107 ? -16.517 -7.046  4.750   1.00 21.94 ? 107 PHE A C   1 
ATOM   840  O  O   . PHE A 1 107 ? -16.302 -6.527  5.843   1.00 21.89 ? 107 PHE A O   1 
ATOM   841  C  CB  . PHE A 1 107 ? -18.382 -5.564  4.024   1.00 22.65 ? 107 PHE A CB  1 
ATOM   842  C  CG  . PHE A 1 107 ? -19.456 -6.561  4.338   1.00 25.51 ? 107 PHE A CG  1 
ATOM   843  C  CD1 . PHE A 1 107 ? -20.187 -7.170  3.317   1.00 27.36 ? 107 PHE A CD1 1 
ATOM   844  C  CD2 . PHE A 1 107 ? -19.716 -6.924  5.656   1.00 26.33 ? 107 PHE A CD2 1 
ATOM   845  C  CE1 . PHE A 1 107 ? -21.179 -8.117  3.607   1.00 28.28 ? 107 PHE A CE1 1 
ATOM   846  C  CE2 . PHE A 1 107 ? -20.707 -7.868  5.953   1.00 28.50 ? 107 PHE A CE2 1 
ATOM   847  C  CZ  . PHE A 1 107 ? -21.431 -8.472  4.916   1.00 27.96 ? 107 PHE A CZ  1 
ATOM   848  N  N   . ARG A 1 108 ? -16.354 -8.346  4.544   1.00 21.58 ? 108 ARG A N   1 
ATOM   849  C  CA  . ARG A 1 108 ? -15.834 -9.189  5.624   1.00 22.06 ? 108 ARG A CA  1 
ATOM   850  C  C   . ARG A 1 108 ? -14.306 -9.031  5.774   1.00 21.03 ? 108 ARG A C   1 
ATOM   851  O  O   . ARG A 1 108 ? -13.603 -8.663  4.833   1.00 20.74 ? 108 ARG A O   1 
ATOM   852  C  CB  . ARG A 1 108 ? -16.279 -10.648 5.429   1.00 24.63 ? 108 ARG A CB  1 
ATOM   853  C  CG  . ARG A 1 108 ? -17.800 -10.771 5.421   1.00 29.88 ? 108 ARG A CG  1 
ATOM   854  C  CD  . ARG A 1 108 ? -18.329 -12.194 5.222   1.00 35.73 ? 108 ARG A CD  1 
ATOM   855  N  NE  . ARG A 1 108 ? -19.797 -12.226 5.218   1.00 40.65 ? 108 ARG A NE  1 
ATOM   856  C  CZ  . ARG A 1 108 ? -20.569 -12.076 6.301   1.00 42.00 ? 108 ARG A CZ  1 
ATOM   857  N  NH1 . ARG A 1 108 ? -20.025 -11.894 7.503   1.00 41.44 ? 108 ARG A NH1 1 
ATOM   858  N  NH2 . ARG A 1 108 ? -21.897 -12.114 6.184   1.00 43.04 ? 108 ARG A NH2 1 
ATOM   859  N  N   . GLU A 1 109 ? -13.810 -9.243  6.981   1.00 20.33 ? 109 GLU A N   1 
ATOM   860  C  CA  . GLU A 1 109 ? -12.391 -9.087  7.279   1.00 20.11 ? 109 GLU A CA  1 
ATOM   861  C  C   . GLU A 1 109 ? -11.545 -10.112 6.547   1.00 19.00 ? 109 GLU A C   1 
ATOM   862  O  O   . GLU A 1 109 ? -11.883 -11.291 6.556   1.00 19.08 ? 109 GLU A O   1 
ATOM   863  C  CB  . GLU A 1 109 ? -12.183 -9.215  8.789   1.00 22.06 ? 109 GLU A CB  1 
ATOM   864  C  CG  . GLU A 1 109 ? -12.997 -8.184  9.574   1.00 27.03 ? 109 GLU A CG  1 
ATOM   865  C  CD  . GLU A 1 109 ? -12.929 -8.356  11.080  1.00 32.82 ? 109 GLU A CD  1 
ATOM   866  O  OE1 . GLU A 1 109 ? -12.803 -9.506  11.563  1.00 35.17 ? 109 GLU A OE1 1 
ATOM   867  O  OE2 . GLU A 1 109 ? -13.019 -7.324  11.788  1.00 36.62 ? 109 GLU A OE2 1 
ATOM   868  N  N   . TYR A 1 110 ? -10.463 -9.699  5.884   1.00 17.27 ? 110 TYR A N   1 
ATOM   869  C  CA  . TYR A 1 110 ? -9.961  -8.335  5.750   1.00 14.70 ? 110 TYR A CA  1 
ATOM   870  C  C   . TYR A 1 110 ? -9.947  -7.958  4.279   1.00 13.56 ? 110 TYR A C   1 
ATOM   871  O  O   . TYR A 1 110 ? -9.424  -8.697  3.443   1.00 13.61 ? 110 TYR A O   1 
ATOM   872  C  CB  . TYR A 1 110 ? -8.545  -8.238  6.291   1.00 13.05 ? 110 TYR A CB  1 
ATOM   873  C  CG  . TYR A 1 110 ? -8.503  -8.461  7.754   1.00 13.47 ? 110 TYR A CG  1 
ATOM   874  C  CD1 . TYR A 1 110 ? -8.924  -7.466  8.619   1.00 13.34 ? 110 TYR A CD1 1 
ATOM   875  C  CD2 . TYR A 1 110 ? -8.149  -9.695  8.277   1.00 15.11 ? 110 TYR A CD2 1 
ATOM   876  C  CE1 . TYR A 1 110 ? -8.982  -7.673  9.965   1.00 13.95 ? 110 TYR A CE1 1 
ATOM   877  C  CE2 . TYR A 1 110 ? -8.207  -9.920  9.639   1.00 15.63 ? 110 TYR A CE2 1 
ATOM   878  C  CZ  . TYR A 1 110 ? -8.640  -8.900  10.473  1.00 15.61 ? 110 TYR A CZ  1 
ATOM   879  O  OH  . TYR A 1 110 ? -8.745  -9.091  11.821  1.00 17.03 ? 110 TYR A OH  1 
ATOM   880  N  N   . ASN A 1 111 ? -10.484 -6.781  3.978   1.00 12.33 ? 111 ASN A N   1 
ATOM   881  C  CA  . ASN A 1 111 ? -10.571 -6.288  2.620   1.00 10.92 ? 111 ASN A CA  1 
ATOM   882  C  C   . ASN A 1 111 ? -9.193  -5.876  2.107   1.00 10.45 ? 111 ASN A C   1 
ATOM   883  O  O   . ASN A 1 111 ? -8.553  -4.968  2.643   1.00 10.03 ? 111 ASN A O   1 
ATOM   884  C  CB  . ASN A 1 111 ? -11.584 -5.142  2.563   1.00 10.42 ? 111 ASN A CB  1 
ATOM   885  C  CG  . ASN A 1 111 ? -11.843 -4.667  1.163   1.00 10.83 ? 111 ASN A CG  1 
ATOM   886  O  OD1 . ASN A 1 111 ? -11.079 -3.873  0.614   1.00 10.05 ? 111 ASN A OD1 1 
ATOM   887  N  ND2 . ASN A 1 111 ? -12.906 -5.167  0.558   1.00 13.50 ? 111 ASN A ND2 1 
ATOM   888  N  N   . LEU A 1 112 ? -8.752  -6.566  1.059   1.00 10.20 ? 112 LEU A N   1 
ATOM   889  C  CA  . LEU A 1 112 ? -7.439  -6.345  0.460   1.00 9.92  ? 112 LEU A CA  1 
ATOM   890  C  C   . LEU A 1 112 ? -7.242  -4.927  -0.033  1.00 9.61  ? 112 LEU A C   1 
ATOM   891  O  O   . LEU A 1 112 ? -6.220  -4.309  0.219   1.00 10.04 ? 112 LEU A O   1 
ATOM   892  C  CB  . LEU A 1 112 ? -7.204  -7.340  -0.685  1.00 8.06  ? 112 LEU A CB  1 
ATOM   893  C  CG  . LEU A 1 112 ? -5.846  -7.265  -1.391  1.00 7.96  ? 112 LEU A CG  1 
ATOM   894  C  CD1 . LEU A 1 112 ? -4.739  -7.447  -0.362  1.00 6.91  ? 112 LEU A CD1 1 
ATOM   895  C  CD2 . LEU A 1 112 ? -5.763  -8.346  -2.477  1.00 6.71  ? 112 LEU A CD2 1 
ATOM   896  N  N   . HIS A 1 113 ? -8.207  -4.438  -0.789  1.00 9.18  ? 113 HIS A N   1 
ATOM   897  C  CA  . HIS A 1 113 ? -8.158  -3.090  -1.311  1.00 9.34  ? 113 HIS A CA  1 
ATOM   898  C  C   . HIS A 1 113 ? -7.937  -2.070  -0.192  1.00 9.61  ? 113 HIS A C   1 
ATOM   899  O  O   . HIS A 1 113 ? -7.145  -1.165  -0.339  1.00 10.79 ? 113 HIS A O   1 
ATOM   900  C  CB  . HIS A 1 113 ? -9.475  -2.781  -2.015  1.00 9.58  ? 113 HIS A CB  1 
ATOM   901  C  CG  . HIS A 1 113 ? -9.576  -1.374  -2.493  1.00 11.09 ? 113 HIS A CG  1 
ATOM   902  N  ND1 . HIS A 1 113 ? -8.551  -0.740  -3.159  1.00 12.95 ? 113 HIS A ND1 1 
ATOM   903  C  CD2 . HIS A 1 113 ? -10.579 -0.467  -2.396  1.00 11.99 ? 113 HIS A CD2 1 
ATOM   904  C  CE1 . HIS A 1 113 ? -8.917  0.497   -3.453  1.00 14.20 ? 113 HIS A CE1 1 
ATOM   905  N  NE2 . HIS A 1 113 ? -10.141 0.685   -3.000  1.00 13.36 ? 113 HIS A NE2 1 
ATOM   906  N  N   . ARG A 1 114 ? -8.676  -2.209  0.906   1.00 10.04 ? 114 ARG A N   1 
ATOM   907  C  CA  . ARG A 1 114 ? -8.565  -1.298  2.039   1.00 9.76  ? 114 ARG A CA  1 
ATOM   908  C  C   . ARG A 1 114 ? -7.174  -1.320  2.656   1.00 9.64  ? 114 ARG A C   1 
ATOM   909  O  O   . ARG A 1 114 ? -6.625  -0.276  2.988   1.00 9.98  ? 114 ARG A O   1 
ATOM   910  C  CB  . ARG A 1 114 ? -9.600  -1.667  3.106   1.00 10.37 ? 114 ARG A CB  1 
ATOM   911  C  CG  . ARG A 1 114 ? -9.483  -0.903  4.409   1.00 10.16 ? 114 ARG A CG  1 
ATOM   912  C  CD  . ARG A 1 114 ? -9.678  0.590   4.200   1.00 9.94  ? 114 ARG A CD  1 
ATOM   913  N  NE  . ARG A 1 114 ? -9.651  1.313   5.470   1.00 11.32 ? 114 ARG A NE  1 
ATOM   914  C  CZ  . ARG A 1 114 ? -8.541  1.627   6.140   1.00 12.49 ? 114 ARG A CZ  1 
ATOM   915  N  NH1 . ARG A 1 114 ? -7.342  1.295   5.684   1.00 12.07 ? 114 ARG A NH1 1 
ATOM   916  N  NH2 . ARG A 1 114 ? -8.627  2.282   7.276   1.00 13.67 ? 114 ARG A NH2 1 
ATOM   917  N  N   . VAL A 1 115 ? -6.614  -2.512  2.824   1.00 9.05  ? 115 VAL A N   1 
ATOM   918  C  CA  . VAL A 1 115 ? -5.294  -2.666  3.418   1.00 8.59  ? 115 VAL A CA  1 
ATOM   919  C  C   . VAL A 1 115 ? -4.196  -2.215  2.442   1.00 8.97  ? 115 VAL A C   1 
ATOM   920  O  O   . VAL A 1 115 ? -3.192  -1.611  2.852   1.00 9.30  ? 115 VAL A O   1 
ATOM   921  C  CB  . VAL A 1 115 ? -5.086  -4.144  3.859   1.00 8.51  ? 115 VAL A CB  1 
ATOM   922  C  CG1 . VAL A 1 115 ? -3.684  -4.354  4.443   1.00 8.09  ? 115 VAL A CG1 1 
ATOM   923  C  CG2 . VAL A 1 115 ? -6.155  -4.548  4.875   1.00 5.69  ? 115 VAL A CG2 1 
ATOM   924  N  N   . ALA A 1 116 ? -4.388  -2.476  1.149   1.00 8.43  ? 116 ALA A N   1 
ATOM   925  C  CA  . ALA A 1 116 ? -3.394  -2.079  0.147   1.00 8.70  ? 116 ALA A CA  1 
ATOM   926  C  C   . ALA A 1 116 ? -3.302  -0.560  0.086   1.00 8.50  ? 116 ALA A C   1 
ATOM   927  O  O   . ALA A 1 116 ? -2.214  -0.005  0.006   1.00 8.53  ? 116 ALA A O   1 
ATOM   928  C  CB  . ALA A 1 116 ? -3.747  -2.652  -1.240  1.00 8.68  ? 116 ALA A CB  1 
ATOM   929  N  N   . ALA A 1 117 ? -4.444  0.109   0.151   1.00 8.64  ? 117 ALA A N   1 
ATOM   930  C  CA  . ALA A 1 117 ? -4.483  1.565   0.105   1.00 8.83  ? 117 ALA A CA  1 
ATOM   931  C  C   . ALA A 1 117 ? -3.610  2.143   1.216   1.00 9.61  ? 117 ALA A C   1 
ATOM   932  O  O   . ALA A 1 117 ? -2.891  3.115   0.994   1.00 9.94  ? 117 ALA A O   1 
ATOM   933  C  CB  . ALA A 1 117 ? -5.928  2.057   0.240   1.00 8.34  ? 117 ALA A CB  1 
ATOM   934  N  N   . HIS A 1 118 ? -3.698  1.550   2.410   1.00 10.11 ? 118 HIS A N   1 
ATOM   935  C  CA  . HIS A 1 118 ? -2.902  1.966   3.571   1.00 9.74  ? 118 HIS A CA  1 
ATOM   936  C  C   . HIS A 1 118 ? -1.411  1.718   3.321   1.00 9.92  ? 118 HIS A C   1 
ATOM   937  O  O   . HIS A 1 118 ? -0.591  2.632   3.465   1.00 10.38 ? 118 HIS A O   1 
ATOM   938  C  CB  . HIS A 1 118 ? -3.325  1.181   4.824   1.00 8.43  ? 118 HIS A CB  1 
ATOM   939  C  CG  . HIS A 1 118 ? -2.504  1.493   6.042   1.00 9.95  ? 118 HIS A CG  1 
ATOM   940  N  ND1 . HIS A 1 118 ? -2.803  2.498   6.941   1.00 9.31  ? 118 HIS A ND1 1 
ATOM   941  C  CD2 . HIS A 1 118 ? -1.357  0.925   6.496   1.00 9.97  ? 118 HIS A CD2 1 
ATOM   942  C  CE1 . HIS A 1 118 ? -1.853  2.519   7.889   1.00 9.63  ? 118 HIS A CE1 1 
ATOM   943  N  NE2 . HIS A 1 118 ? -0.952  1.585   7.665   1.00 11.78 ? 118 HIS A NE2 1 
ATOM   944  N  N   . GLU A 1 119 ? -1.060  0.491   2.931   1.00 9.41  ? 119 GLU A N   1 
ATOM   945  C  CA  . GLU A 1 119 ? 0.341   0.134   2.694   1.00 9.54  ? 119 GLU A CA  1 
ATOM   946  C  C   . GLU A 1 119 ? 1.038   0.982   1.646   1.00 9.63  ? 119 GLU A C   1 
ATOM   947  O  O   . GLU A 1 119 ? 2.203   1.346   1.822   1.00 10.08 ? 119 GLU A O   1 
ATOM   948  C  CB  . GLU A 1 119 ? 0.491   -1.343  2.329   1.00 10.86 ? 119 GLU A CB  1 
ATOM   949  C  CG  . GLU A 1 119 ? -0.037  -2.331  3.375   1.00 13.69 ? 119 GLU A CG  1 
ATOM   950  C  CD  . GLU A 1 119 ? 0.409   -2.005  4.796   1.00 17.67 ? 119 GLU A CD  1 
ATOM   951  O  OE1 . GLU A 1 119 ? 1.540   -1.502  4.988   1.00 18.99 ? 119 GLU A OE1 1 
ATOM   952  O  OE2 . GLU A 1 119 ? -0.376  -2.256  5.739   1.00 18.38 ? 119 GLU A OE2 1 
ATOM   953  N  N   . LEU A 1 120 ? 0.337   1.294   0.558   1.00 9.46  ? 120 LEU A N   1 
ATOM   954  C  CA  . LEU A 1 120 ? 0.914   2.105   -0.525  1.00 9.60  ? 120 LEU A CA  1 
ATOM   955  C  C   . LEU A 1 120 ? 1.191   3.533   -0.071  1.00 9.29  ? 120 LEU A C   1 
ATOM   956  O  O   . LEU A 1 120 ? 2.063   4.207   -0.621  1.00 9.78  ? 120 LEU A O   1 
ATOM   957  C  CB  . LEU A 1 120 ? 0.022   2.088   -1.771  1.00 9.29  ? 120 LEU A CB  1 
ATOM   958  C  CG  . LEU A 1 120 ? -0.228  0.687   -2.329  1.00 10.79 ? 120 LEU A CG  1 
ATOM   959  C  CD1 . LEU A 1 120 ? -1.166  0.780   -3.525  1.00 11.00 ? 120 LEU A CD1 1 
ATOM   960  C  CD2 . LEU A 1 120 ? 1.102   0.003   -2.683  1.00 11.05 ? 120 LEU A CD2 1 
ATOM   961  N  N   . GLY A 1 121 ? 0.455   3.979   0.939   1.00 9.00  ? 121 GLY A N   1 
ATOM   962  C  CA  . GLY A 1 121 ? 0.687   5.288   1.493   1.00 9.71  ? 121 GLY A CA  1 
ATOM   963  C  C   . GLY A 1 121 ? 2.089   5.287   2.087   1.00 10.30 ? 121 GLY A C   1 
ATOM   964  O  O   . GLY A 1 121 ? 2.800   6.271   1.916   1.00 11.25 ? 121 GLY A O   1 
ATOM   965  N  N   . HIS A 1 122 ? 2.489   4.215   2.771   1.00 10.57 ? 122 HIS A N   1 
ATOM   966  C  CA  . HIS A 1 122 ? 3.842   4.112   3.338   1.00 11.25 ? 122 HIS A CA  1 
ATOM   967  C  C   . HIS A 1 122 ? 4.856   4.056   2.200   1.00 11.94 ? 122 HIS A C   1 
ATOM   968  O  O   . HIS A 1 122 ? 5.898   4.713   2.248   1.00 11.52 ? 122 HIS A O   1 
ATOM   969  C  CB  . HIS A 1 122 ? 4.009   2.840   4.176   1.00 10.99 ? 122 HIS A CB  1 
ATOM   970  C  CG  . HIS A 1 122 ? 3.286   2.859   5.485   1.00 12.77 ? 122 HIS A CG  1 
ATOM   971  N  ND1 . HIS A 1 122 ? 3.438   3.843   6.439   1.00 13.95 ? 122 HIS A ND1 1 
ATOM   972  C  CD2 . HIS A 1 122 ? 2.400   1.980   6.010   1.00 13.18 ? 122 HIS A CD2 1 
ATOM   973  C  CE1 . HIS A 1 122 ? 2.654   3.540   7.491   1.00 13.79 ? 122 HIS A CE1 1 
ATOM   974  N  NE2 . HIS A 1 122 ? 2.000   2.417   7.282   1.00 13.63 ? 122 HIS A NE2 1 
ATOM   975  N  N   . SER A 1 123 ? 4.553   3.250   1.185   1.00 12.38 ? 123 SER A N   1 
ATOM   976  C  CA  . SER A 1 123 ? 5.428   3.091   0.023   1.00 13.54 ? 123 SER A CA  1 
ATOM   977  C  C   . SER A 1 123 ? 5.706   4.431   -0.635  1.00 14.42 ? 123 SER A C   1 
ATOM   978  O  O   . SER A 1 123 ? 6.735   4.601   -1.270  1.00 15.17 ? 123 SER A O   1 
ATOM   979  C  CB  . SER A 1 123 ? 4.803   2.146   -1.011  1.00 12.93 ? 123 SER A CB  1 
ATOM   980  O  OG  . SER A 1 123 ? 4.533   0.870   -0.447  1.00 13.66 ? 123 SER A OG  1 
ATOM   981  N  N   . LEU A 1 124 ? 4.780   5.370   -0.487  1.00 14.87 ? 124 LEU A N   1 
ATOM   982  C  CA  . LEU A 1 124 ? 4.932   6.691   -1.079  1.00 15.56 ? 124 LEU A CA  1 
ATOM   983  C  C   . LEU A 1 124 ? 5.560   7.716   -0.144  1.00 16.56 ? 124 LEU A C   1 
ATOM   984  O  O   . LEU A 1 124 ? 5.740   8.869   -0.533  1.00 17.98 ? 124 LEU A O   1 
ATOM   985  C  CB  . LEU A 1 124 ? 3.584   7.207   -1.574  1.00 15.17 ? 124 LEU A CB  1 
ATOM   986  C  CG  . LEU A 1 124 ? 2.915   6.426   -2.707  1.00 13.69 ? 124 LEU A CG  1 
ATOM   987  C  CD1 . LEU A 1 124 ? 1.573   7.068   -3.025  1.00 11.80 ? 124 LEU A CD1 1 
ATOM   988  C  CD2 . LEU A 1 124 ? 3.806   6.401   -3.944  1.00 11.71 ? 124 LEU A CD2 1 
ATOM   989  N  N   . GLY A 1 125 ? 5.825   7.324   1.101   1.00 16.90 ? 125 GLY A N   1 
ATOM   990  C  CA  . GLY A 1 125 ? 6.462   8.227   2.047   1.00 16.83 ? 125 GLY A CA  1 
ATOM   991  C  C   . GLY A 1 125 ? 5.648   8.733   3.224   1.00 17.35 ? 125 GLY A C   1 
ATOM   992  O  O   . GLY A 1 125 ? 6.154   9.530   4.017   1.00 17.32 ? 125 GLY A O   1 
ATOM   993  N  N   . LEU A 1 126 ? 4.415   8.269   3.375   1.00 17.34 ? 126 LEU A N   1 
ATOM   994  C  CA  . LEU A 1 126 ? 3.576   8.736   4.475   1.00 17.11 ? 126 LEU A CA  1 
ATOM   995  C  C   . LEU A 1 126 ? 3.716   7.943   5.761   1.00 16.66 ? 126 LEU A C   1 
ATOM   996  O  O   . LEU A 1 126 ? 3.964   6.732   5.743   1.00 17.42 ? 126 LEU A O   1 
ATOM   997  C  CB  . LEU A 1 126 ? 2.104   8.689   4.069   1.00 17.42 ? 126 LEU A CB  1 
ATOM   998  C  CG  . LEU A 1 126 ? 1.621   9.571   2.926   1.00 18.98 ? 126 LEU A CG  1 
ATOM   999  C  CD1 . LEU A 1 126 ? 0.168   9.243   2.612   1.00 19.01 ? 126 LEU A CD1 1 
ATOM   1000 C  CD2 . LEU A 1 126 ? 1.762   11.016  3.346   1.00 20.06 ? 126 LEU A CD2 1 
ATOM   1001 N  N   . SER A 1 127 ? 3.584   8.631   6.886   1.00 15.93 ? 127 SER A N   1 
ATOM   1002 C  CA  . SER A 1 127 ? 3.583   7.944   8.171   1.00 16.39 ? 127 SER A CA  1 
ATOM   1003 C  C   . SER A 1 127 ? 2.097   7.878   8.613   1.00 15.71 ? 127 SER A C   1 
ATOM   1004 O  O   . SER A 1 127 ? 1.190   8.248   7.830   1.00 15.51 ? 127 SER A O   1 
ATOM   1005 C  CB  . SER A 1 127 ? 4.503   8.630   9.197   1.00 17.57 ? 127 SER A CB  1 
ATOM   1006 O  OG  . SER A 1 127 ? 4.530   10.035  9.040   1.00 22.06 ? 127 SER A OG  1 
ATOM   1007 N  N   . HIS A 1 128 ? 1.835   7.396   9.825   1.00 14.81 ? 128 HIS A N   1 
ATOM   1008 C  CA  . HIS A 1 128 ? 0.463   7.243   10.319  1.00 14.44 ? 128 HIS A CA  1 
ATOM   1009 C  C   . HIS A 1 128 ? -0.298  8.494   10.668  1.00 14.91 ? 128 HIS A C   1 
ATOM   1010 O  O   . HIS A 1 128 ? 0.292   9.540   10.916  1.00 15.48 ? 128 HIS A O   1 
ATOM   1011 C  CB  . HIS A 1 128 ? 0.437   6.297   11.509  1.00 11.50 ? 128 HIS A CB  1 
ATOM   1012 C  CG  . HIS A 1 128 ? 0.704   4.880   11.137  1.00 10.57 ? 128 HIS A CG  1 
ATOM   1013 N  ND1 . HIS A 1 128 ? 1.550   4.041   11.836  1.00 9.19  ? 128 HIS A ND1 1 
ATOM   1014 C  CD2 . HIS A 1 128 ? 0.259   4.154   10.080  1.00 10.49 ? 128 HIS A CD2 1 
ATOM   1015 C  CE1 . HIS A 1 128 ? 1.589   2.865   11.183  1.00 9.14  ? 128 HIS A CE1 1 
ATOM   1016 N  NE2 . HIS A 1 128 ? 0.820   2.891   10.115  1.00 10.13 ? 128 HIS A NE2 1 
ATOM   1017 N  N   . SER A 1 129 ? -1.616  8.377   10.684  1.00 14.80 ? 129 SER A N   1 
ATOM   1018 C  CA  . SER A 1 129 ? -2.484  9.490   11.039  1.00 15.33 ? 129 SER A CA  1 
ATOM   1019 C  C   . SER A 1 129 ? -3.179  9.176   12.354  1.00 15.07 ? 129 SER A C   1 
ATOM   1020 O  O   . SER A 1 129 ? -3.403  8.011   12.682  1.00 14.12 ? 129 SER A O   1 
ATOM   1021 C  CB  . SER A 1 129 ? -3.559  9.691   9.970   1.00 16.29 ? 129 SER A CB  1 
ATOM   1022 O  OG  . SER A 1 129 ? -4.528  10.638  10.401  1.00 17.47 ? 129 SER A OG  1 
ATOM   1023 N  N   . THR A 1 130 ? -3.548  10.223  13.085  1.00 15.68 ? 130 THR A N   1 
ATOM   1024 C  CA  . THR A 1 130 ? -4.263  10.079  14.354  1.00 15.79 ? 130 THR A CA  1 
ATOM   1025 C  C   . THR A 1 130 ? -5.780  10.119  14.106  1.00 15.75 ? 130 THR A C   1 
ATOM   1026 O  O   . THR A 1 130 ? -6.572  9.767   14.971  1.00 15.97 ? 130 THR A O   1 
ATOM   1027 C  CB  . THR A 1 130 ? -3.871  11.198  15.352  1.00 16.49 ? 130 THR A CB  1 
ATOM   1028 O  OG1 . THR A 1 130 ? -3.944  12.477  14.704  1.00 16.60 ? 130 THR A OG1 1 
ATOM   1029 C  CG2 . THR A 1 130 ? -2.451  10.976  15.866  1.00 15.61 ? 130 THR A CG2 1 
ATOM   1030 N  N   . ASP A 1 131 ? -6.164  10.550  12.913  1.00 15.68 ? 131 ASP A N   1 
ATOM   1031 C  CA  . ASP A 1 131 ? -7.567  10.652  12.519  1.00 15.84 ? 131 ASP A CA  1 
ATOM   1032 C  C   . ASP A 1 131 ? -8.149  9.260   12.290  1.00 15.11 ? 131 ASP A C   1 
ATOM   1033 O  O   . ASP A 1 131 ? -7.768  8.586   11.339  1.00 14.66 ? 131 ASP A O   1 
ATOM   1034 C  CB  . ASP A 1 131 ? -7.651  11.468  11.222  1.00 17.60 ? 131 ASP A CB  1 
ATOM   1035 C  CG  . ASP A 1 131 ? -9.052  11.956  10.915  1.00 20.96 ? 131 ASP A CG  1 
ATOM   1036 O  OD1 . ASP A 1 131 ? -10.018 11.171  11.009  1.00 21.81 ? 131 ASP A OD1 1 
ATOM   1037 O  OD2 . ASP A 1 131 ? -9.188  13.144  10.556  1.00 25.38 ? 131 ASP A OD2 1 
ATOM   1038 N  N   . ILE A 1 132 ? -9.144  8.876   13.081  1.00 15.59 ? 132 ILE A N   1 
ATOM   1039 C  CA  . ILE A 1 132 ? -9.742  7.551   12.942  1.00 16.39 ? 132 ILE A CA  1 
ATOM   1040 C  C   . ILE A 1 132 ? -10.493 7.350   11.608  1.00 16.27 ? 132 ILE A C   1 
ATOM   1041 O  O   . ILE A 1 132 ? -10.824 6.224   11.225  1.00 15.96 ? 132 ILE A O   1 
ATOM   1042 C  CB  . ILE A 1 132 ? -10.622 7.189   14.175  1.00 18.84 ? 132 ILE A CB  1 
ATOM   1043 C  CG1 . ILE A 1 132 ? -10.973 5.691   14.145  1.00 22.93 ? 132 ILE A CG1 1 
ATOM   1044 C  CG2 . ILE A 1 132 ? -11.888 8.057   14.223  1.00 19.83 ? 132 ILE A CG2 1 
ATOM   1045 C  CD1 . ILE A 1 132 ? -11.688 5.176   15.392  1.00 26.55 ? 132 ILE A CD1 1 
ATOM   1046 N  N   . GLY A 1 133 ? -10.729 8.455   10.901  1.00 15.72 ? 133 GLY A N   1 
ATOM   1047 C  CA  . GLY A 1 133 ? -11.402 8.375   9.627   1.00 15.17 ? 133 GLY A CA  1 
ATOM   1048 C  C   . GLY A 1 133 ? -10.385 8.313   8.472   1.00 14.74 ? 133 GLY A C   1 
ATOM   1049 O  O   . GLY A 1 133 ? -10.737 8.156   7.281   1.00 14.41 ? 133 GLY A O   1 
ATOM   1050 N  N   . ALA A 1 134 ? -9.111  8.407   8.771   1.00 14.34 ? 134 ALA A N   1 
ATOM   1051 C  CA  . ALA A 1 134 ? -8.121  8.371   7.710   1.00 13.76 ? 134 ALA A CA  1 
ATOM   1052 C  C   . ALA A 1 134 ? -7.592  6.981   7.345   1.00 13.50 ? 134 ALA A C   1 
ATOM   1053 O  O   . ALA A 1 134 ? -7.468  6.091   8.196   1.00 12.88 ? 134 ALA A O   1 
ATOM   1054 C  CB  . ALA A 1 134 ? -6.984  9.294   8.056   1.00 13.74 ? 134 ALA A CB  1 
ATOM   1055 N  N   . LEU A 1 135 ? -7.243  6.805   6.074   1.00 13.56 ? 135 LEU A N   1 
ATOM   1056 C  CA  . LEU A 1 135 ? -6.708  5.541   5.594   1.00 13.62 ? 135 LEU A CA  1 
ATOM   1057 C  C   . LEU A 1 135 ? -5.399  5.217   6.312   1.00 13.02 ? 135 LEU A C   1 
ATOM   1058 O  O   . LEU A 1 135 ? -5.112  4.061   6.575   1.00 12.16 ? 135 LEU A O   1 
ATOM   1059 C  CB  . LEU A 1 135 ? -6.452  5.589   4.091   1.00 13.74 ? 135 LEU A CB  1 
ATOM   1060 C  CG  . LEU A 1 135 ? -7.609  5.448   3.104   1.00 16.11 ? 135 LEU A CG  1 
ATOM   1061 C  CD1 . LEU A 1 135 ? -7.040  5.482   1.701   1.00 15.52 ? 135 LEU A CD1 1 
ATOM   1062 C  CD2 . LEU A 1 135 ? -8.347  4.134   3.316   1.00 15.95 ? 135 LEU A CD2 1 
ATOM   1063 N  N   . MET A 1 136 ? -4.610  6.242   6.621   1.00 12.72 ? 136 MET A N   1 
ATOM   1064 C  CA  . MET A 1 136 ? -3.328  6.027   7.299   1.00 13.29 ? 136 MET A CA  1 
ATOM   1065 C  C   . MET A 1 136 ? -3.404  5.775   8.821   1.00 13.86 ? 136 MET A C   1 
ATOM   1066 O  O   . MET A 1 136 ? -2.376  5.754   9.519   1.00 14.89 ? 136 MET A O   1 
ATOM   1067 C  CB  . MET A 1 136 ? -2.324  7.142   6.970   1.00 11.77 ? 136 MET A CB  1 
ATOM   1068 C  CG  . MET A 1 136 ? -1.961  7.241   5.492   1.00 11.65 ? 136 MET A CG  1 
ATOM   1069 S  SD  . MET A 1 136 ? -1.485  5.660   4.772   1.00 12.56 ? 136 MET A SD  1 
ATOM   1070 C  CE  . MET A 1 136 ? 0.076   5.341   5.661   1.00 11.13 ? 136 MET A CE  1 
ATOM   1071 N  N   . TYR A 1 137 ? -4.614  5.617   9.343   1.00 13.67 ? 137 TYR A N   1 
ATOM   1072 C  CA  . TYR A 1 137 ? -4.792  5.302   10.759  1.00 13.22 ? 137 TYR A CA  1 
ATOM   1073 C  C   . TYR A 1 137 ? -4.043  3.954   10.976  1.00 13.35 ? 137 TYR A C   1 
ATOM   1074 O  O   . TYR A 1 137 ? -4.118  3.069   10.123  1.00 13.39 ? 137 TYR A O   1 
ATOM   1075 C  CB  . TYR A 1 137 ? -6.288  5.177   11.033  1.00 13.33 ? 137 TYR A CB  1 
ATOM   1076 C  CG  . TYR A 1 137 ? -6.650  5.058   12.474  1.00 12.17 ? 137 TYR A CG  1 
ATOM   1077 C  CD1 . TYR A 1 137 ? -6.339  6.071   13.378  1.00 11.24 ? 137 TYR A CD1 1 
ATOM   1078 C  CD2 . TYR A 1 137 ? -7.284  3.914   12.947  1.00 11.55 ? 137 TYR A CD2 1 
ATOM   1079 C  CE1 . TYR A 1 137 ? -6.667  5.951   14.721  1.00 10.19 ? 137 TYR A CE1 1 
ATOM   1080 C  CE2 . TYR A 1 137 ? -7.613  3.784   14.279  1.00 11.45 ? 137 TYR A CE2 1 
ATOM   1081 C  CZ  . TYR A 1 137 ? -7.294  4.800   15.162  1.00 12.48 ? 137 TYR A CZ  1 
ATOM   1082 O  OH  . TYR A 1 137 ? -7.602  4.647   16.485  1.00 14.76 ? 137 TYR A OH  1 
ATOM   1083 N  N   . PRO A 1 138 ? -3.354  3.763   12.126  1.00 13.57 ? 138 PRO A N   1 
ATOM   1084 C  CA  . PRO A 1 138 ? -2.608  2.515   12.378  1.00 13.54 ? 138 PRO A CA  1 
ATOM   1085 C  C   . PRO A 1 138 ? -3.351  1.188   12.536  1.00 13.86 ? 138 PRO A C   1 
ATOM   1086 O  O   . PRO A 1 138 ? -2.705  0.144   12.586  1.00 13.63 ? 138 PRO A O   1 
ATOM   1087 C  CB  . PRO A 1 138 ? -1.814  2.827   13.655  1.00 13.49 ? 138 PRO A CB  1 
ATOM   1088 C  CG  . PRO A 1 138 ? -1.896  4.329   13.800  1.00 13.62 ? 138 PRO A CG  1 
ATOM   1089 C  CD  . PRO A 1 138 ? -3.259  4.655   13.290  1.00 12.85 ? 138 PRO A CD  1 
ATOM   1090 N  N   . SER A 1 139 ? -4.677  1.225   12.689  1.00 14.00 ? 139 SER A N   1 
ATOM   1091 C  CA  . SER A 1 139 ? -5.500  0.011   12.853  1.00 14.62 ? 139 SER A CA  1 
ATOM   1092 C  C   . SER A 1 139 ? -6.471  -0.136  11.694  1.00 14.92 ? 139 SER A C   1 
ATOM   1093 O  O   . SER A 1 139 ? -6.902  0.867   11.109  1.00 15.53 ? 139 SER A O   1 
ATOM   1094 C  CB  . SER A 1 139 ? -6.346  0.091   14.135  1.00 15.19 ? 139 SER A CB  1 
ATOM   1095 O  OG  . SER A 1 139 ? -5.626  -0.314  15.276  1.00 18.99 ? 139 SER A OG  1 
ATOM   1096 N  N   . TYR A 1 140 ? -6.866  -1.371  11.398  1.00 14.85 ? 140 TYR A N   1 
ATOM   1097 C  CA  . TYR A 1 140 ? -7.830  -1.632  10.327  1.00 14.68 ? 140 TYR A CA  1 
ATOM   1098 C  C   . TYR A 1 140 ? -9.264  -1.216  10.691  1.00 15.06 ? 140 TYR A C   1 
ATOM   1099 O  O   . TYR A 1 140 ? -9.742  -1.467  11.799  1.00 14.60 ? 140 TYR A O   1 
ATOM   1100 C  CB  . TYR A 1 140 ? -7.821  -3.121  9.967   1.00 13.30 ? 140 TYR A CB  1 
ATOM   1101 C  CG  . TYR A 1 140 ? -8.854  -3.545  8.933   1.00 12.22 ? 140 TYR A CG  1 
ATOM   1102 C  CD1 . TYR A 1 140 ? -10.123 -3.975  9.314   1.00 11.70 ? 140 TYR A CD1 1 
ATOM   1103 C  CD2 . TYR A 1 140 ? -8.527  -3.604  7.577   1.00 12.44 ? 140 TYR A CD2 1 
ATOM   1104 C  CE1 . TYR A 1 140 ? -11.038 -4.461  8.364   1.00 12.72 ? 140 TYR A CE1 1 
ATOM   1105 C  CE2 . TYR A 1 140 ? -9.430  -4.084  6.626   1.00 10.87 ? 140 TYR A CE2 1 
ATOM   1106 C  CZ  . TYR A 1 140 ? -10.674 -4.512  7.026   1.00 12.80 ? 140 TYR A CZ  1 
ATOM   1107 O  OH  . TYR A 1 140 ? -11.554 -5.015  6.099   1.00 13.60 ? 140 TYR A OH  1 
ATOM   1108 N  N   . THR A 1 141 ? -9.922  -0.529  9.769   1.00 15.70 ? 141 THR A N   1 
ATOM   1109 C  CA  . THR A 1 141 ? -11.318 -0.126  9.931   1.00 16.57 ? 141 THR A CA  1 
ATOM   1110 C  C   . THR A 1 141 ? -11.867 -0.282  8.532   1.00 16.64 ? 141 THR A C   1 
ATOM   1111 O  O   . THR A 1 141 ? -11.117 -0.131  7.566   1.00 17.78 ? 141 THR A O   1 
ATOM   1112 C  CB  . THR A 1 141 ? -11.464 1.370   10.294  1.00 17.84 ? 141 THR A CB  1 
ATOM   1113 O  OG1 . THR A 1 141 ? -10.798 2.155   9.297   1.00 20.18 ? 141 THR A OG1 1 
ATOM   1114 C  CG2 . THR A 1 141 ? -10.858 1.683   11.642  1.00 17.54 ? 141 THR A CG2 1 
ATOM   1115 N  N   . PHE A 1 142 ? -13.120 -0.679  8.385   1.00 16.63 ? 142 PHE A N   1 
ATOM   1116 C  CA  . PHE A 1 142 ? -13.702 -0.754  7.058   1.00 16.54 ? 142 PHE A CA  1 
ATOM   1117 C  C   . PHE A 1 142 ? -15.051 -0.068  7.191   1.00 17.04 ? 142 PHE A C   1 
ATOM   1118 O  O   . PHE A 1 142 ? -15.910 -0.508  7.940   1.00 17.37 ? 142 PHE A O   1 
ATOM   1119 C  CB  . PHE A 1 142 ? -13.860 -2.183  6.532   1.00 16.26 ? 142 PHE A CB  1 
ATOM   1120 C  CG  . PHE A 1 142 ? -14.290 -2.236  5.081   1.00 15.45 ? 142 PHE A CG  1 
ATOM   1121 C  CD1 . PHE A 1 142 ? -13.496 -1.673  4.095   1.00 14.37 ? 142 PHE A CD1 1 
ATOM   1122 C  CD2 . PHE A 1 142 ? -15.506 -2.793  4.715   1.00 16.45 ? 142 PHE A CD2 1 
ATOM   1123 C  CE1 . PHE A 1 142 ? -13.904 -1.655  2.776   1.00 14.92 ? 142 PHE A CE1 1 
ATOM   1124 C  CE2 . PHE A 1 142 ? -15.922 -2.778  3.397   1.00 17.29 ? 142 PHE A CE2 1 
ATOM   1125 C  CZ  . PHE A 1 142 ? -15.118 -2.210  2.423   1.00 16.47 ? 142 PHE A CZ  1 
ATOM   1126 N  N   . SER A 1 143 ? -15.218 1.042   6.496   1.00 16.77 ? 143 SER A N   1 
ATOM   1127 C  CA  . SER A 1 143 ? -16.442 1.803   6.586   1.00 17.08 ? 143 SER A CA  1 
ATOM   1128 C  C   . SER A 1 143 ? -17.505 1.341   5.610   1.00 17.52 ? 143 SER A C   1 
ATOM   1129 O  O   . SER A 1 143 ? -18.669 1.713   5.747   1.00 18.28 ? 143 SER A O   1 
ATOM   1130 C  CB  . SER A 1 143 ? -16.103 3.200   6.207   1.00 16.79 ? 143 SER A CB  1 
ATOM   1131 O  OG  . SER A 1 143 ? -15.455 3.060   4.962   1.00 18.80 ? 143 SER A OG  1 
ATOM   1132 N  N   . GLY A 1 144 ? -17.068 0.643   4.561   1.00 16.90 ? 144 GLY A N   1 
ATOM   1133 C  CA  . GLY A 1 144 ? -17.986 0.193   3.528   1.00 15.82 ? 144 GLY A CA  1 
ATOM   1134 C  C   . GLY A 1 144 ? -17.530 0.754   2.189   1.00 15.75 ? 144 GLY A C   1 
ATOM   1135 O  O   . GLY A 1 144 ? -17.998 0.340   1.128   1.00 15.76 ? 144 GLY A O   1 
ATOM   1136 N  N   . ASP A 1 145 ? -16.643 1.745   2.247   1.00 15.35 ? 145 ASP A N   1 
ATOM   1137 C  CA  . ASP A 1 145 ? -16.084 2.368   1.044   1.00 16.13 ? 145 ASP A CA  1 
ATOM   1138 C  C   . ASP A 1 145 ? -14.625 2.667   1.400   1.00 16.56 ? 145 ASP A C   1 
ATOM   1139 O  O   . ASP A 1 145 ? -14.266 2.716   2.581   1.00 18.06 ? 145 ASP A O   1 
ATOM   1140 C  CB  . ASP A 1 145 ? -16.817 3.676   0.710   1.00 16.86 ? 145 ASP A CB  1 
ATOM   1141 C  CG  . ASP A 1 145 ? -16.779 4.024   -0.783  1.00 18.97 ? 145 ASP A CG  1 
ATOM   1142 O  OD1 . ASP A 1 145 ? -15.817 3.669   -1.494  1.00 22.99 ? 145 ASP A OD1 1 
ATOM   1143 O  OD2 . ASP A 1 145 ? -17.724 4.683   -1.261  1.00 19.22 ? 145 ASP A OD2 1 
ATOM   1144 N  N   . VAL A 1 146 ? -13.758 2.773   0.403   1.00 16.06 ? 146 VAL A N   1 
ATOM   1145 C  CA  . VAL A 1 146 ? -12.361 3.082   0.668   1.00 14.77 ? 146 VAL A CA  1 
ATOM   1146 C  C   . VAL A 1 146 ? -12.074 4.355   -0.083  1.00 14.88 ? 146 VAL A C   1 
ATOM   1147 O  O   . VAL A 1 146 ? -12.075 4.363   -1.315  1.00 14.10 ? 146 VAL A O   1 
ATOM   1148 C  CB  . VAL A 1 146 ? -11.436 1.990   0.153   1.00 13.87 ? 146 VAL A CB  1 
ATOM   1149 C  CG1 . VAL A 1 146 ? -9.993  2.372   0.419   1.00 12.60 ? 146 VAL A CG1 1 
ATOM   1150 C  CG2 . VAL A 1 146 ? -11.780 0.664   0.811   1.00 13.64 ? 146 VAL A CG2 1 
ATOM   1151 N  N   . GLN A 1 147 ? -11.883 5.440   0.665   1.00 15.26 ? 147 GLN A N   1 
ATOM   1152 C  CA  . GLN A 1 147 ? -11.599 6.753   0.085   1.00 16.71 ? 147 GLN A CA  1 
ATOM   1153 C  C   . GLN A 1 147 ? -10.626 7.542   0.967   1.00 15.70 ? 147 GLN A C   1 
ATOM   1154 O  O   . GLN A 1 147 ? -10.503 7.263   2.166   1.00 15.66 ? 147 GLN A O   1 
ATOM   1155 C  CB  . GLN A 1 147 ? -12.931 7.534   -0.150  1.00 19.29 ? 147 GLN A CB  1 
ATOM   1156 C  CG  . GLN A 1 147 ? -13.803 7.727   1.117   1.00 26.64 ? 147 GLN A CG  1 
ATOM   1157 C  CD  . GLN A 1 147 ? -15.288 8.259   0.867   1.00 30.62 ? 147 GLN A CD  1 
ATOM   1158 O  OE1 . GLN A 1 147 ? -16.095 8.385   1.787   1.00 34.45 ? 147 GLN A OE1 1 
ATOM   1159 N  NE2 . GLN A 1 147 ? -15.597 8.624   -0.364  1.00 30.88 ? 147 GLN A NE2 1 
ATOM   1160 N  N   . LEU A 1 148 ? -9.899  8.492   0.384   1.00 14.84 ? 148 LEU A N   1 
ATOM   1161 C  CA  . LEU A 1 148 ? -8.965  9.279   1.165   1.00 15.02 ? 148 LEU A CA  1 
ATOM   1162 C  C   . LEU A 1 148 ? -9.710  10.297  2.000   1.00 15.13 ? 148 LEU A C   1 
ATOM   1163 O  O   . LEU A 1 148 ? -10.653 10.912  1.533   1.00 15.77 ? 148 LEU A O   1 
ATOM   1164 C  CB  . LEU A 1 148 ? -7.973  10.037  0.274   1.00 15.59 ? 148 LEU A CB  1 
ATOM   1165 C  CG  . LEU A 1 148 ? -7.129  9.323   -0.786  1.00 17.79 ? 148 LEU A CG  1 
ATOM   1166 C  CD1 . LEU A 1 148 ? -6.204  10.345  -1.440  1.00 18.86 ? 148 LEU A CD1 1 
ATOM   1167 C  CD2 . LEU A 1 148 ? -6.331  8.180   -0.200  1.00 16.78 ? 148 LEU A CD2 1 
ATOM   1168 N  N   . ALA A 1 149 ? -9.274  10.461  3.240   1.00 14.71 ? 149 ALA A N   1 
ATOM   1169 C  CA  . ALA A 1 149 ? -9.818  11.456  4.147   1.00 14.89 ? 149 ALA A CA  1 
ATOM   1170 C  C   . ALA A 1 149 ? -9.005  12.724  3.836   1.00 15.89 ? 149 ALA A C   1 
ATOM   1171 O  O   . ALA A 1 149 ? -7.937  12.634  3.221   1.00 16.61 ? 149 ALA A O   1 
ATOM   1172 C  CB  . ALA A 1 149 ? -9.575  11.028  5.595   1.00 13.15 ? 149 ALA A CB  1 
ATOM   1173 N  N   . GLN A 1 150 ? -9.447  13.884  4.321   1.00 16.51 ? 150 GLN A N   1 
ATOM   1174 C  CA  . GLN A 1 150 ? -8.734  15.130  4.064   1.00 17.34 ? 150 GLN A CA  1 
ATOM   1175 C  C   . GLN A 1 150 ? -7.322  15.032  4.609   1.00 17.27 ? 150 GLN A C   1 
ATOM   1176 O  O   . GLN A 1 150 ? -6.378  15.555  4.028   1.00 16.94 ? 150 GLN A O   1 
ATOM   1177 C  CB  . GLN A 1 150 ? -9.458  16.321  4.698   1.00 19.58 ? 150 GLN A CB  1 
ATOM   1178 C  CG  . GLN A 1 150 ? -8.958  17.692  4.208   1.00 22.82 ? 150 GLN A CG  1 
ATOM   1179 C  CD  . GLN A 1 150 ? -8.906  17.796  2.676   1.00 26.20 ? 150 GLN A CD  1 
ATOM   1180 O  OE1 . GLN A 1 150 ? -7.861  18.115  2.098   1.00 28.11 ? 150 GLN A OE1 1 
ATOM   1181 N  NE2 . GLN A 1 150 ? -10.025 17.493  2.018   1.00 27.44 ? 150 GLN A NE2 1 
ATOM   1182 N  N   . ASP A 1 151 ? -7.182  14.283  5.694   1.00 17.38 ? 151 ASP A N   1 
ATOM   1183 C  CA  . ASP A 1 151 ? -5.892  14.098  6.331   1.00 16.94 ? 151 ASP A CA  1 
ATOM   1184 C  C   . ASP A 1 151 ? -4.932  13.358  5.422   1.00 16.04 ? 151 ASP A C   1 
ATOM   1185 O  O   . ASP A 1 151 ? -3.747  13.683  5.375   1.00 16.75 ? 151 ASP A O   1 
ATOM   1186 C  CB  . ASP A 1 151 ? -6.065  13.341  7.634   1.00 18.57 ? 151 ASP A CB  1 
ATOM   1187 C  CG  . ASP A 1 151 ? -4.874  13.486  8.537   1.00 22.17 ? 151 ASP A CG  1 
ATOM   1188 O  OD1 . ASP A 1 151 ? -4.819  14.472  9.296   1.00 25.76 ? 151 ASP A OD1 1 
ATOM   1189 O  OD2 . ASP A 1 151 ? -3.985  12.619  8.484   1.00 24.96 ? 151 ASP A OD2 1 
ATOM   1190 N  N   . ASP A 1 152 ? -5.434  12.353  4.712   1.00 15.14 ? 152 ASP A N   1 
ATOM   1191 C  CA  . ASP A 1 152 ? -4.604  11.589  3.782   1.00 14.28 ? 152 ASP A CA  1 
ATOM   1192 C  C   . ASP A 1 152 ? -4.220  12.461  2.595   1.00 14.24 ? 152 ASP A C   1 
ATOM   1193 O  O   . ASP A 1 152 ? -3.071  12.440  2.158   1.00 14.36 ? 152 ASP A O   1 
ATOM   1194 C  CB  . ASP A 1 152 ? -5.341  10.367  3.246   1.00 12.92 ? 152 ASP A CB  1 
ATOM   1195 C  CG  . ASP A 1 152 ? -5.757  9.401   4.337   1.00 12.92 ? 152 ASP A CG  1 
ATOM   1196 O  OD1 . ASP A 1 152 ? -4.915  8.956   5.164   1.00 10.98 ? 152 ASP A OD1 1 
ATOM   1197 O  OD2 . ASP A 1 152 ? -6.950  9.068   4.346   1.00 12.43 ? 152 ASP A OD2 1 
ATOM   1198 N  N   . ILE A 1 153 ? -5.181  13.225  2.079   1.00 13.78 ? 153 ILE A N   1 
ATOM   1199 C  CA  . ILE A 1 153 ? -4.946  14.104  0.942   1.00 13.89 ? 153 ILE A CA  1 
ATOM   1200 C  C   . ILE A 1 153 ? -3.911  15.179  1.261   1.00 14.65 ? 153 ILE A C   1 
ATOM   1201 O  O   . ILE A 1 153 ? -3.009  15.443  0.457   1.00 14.45 ? 153 ILE A O   1 
ATOM   1202 C  CB  . ILE A 1 153 ? -6.250  14.761  0.482   1.00 13.79 ? 153 ILE A CB  1 
ATOM   1203 C  CG1 . ILE A 1 153 ? -7.292  13.675  0.168   1.00 12.75 ? 153 ILE A CG1 1 
ATOM   1204 C  CG2 . ILE A 1 153 ? -5.991  15.653  -0.733  1.00 13.37 ? 153 ILE A CG2 1 
ATOM   1205 C  CD1 . ILE A 1 153 ? -8.669  14.219  -0.137  1.00 12.38 ? 153 ILE A CD1 1 
ATOM   1206 N  N   . ASP A 1 154 ? -4.015  15.766  2.450   1.00 14.83 ? 154 ASP A N   1 
ATOM   1207 C  CA  . ASP A 1 154 ? -3.079  16.799  2.879   1.00 15.41 ? 154 ASP A CA  1 
ATOM   1208 C  C   . ASP A 1 154 ? -1.678  16.242  3.052   1.00 15.27 ? 154 ASP A C   1 
ATOM   1209 O  O   . ASP A 1 154 ? -0.697  16.885  2.688   1.00 15.43 ? 154 ASP A O   1 
ATOM   1210 C  CB  . ASP A 1 154 ? -3.526  17.408  4.210   1.00 16.82 ? 154 ASP A CB  1 
ATOM   1211 C  CG  . ASP A 1 154 ? -4.654  18.390  4.055   1.00 19.42 ? 154 ASP A CG  1 
ATOM   1212 O  OD1 . ASP A 1 154 ? -4.884  18.897  2.937   1.00 21.31 ? 154 ASP A OD1 1 
ATOM   1213 O  OD2 . ASP A 1 154 ? -5.319  18.672  5.062   1.00 24.08 ? 154 ASP A OD2 1 
ATOM   1214 N  N   . GLY A 1 155 ? -1.589  15.046  3.623   1.00 15.43 ? 155 GLY A N   1 
ATOM   1215 C  CA  . GLY A 1 155 ? -0.292  14.430  3.848   1.00 15.71 ? 155 GLY A CA  1 
ATOM   1216 C  C   . GLY A 1 155 ? 0.468   14.078  2.582   1.00 16.35 ? 155 GLY A C   1 
ATOM   1217 O  O   . GLY A 1 155 ? 1.683   14.276  2.514   1.00 16.86 ? 155 GLY A O   1 
ATOM   1218 N  N   . ILE A 1 156 ? -0.226  13.579  1.564   1.00 16.36 ? 156 ILE A N   1 
ATOM   1219 C  CA  . ILE A 1 156 ? 0.463   13.199  0.339   1.00 16.08 ? 156 ILE A CA  1 
ATOM   1220 C  C   . ILE A 1 156 ? 0.801   14.443  -0.490  1.00 17.25 ? 156 ILE A C   1 
ATOM   1221 O  O   . ILE A 1 156 ? 1.875   14.516  -1.094  1.00 17.69 ? 156 ILE A O   1 
ATOM   1222 C  CB  . ILE A 1 156 ? -0.344  12.136  -0.478  1.00 14.65 ? 156 ILE A CB  1 
ATOM   1223 C  CG1 . ILE A 1 156 ? 0.551   11.487  -1.542  1.00 15.00 ? 156 ILE A CG1 1 
ATOM   1224 C  CG2 . ILE A 1 156 ? -1.568  12.736  -1.126  1.00 11.63 ? 156 ILE A CG2 1 
ATOM   1225 C  CD1 . ILE A 1 156 ? 1.548   10.499  -0.987  1.00 16.28 ? 156 ILE A CD1 1 
ATOM   1226 N  N   . GLN A 1 157 ? -0.072  15.449  -0.462  1.00 17.47 ? 157 GLN A N   1 
ATOM   1227 C  CA  . GLN A 1 157 ? 0.157   16.686  -1.215  1.00 17.59 ? 157 GLN A CA  1 
ATOM   1228 C  C   . GLN A 1 157 ? 1.276   17.541  -0.618  1.00 18.61 ? 157 GLN A C   1 
ATOM   1229 O  O   . GLN A 1 157 ? 1.907   18.322  -1.331  1.00 18.56 ? 157 GLN A O   1 
ATOM   1230 C  CB  . GLN A 1 157 ? -1.127  17.496  -1.369  1.00 15.63 ? 157 GLN A CB  1 
ATOM   1231 C  CG  . GLN A 1 157 ? -2.141  16.861  -2.319  1.00 13.72 ? 157 GLN A CG  1 
ATOM   1232 C  CD  . GLN A 1 157 ? -3.403  17.702  -2.509  1.00 12.44 ? 157 GLN A CD  1 
ATOM   1233 O  OE1 . GLN A 1 157 ? -3.654  18.639  -1.768  1.00 13.54 ? 157 GLN A OE1 1 
ATOM   1234 N  NE2 . GLN A 1 157 ? -4.199  17.355  -3.506  1.00 11.13 ? 157 GLN A NE2 1 
ATOM   1235 N  N   . ALA A 1 158 ? 1.555   17.355  0.672   1.00 19.00 ? 158 ALA A N   1 
ATOM   1236 C  CA  . ALA A 1 158 ? 2.624   18.086  1.339   1.00 19.39 ? 158 ALA A CA  1 
ATOM   1237 C  C   . ALA A 1 158 ? 3.975   17.612  0.811   1.00 20.19 ? 158 ALA A C   1 
ATOM   1238 O  O   . ALA A 1 158 ? 4.973   18.333  0.909   1.00 20.39 ? 158 ALA A O   1 
ATOM   1239 C  CB  . ALA A 1 158 ? 2.566   17.859  2.836   1.00 18.91 ? 158 ALA A CB  1 
ATOM   1240 N  N   . ILE A 1 159 ? 4.004   16.391  0.279   1.00 20.19 ? 159 ILE A N   1 
ATOM   1241 C  CA  . ILE A 1 159 ? 5.238   15.803  -0.243  1.00 20.65 ? 159 ILE A CA  1 
ATOM   1242 C  C   . ILE A 1 159 ? 5.406   15.966  -1.750  1.00 21.36 ? 159 ILE A C   1 
ATOM   1243 O  O   . ILE A 1 159 ? 6.444   16.420  -2.213  1.00 22.43 ? 159 ILE A O   1 
ATOM   1244 C  CB  . ILE A 1 159 ? 5.328   14.277  0.066   1.00 20.53 ? 159 ILE A CB  1 
ATOM   1245 C  CG1 . ILE A 1 159 ? 5.282   14.019  1.574   1.00 20.32 ? 159 ILE A CG1 1 
ATOM   1246 C  CG2 . ILE A 1 159 ? 6.632   13.688  -0.512  1.00 20.88 ? 159 ILE A CG2 1 
ATOM   1247 C  CD1 . ILE A 1 159 ? 4.978   12.573  1.934   1.00 20.37 ? 159 ILE A CD1 1 
ATOM   1248 N  N   . TYR A 1 160 ? 4.382   15.582  -2.506  1.00 21.40 ? 160 TYR A N   1 
ATOM   1249 C  CA  . TYR A 1 160 ? 4.430   15.620  -3.966  1.00 20.77 ? 160 TYR A CA  1 
ATOM   1250 C  C   . TYR A 1 160 ? 3.613   16.718  -4.610  1.00 20.65 ? 160 TYR A C   1 
ATOM   1251 O  O   . TYR A 1 160 ? 3.623   16.857  -5.826  1.00 20.37 ? 160 TYR A O   1 
ATOM   1252 C  CB  . TYR A 1 160 ? 3.960   14.267  -4.534  1.00 20.42 ? 160 TYR A CB  1 
ATOM   1253 C  CG  . TYR A 1 160 ? 4.748   13.055  -4.049  1.00 19.97 ? 160 TYR A CG  1 
ATOM   1254 C  CD1 . TYR A 1 160 ? 5.951   12.700  -4.655  1.00 20.00 ? 160 TYR A CD1 1 
ATOM   1255 C  CD2 . TYR A 1 160 ? 4.294   12.274  -2.976  1.00 18.28 ? 160 TYR A CD2 1 
ATOM   1256 C  CE1 . TYR A 1 160 ? 6.685   11.607  -4.207  1.00 20.11 ? 160 TYR A CE1 1 
ATOM   1257 C  CE2 . TYR A 1 160 ? 5.029   11.174  -2.520  1.00 18.20 ? 160 TYR A CE2 1 
ATOM   1258 C  CZ  . TYR A 1 160 ? 6.226   10.851  -3.139  1.00 19.54 ? 160 TYR A CZ  1 
ATOM   1259 O  OH  . TYR A 1 160 ? 7.002   9.799   -2.688  1.00 20.22 ? 160 TYR A OH  1 
ATOM   1260 N  N   . GLY A 1 161 ? 2.886   17.482  -3.812  1.00 21.51 ? 161 GLY A N   1 
ATOM   1261 C  CA  . GLY A 1 161 ? 2.061   18.540  -4.369  1.00 22.69 ? 161 GLY A CA  1 
ATOM   1262 C  C   . GLY A 1 161 ? 0.742   18.009  -4.909  1.00 24.13 ? 161 GLY A C   1 
ATOM   1263 O  O   . GLY A 1 161 ? 0.440   16.816  -4.780  1.00 22.57 ? 161 GLY A O   1 
ATOM   1264 N  N   . ARG A 1 162 ? -0.053  18.905  -5.489  1.00 26.20 ? 162 ARG A N   1 
ATOM   1265 C  CA  . ARG A 1 162 ? -1.357  18.559  -6.062  1.00 29.35 ? 162 ARG A CA  1 
ATOM   1266 C  C   . ARG A 1 162 ? -1.259  18.160  -7.541  1.00 31.02 ? 162 ARG A C   1 
ATOM   1267 O  O   . ARG A 1 162 ? -0.194  18.236  -8.146  1.00 31.06 ? 162 ARG A O   1 
ATOM   1268 C  CB  . ARG A 1 162 ? -2.303  19.752  -5.951  1.00 30.67 ? 162 ARG A CB  1 
ATOM   1269 C  CG  . ARG A 1 162 ? -2.188  20.519  -4.660  1.00 33.01 ? 162 ARG A CG  1 
ATOM   1270 C  CD  . ARG A 1 162 ? -3.209  21.605  -4.623  1.00 37.08 ? 162 ARG A CD  1 
ATOM   1271 N  NE  . ARG A 1 162 ? -3.023  22.460  -3.463  1.00 42.38 ? 162 ARG A NE  1 
ATOM   1272 C  CZ  . ARG A 1 162 ? -3.923  23.332  -3.026  1.00 45.54 ? 162 ARG A CZ  1 
ATOM   1273 N  NH1 . ARG A 1 162 ? -5.091  23.458  -3.641  1.00 47.42 ? 162 ARG A NH1 1 
ATOM   1274 N  NH2 . ARG A 1 162 ? -3.662  24.069  -1.957  1.00 47.24 ? 162 ARG A NH2 1 
ATOM   1275 N  N   . SER A 1 163 ? -2.384  17.745  -8.110  1.00 33.35 ? 163 SER A N   1 
ATOM   1276 C  CA  . SER A 1 163 ? -2.442  17.364  -9.516  1.00 36.18 ? 163 SER A CA  1 
ATOM   1277 C  C   . SER A 1 163 ? -3.054  18.512  -10.311 1.00 38.61 ? 163 SER A C   1 
ATOM   1278 O  O   . SER A 1 163 ? -3.209  19.609  -9.777  1.00 39.26 ? 163 SER A O   1 
ATOM   1279 C  CB  . SER A 1 163 ? -3.296  16.099  -9.670  1.00 36.23 ? 163 SER A CB  1 
ATOM   1280 O  OG  . SER A 1 163 ? -4.469  16.168  -8.875  1.00 36.19 ? 163 SER A OG  1 
ATOM   1281 N  N   . GLN A 1 164 ? -3.455  18.218  -11.551 1.00 41.20 ? 164 GLN A N   1 
ATOM   1282 C  CA  . GLN A 1 164 ? -4.113  19.149  -12.491 1.00 43.30 ? 164 GLN A CA  1 
ATOM   1283 C  C   . GLN A 1 164 ? -3.250  20.243  -13.110 1.00 44.46 ? 164 GLN A C   1 
ATOM   1284 O  O   . GLN A 1 164 ? -3.330  21.423  -12.688 1.00 45.61 ? 164 GLN A O   1 
ATOM   1285 C  CB  . GLN A 1 164 ? -5.389  19.740  -11.886 1.00 44.15 ? 164 GLN A CB  1 
ATOM   1286 C  CG  . GLN A 1 164 ? -6.494  18.737  -11.722 1.00 47.49 ? 164 GLN A CG  1 
ATOM   1287 C  CD  . GLN A 1 164 ? -7.545  19.210  -10.739 1.00 51.77 ? 164 GLN A CD  1 
ATOM   1288 O  OE1 . GLN A 1 164 ? -8.101  18.410  -9.983  1.00 54.12 ? 164 GLN A OE1 1 
ATOM   1289 N  NE2 . GLN A 1 164 ? -7.826  20.515  -10.740 1.00 53.12 ? 164 GLN A NE2 1 
HETATM 1290 ZN ZN  . ZN  B 2 .   ? 0.816   1.434   8.600   1.00 16.15 ? 170 ZN  A ZN  1 
HETATM 1291 SM SM  . SM  C 3 .   ? -4.738  -16.431 3.209   0.90 14.60 ? 171 SM  A SM  1 
HETATM 1292 ZN ZN  . ZN  D 2 .   ? 8.084   -8.058  5.257   1.00 17.58 ? 172 ZN  A ZN  1 
HETATM 1293 CA CA  . CA  E 4 .   ? -1.105  -11.424 10.860  1.00 7.04  ? 173 CA  A CA  1 
HETATM 1294 CA CA  . CA  F 4 .   ? 11.650  -0.740  -4.350  1.00 45.95 ? 174 CA  A CA  1 
HETATM 1295 O  O1  . RO4 G 5 .   ? 0.764   -0.078  9.992   1.00 13.85 ? 175 RO4 A O1  1 
HETATM 1296 O  O3  . RO4 G 5 .   ? -1.989  -4.478  10.832  1.00 15.83 ? 175 RO4 A O3  1 
HETATM 1297 O  O4  . RO4 G 5 .   ? -5.380  -3.461  12.410  1.00 22.34 ? 175 RO4 A O4  1 
HETATM 1298 O  O29 . RO4 G 5 .   ? -8.429  -4.970  13.365  1.00 27.76 ? 175 RO4 A O29 1 
HETATM 1299 O  O30 . RO4 G 5 .   ? -7.010  -4.942  15.195  1.00 32.09 ? 175 RO4 A O30 1 
HETATM 1300 O  O2  . RO4 G 5 .   ? 1.544   -0.565  7.530   1.00 12.42 ? 175 RO4 A O2  1 
HETATM 1301 N  N6  . RO4 G 5 .   ? 1.050   -1.481  8.268   1.00 11.29 ? 175 RO4 A N6  1 
HETATM 1302 N  N7  . RO4 G 5 .   ? -4.946  -5.564  13.120  1.00 21.94 ? 175 RO4 A N7  1 
HETATM 1303 N  N5  . RO4 G 5 .   ? -2.616  -2.936  12.359  1.00 17.43 ? 175 RO4 A N5  1 
HETATM 1304 C  C8  . RO4 G 5 .   ? 0.611   -1.189  9.485   1.00 13.07 ? 175 RO4 A C8  1 
HETATM 1305 C  C11 . RO4 G 5 .   ? -2.097  -3.297  11.188  1.00 16.57 ? 175 RO4 A C11 1 
HETATM 1306 C  C13 . RO4 G 5 .   ? -4.604  -4.304  12.857  1.00 22.02 ? 175 RO4 A C13 1 
HETATM 1307 C  C28 . RO4 G 5 .   ? -7.322  -5.275  13.830  1.00 27.57 ? 175 RO4 A C28 1 
HETATM 1308 C  C10 . RO4 G 5 .   ? -1.609  -2.156  10.282  1.00 15.54 ? 175 RO4 A C10 1 
HETATM 1309 C  C12 . RO4 G 5 .   ? -3.210  -3.896  13.284  1.00 21.35 ? 175 RO4 A C12 1 
HETATM 1310 C  C14 . RO4 G 5 .   ? -6.316  -6.062  12.994  1.00 25.21 ? 175 RO4 A C14 1 
HETATM 1311 C  C16 . RO4 G 5 .   ? -3.429  -1.596  8.389   1.00 16.14 ? 175 RO4 A C16 1 
HETATM 1312 C  C20 . RO4 G 5 .   ? -2.104  -3.310  15.619  1.00 24.13 ? 175 RO4 A C20 1 
HETATM 1313 C  C9  . RO4 G 5 .   ? -0.072  -2.317  10.242  1.00 13.91 ? 175 RO4 A C9  1 
HETATM 1314 C  C31 . RO4 G 5 .   ? -7.263  -3.618  15.787  1.00 33.90 ? 175 RO4 A C31 1 
HETATM 1315 C  C15 . RO4 G 5 .   ? -2.152  -2.316  8.854   1.00 14.88 ? 175 RO4 A C15 1 
HETATM 1316 C  C19 . RO4 G 5 .   ? -3.312  -3.306  14.692  1.00 22.72 ? 175 RO4 A C19 1 
HETATM 1317 C  C32 . RO4 G 5 .   ? -8.629  -2.989  15.494  1.00 34.71 ? 175 RO4 A C32 1 
HETATM 1318 C  C17 . RO4 G 5 .   ? -3.957  -0.619  9.404   1.00 14.37 ? 175 RO4 A C17 1 
HETATM 1319 C  C18 . RO4 G 5 .   ? -4.482  -2.578  8.022   1.00 16.70 ? 175 RO4 A C18 1 
HETATM 1320 C  C21 . RO4 G 5 .   ? -2.570  -2.821  16.993  1.00 26.81 ? 175 RO4 A C21 1 
HETATM 1321 C  C22 . RO4 G 5 .   ? -1.526  -4.705  15.731  1.00 23.77 ? 175 RO4 A C22 1 
HETATM 1322 C  C27 . RO4 G 5 .   ? -6.368  -7.534  13.383  1.00 24.90 ? 175 RO4 A C27 1 
HETATM 1323 O  O   . HOH H 6 .   ? 4.361   -0.753  7.491   1.00 16.12 ? 176 HOH A O   1 
HETATM 1324 O  O   . HOH H 6 .   ? -0.081  -0.044  12.812  1.00 14.42 ? 177 HOH A O   1 
HETATM 1325 O  O   . HOH H 6 .   ? 8.709   -11.068 -0.521  1.00 45.89 ? 178 HOH A O   1 
HETATM 1326 O  O   . HOH H 6 .   ? 10.290  -6.980  -1.039  1.00 22.37 ? 179 HOH A O   1 
HETATM 1327 O  O   . HOH H 6 .   ? -10.711 9.219   -2.339  1.00 27.15 ? 180 HOH A O   1 
HETATM 1328 O  O   . HOH H 6 .   ? 12.457  -5.412  -4.419  1.00 38.13 ? 181 HOH A O   1 
HETATM 1329 O  O   . HOH H 6 .   ? 13.229  2.598   -7.375  1.00 14.45 ? 182 HOH A O   1 
HETATM 1330 O  O   . HOH H 6 .   ? 10.277  2.737   -12.694 1.00 10.94 ? 183 HOH A O   1 
HETATM 1331 O  O   . HOH H 6 .   ? 9.172   4.484   -14.301 1.00 19.39 ? 184 HOH A O   1 
HETATM 1332 O  O   . HOH H 6 .   ? -10.341 -6.153  -1.945  1.00 10.97 ? 185 HOH A O   1 
HETATM 1333 O  O   . HOH H 6 .   ? -8.699  9.892   -4.316  1.00 23.82 ? 186 HOH A O   1 
HETATM 1334 O  O   . HOH H 6 .   ? -6.433  2.175   8.752   1.00 15.91 ? 187 HOH A O   1 
HETATM 1335 O  O   . HOH H 6 .   ? -10.941 6.778   4.904   1.00 21.06 ? 188 HOH A O   1 
HETATM 1336 O  O   . HOH H 6 .   ? -12.211 4.772   3.571   1.00 25.67 ? 189 HOH A O   1 
HETATM 1337 O  O   . HOH H 6 .   ? -9.781  4.706   9.354   1.00 13.05 ? 190 HOH A O   1 
HETATM 1338 O  O   . HOH H 6 .   ? -3.133  10.460  6.842   1.00 22.23 ? 191 HOH A O   1 
HETATM 1339 O  O   . HOH H 6 .   ? 2.506   -7.182  -11.741 1.00 21.98 ? 192 HOH A O   1 
HETATM 1340 O  O   . HOH H 6 .   ? 10.414  -11.570 7.983   1.00 18.43 ? 193 HOH A O   1 
HETATM 1341 O  O   . HOH H 6 .   ? 2.250   -15.218 9.081   1.00 12.59 ? 194 HOH A O   1 
HETATM 1342 O  O   . HOH H 6 .   ? -4.942  -17.751 5.501   1.00 15.54 ? 195 HOH A O   1 
HETATM 1343 O  O   . HOH H 6 .   ? -11.849 2.735   -3.533  1.00 15.45 ? 196 HOH A O   1 
HETATM 1344 O  O   . HOH H 6 .   ? -13.738 5.309   9.139   1.00 48.65 ? 197 HOH A O   1 
HETATM 1345 O  O   . HOH H 6 .   ? -15.967 6.609   2.972   1.00 19.95 ? 198 HOH A O   1 
HETATM 1346 O  O   . HOH H 6 .   ? -5.001  7.719   16.135  1.00 56.49 ? 199 HOH A O   1 
HETATM 1347 O  O   . HOH H 6 .   ? -13.048 -4.634  -2.542  1.00 37.69 ? 200 HOH A O   1 
HETATM 1348 O  O   . HOH H 6 .   ? 11.884  -2.543  -5.542  1.00 41.12 ? 201 HOH A O   1 
HETATM 1349 O  O   . HOH H 6 .   ? 7.434   -7.559  -2.223  1.00 25.62 ? 202 HOH A O   1 
HETATM 1350 O  O   . HOH H 6 .   ? -13.960 -5.785  7.133   1.00 11.02 ? 203 HOH A O   1 
HETATM 1351 O  O   . HOH H 6 .   ? -9.352  13.872  7.747   1.00 27.12 ? 204 HOH A O   1 
HETATM 1352 O  O   . HOH H 6 .   ? -12.004 13.983  5.674   1.00 25.15 ? 205 HOH A O   1 
HETATM 1353 O  O   . HOH H 6 .   ? -15.360 13.107  3.393   1.00 32.05 ? 206 HOH A O   1 
HETATM 1354 O  O   . HOH H 6 .   ? -16.428 15.507  2.037   1.00 42.44 ? 207 HOH A O   1 
HETATM 1355 O  O   . HOH H 6 .   ? -7.291  15.343  10.538  1.00 41.41 ? 208 HOH A O   1 
HETATM 1356 O  O   . HOH H 6 .   ? -12.796 2.113   5.278   1.00 29.04 ? 209 HOH A O   1 
HETATM 1357 O  O   . HOH H 6 .   ? 10.673  9.428   9.136   1.00 24.98 ? 210 HOH A O   1 
HETATM 1358 O  O   . HOH H 6 .   ? 10.532  -0.930  -13.982 1.00 25.67 ? 211 HOH A O   1 
HETATM 1359 O  O   . HOH H 6 .   ? 1.301   -16.649 -7.321  1.00 37.91 ? 212 HOH A O   1 
HETATM 1360 O  O   . HOH H 6 .   ? -4.934  -14.603 -6.767  1.00 25.78 ? 213 HOH A O   1 
HETATM 1361 O  O   . HOH H 6 .   ? -1.720  11.608  -11.397 1.00 34.23 ? 214 HOH A O   1 
HETATM 1362 O  O   . HOH H 6 .   ? 12.886  -3.529  -14.788 1.00 17.39 ? 215 HOH A O   1 
HETATM 1363 O  O   . HOH H 6 .   ? 4.783   -6.034  10.655  1.00 35.61 ? 216 HOH A O   1 
HETATM 1364 O  O   . HOH H 6 .   ? -3.816  -19.302 2.587   1.00 29.16 ? 217 HOH A O   1 
HETATM 1365 O  O   . HOH H 6 .   ? -7.224  -17.243 3.772   1.00 14.20 ? 218 HOH A O   1 
HETATM 1366 O  O   . HOH H 6 .   ? -7.819  -17.903 6.284   1.00 19.95 ? 219 HOH A O   1 
HETATM 1367 O  O   . HOH H 6 .   ? -7.628  -13.040 8.632   1.00 22.18 ? 220 HOH A O   1 
HETATM 1368 O  O   . HOH H 6 .   ? 3.066   11.564  6.612   1.00 25.88 ? 221 HOH A O   1 
HETATM 1369 O  O   . HOH H 6 .   ? -5.797  17.526  7.559   1.00 38.65 ? 222 HOH A O   1 
HETATM 1370 O  O   . HOH H 6 .   ? -3.294  19.873  0.693   1.00 51.72 ? 223 HOH A O   1 
HETATM 1371 O  O   . HOH H 6 .   ? 3.111   14.487  4.771   1.00 33.85 ? 224 HOH A O   1 
HETATM 1372 O  O   . HOH H 6 .   ? 5.023   5.391   -15.069 1.00 38.59 ? 225 HOH A O   1 
HETATM 1373 O  O   . HOH H 6 .   ? -9.484  -1.669  -12.193 1.00 54.91 ? 226 HOH A O   1 
HETATM 1374 O  O   . HOH H 6 .   ? -4.360  13.328  -10.812 1.00 51.82 ? 227 HOH A O   1 
HETATM 1375 O  O   . HOH H 6 .   ? 6.752   2.142   6.455   1.00 41.81 ? 228 HOH A O   1 
HETATM 1376 O  O   . HOH H 6 .   ? 0.409   -16.698 -1.073  1.00 49.95 ? 229 HOH A O   1 
HETATM 1377 O  O   . HOH H 6 .   ? -1.484  6.225   -12.388 1.00 32.25 ? 230 HOH A O   1 
HETATM 1378 O  O   . HOH H 6 .   ? -9.207  -18.233 1.841   1.00 30.87 ? 231 HOH A O   1 
HETATM 1379 O  O   . HOH H 6 .   ? -2.963  -4.404  -10.713 1.00 24.48 ? 232 HOH A O   1 
HETATM 1380 O  O   . HOH H 6 .   ? -1.879  15.163  7.098   1.00 58.13 ? 233 HOH A O   1 
HETATM 1381 O  O   . HOH H 6 .   ? -0.187  10.507  7.213   1.00 44.28 ? 234 HOH A O   1 
HETATM 1382 O  O   . HOH H 6 .   ? -14.600 5.474   4.644   1.00 38.44 ? 235 HOH A O   1 
HETATM 1383 O  O   . HOH H 6 .   ? -12.636 6.933   7.664   1.00 56.35 ? 236 HOH A O   1 
HETATM 1384 O  O   . HOH H 6 .   ? -11.699 4.247   7.153   1.00 36.32 ? 237 HOH A O   1 
HETATM 1385 O  O   . HOH H 6 .   ? -6.972  -19.559 0.662   1.00 32.23 ? 238 HOH A O   1 
HETATM 1386 O  O   . HOH H 6 .   ? -6.475  22.830  -5.857  1.00 40.24 ? 239 HOH A O   1 
HETATM 1387 O  O   . HOH H 6 .   ? 12.959  0.829   -5.182  1.00 17.75 ? 240 HOH A O   1 
# 
